data_7QYV
# 
_entry.id   7QYV 
# 
_audit_conform.dict_name       mmcif_pdbx.dic 
_audit_conform.dict_version    5.384 
_audit_conform.dict_location   http://mmcif.pdb.org/dictionaries/ascii/mmcif_pdbx.dic 
# 
loop_
_database_2.database_id 
_database_2.database_code 
_database_2.pdbx_database_accession 
_database_2.pdbx_DOI 
PDB   7QYV         pdb_00007qyv 10.2210/pdb7qyv/pdb 
WWPDB D_1292120657 ?            ?                   
# 
loop_
_pdbx_audit_revision_history.ordinal 
_pdbx_audit_revision_history.data_content_type 
_pdbx_audit_revision_history.major_revision 
_pdbx_audit_revision_history.minor_revision 
_pdbx_audit_revision_history.revision_date 
1 'Structure model' 1 0 2022-09-28 
2 'Structure model' 1 1 2024-01-31 
# 
_pdbx_audit_revision_details.ordinal             1 
_pdbx_audit_revision_details.revision_ordinal    1 
_pdbx_audit_revision_details.data_content_type   'Structure model' 
_pdbx_audit_revision_details.provider            repository 
_pdbx_audit_revision_details.type                'Initial release' 
_pdbx_audit_revision_details.description         ? 
_pdbx_audit_revision_details.details             ? 
# 
loop_
_pdbx_audit_revision_group.ordinal 
_pdbx_audit_revision_group.revision_ordinal 
_pdbx_audit_revision_group.data_content_type 
_pdbx_audit_revision_group.group 
1 2 'Structure model' 'Data collection'        
2 2 'Structure model' 'Refinement description' 
# 
loop_
_pdbx_audit_revision_category.ordinal 
_pdbx_audit_revision_category.revision_ordinal 
_pdbx_audit_revision_category.data_content_type 
_pdbx_audit_revision_category.category 
1 2 'Structure model' chem_comp_atom                
2 2 'Structure model' chem_comp_bond                
3 2 'Structure model' pdbx_initial_refinement_model 
# 
_pdbx_database_status.status_code                     REL 
_pdbx_database_status.status_code_sf                  REL 
_pdbx_database_status.status_code_mr                  ? 
_pdbx_database_status.entry_id                        7QYV 
_pdbx_database_status.recvd_initial_deposition_date   2022-01-29 
_pdbx_database_status.SG_entry                        N 
_pdbx_database_status.deposit_site                    PDBE 
_pdbx_database_status.process_site                    PDBE 
_pdbx_database_status.status_code_cs                  ? 
_pdbx_database_status.status_code_nmr_data            ? 
_pdbx_database_status.methods_development_category    ? 
_pdbx_database_status.pdb_format_compatible           Y 
# 
_pdbx_contact_author.id                 2 
_pdbx_contact_author.email              graziano.lolli@unitn.it 
_pdbx_contact_author.name_first         Graziano 
_pdbx_contact_author.name_last          Lolli 
_pdbx_contact_author.name_mi            ? 
_pdbx_contact_author.role               'principal investigator/group leader' 
_pdbx_contact_author.identifier_ORCID   0000-0002-8536-5599 
# 
loop_
_audit_author.name 
_audit_author.pdbx_ordinal 
_audit_author.identifier_ORCID 
'Dalle Vedove, A.' 1 ? 
'Cazzanelli, G.'   2 ? 
'Caflisch, A.'     3 ? 
'Lolli, G.'        4 ? 
# 
_citation.abstract                  ? 
_citation.abstract_id_CAS           ? 
_citation.book_id_ISBN              ? 
_citation.book_publisher            ? 
_citation.book_publisher_city       ? 
_citation.book_title                ? 
_citation.coordinate_linkage        ? 
_citation.country                   US 
_citation.database_id_Medline       ? 
_citation.details                   ? 
_citation.id                        primary 
_citation.journal_abbrev            'Acs Med.Chem.Lett.' 
_citation.journal_id_ASTM           ? 
_citation.journal_id_CSD            ? 
_citation.journal_id_ISSN           1948-5875 
_citation.journal_full              ? 
_citation.journal_issue             ? 
_citation.journal_volume            13 
_citation.language                  ? 
_citation.page_first                1434 
_citation.page_last                 1443 
_citation.title                     'Identification of a BAZ2A-Bromodomain Hit Compound by Fragment Growing.' 
_citation.year                      2022 
_citation.database_id_CSD           ? 
_citation.pdbx_database_id_DOI      10.1021/acsmedchemlett.2c00173 
_citation.pdbx_database_id_PubMed   36105334 
_citation.pdbx_database_id_patent   ? 
_citation.unpublished_flag          ? 
# 
loop_
_citation_author.citation_id 
_citation_author.name 
_citation_author.ordinal 
_citation_author.identifier_ORCID 
primary 'Dalle Vedove, A.'   1 ?                   
primary 'Cazzanelli, G.'     2 ?                   
primary 'Batiste, L.'        3 ?                   
primary 'Marchand, J.R.'     4 0000-0002-8002-9457 
primary 'Spiliotopoulos, D.' 5 ?                   
primary 'Corsi, J.'          6 ?                   
primary 
;D'Agostino, V.G.
;
7 ?                   
primary 'Caflisch, A.'       8 0000-0002-2317-6792 
primary 'Lolli, G.'          9 0000-0002-8536-5599 
# 
loop_
_entity.id 
_entity.type 
_entity.src_method 
_entity.pdbx_description 
_entity.formula_weight 
_entity.pdbx_number_of_molecules 
_entity.pdbx_ec 
_entity.pdbx_mutation 
_entity.pdbx_fragment 
_entity.details 
1 polymer     man 'Bromodomain adjacent to zinc finger domain protein 2A' 12363.872 1  ? 
'First two residues SM derive from the expression tag' 'Bromodomain (residues 1796-1899)' ? 
2 non-polymer syn 
'(2~{R})-1-[4-(4-ethanoyl-3-ethyl-5-methyl-1~{H}-pyrrol-2-yl)-1,3-thiazol-2-yl]-~{N}-(4-oxidanylbutyl)piperazine-2-carboxamide' 
433.568   1  ? ?                                                      ?                                  ? 
3 non-polymer syn 'MAGNESIUM ION' 24.305    1  ? ?                                                      ? ? 
4 water       nat water 18.015    57 ? ?                                                      ?                                  ? 
# 
_entity_name_com.entity_id   1 
_entity_name_com.name        'Transcription termination factor I-interacting protein 5,Tip5,hWALp3' 
# 
_entity_poly.entity_id                      1 
_entity_poly.type                           'polypeptide(L)' 
_entity_poly.nstd_linkage                   no 
_entity_poly.nstd_monomer                   no 
_entity_poly.pdbx_seq_one_letter_code       
;SMHSDLTFCEIILMEMESHDAAWPFLEPVNPRLVSGYRRIIKNPMDFSTMRHRLSRGGYTSSEEFAADALLVFDNCQTFN
EDDSEVGKAGHIMRRFFESRWEEFY
;
_entity_poly.pdbx_seq_one_letter_code_can   
;SMHSDLTFCEIILMEMESHDAAWPFLEPVNPRLVSGYRRIIKNPMDFSTMRHRLSRGGYTSSEEFAADALLVFDNCQTFN
EDDSEVGKAGHIMRRFFESRWEEFY
;
_entity_poly.pdbx_strand_id                 A 
_entity_poly.pdbx_target_identifier         ? 
# 
loop_
_pdbx_entity_nonpoly.entity_id 
_pdbx_entity_nonpoly.name 
_pdbx_entity_nonpoly.comp_id 
2 '(2~{R})-1-[4-(4-ethanoyl-3-ethyl-5-methyl-1~{H}-pyrrol-2-yl)-1,3-thiazol-2-yl]-~{N}-(4-oxidanylbutyl)piperazine-2-carboxamide' 
GJ4 
3 'MAGNESIUM ION'                                                                                                                 
MG  
4 water                                                                                                                           
HOH 
# 
loop_
_entity_poly_seq.entity_id 
_entity_poly_seq.num 
_entity_poly_seq.mon_id 
_entity_poly_seq.hetero 
1 1   SER n 
1 2   MET n 
1 3   HIS n 
1 4   SER n 
1 5   ASP n 
1 6   LEU n 
1 7   THR n 
1 8   PHE n 
1 9   CYS n 
1 10  GLU n 
1 11  ILE n 
1 12  ILE n 
1 13  LEU n 
1 14  MET n 
1 15  GLU n 
1 16  MET n 
1 17  GLU n 
1 18  SER n 
1 19  HIS n 
1 20  ASP n 
1 21  ALA n 
1 22  ALA n 
1 23  TRP n 
1 24  PRO n 
1 25  PHE n 
1 26  LEU n 
1 27  GLU n 
1 28  PRO n 
1 29  VAL n 
1 30  ASN n 
1 31  PRO n 
1 32  ARG n 
1 33  LEU n 
1 34  VAL n 
1 35  SER n 
1 36  GLY n 
1 37  TYR n 
1 38  ARG n 
1 39  ARG n 
1 40  ILE n 
1 41  ILE n 
1 42  LYS n 
1 43  ASN n 
1 44  PRO n 
1 45  MET n 
1 46  ASP n 
1 47  PHE n 
1 48  SER n 
1 49  THR n 
1 50  MET n 
1 51  ARG n 
1 52  HIS n 
1 53  ARG n 
1 54  LEU n 
1 55  SER n 
1 56  ARG n 
1 57  GLY n 
1 58  GLY n 
1 59  TYR n 
1 60  THR n 
1 61  SER n 
1 62  SER n 
1 63  GLU n 
1 64  GLU n 
1 65  PHE n 
1 66  ALA n 
1 67  ALA n 
1 68  ASP n 
1 69  ALA n 
1 70  LEU n 
1 71  LEU n 
1 72  VAL n 
1 73  PHE n 
1 74  ASP n 
1 75  ASN n 
1 76  CYS n 
1 77  GLN n 
1 78  THR n 
1 79  PHE n 
1 80  ASN n 
1 81  GLU n 
1 82  ASP n 
1 83  ASP n 
1 84  SER n 
1 85  GLU n 
1 86  VAL n 
1 87  GLY n 
1 88  LYS n 
1 89  ALA n 
1 90  GLY n 
1 91  HIS n 
1 92  ILE n 
1 93  MET n 
1 94  ARG n 
1 95  ARG n 
1 96  PHE n 
1 97  PHE n 
1 98  GLU n 
1 99  SER n 
1 100 ARG n 
1 101 TRP n 
1 102 GLU n 
1 103 GLU n 
1 104 PHE n 
1 105 TYR n 
# 
_entity_src_gen.entity_id                          1 
_entity_src_gen.pdbx_src_id                        1 
_entity_src_gen.pdbx_alt_source_flag               sample 
_entity_src_gen.pdbx_seq_type                      'Biological sequence' 
_entity_src_gen.pdbx_beg_seq_num                   1 
_entity_src_gen.pdbx_end_seq_num                   105 
_entity_src_gen.gene_src_common_name               human 
_entity_src_gen.gene_src_genus                     ? 
_entity_src_gen.pdbx_gene_src_gene                 'BAZ2A, KIAA0314, TIP5' 
_entity_src_gen.gene_src_species                   ? 
_entity_src_gen.gene_src_strain                    ? 
_entity_src_gen.gene_src_tissue                    ? 
_entity_src_gen.gene_src_tissue_fraction           ? 
_entity_src_gen.gene_src_details                   ? 
_entity_src_gen.pdbx_gene_src_fragment             ? 
_entity_src_gen.pdbx_gene_src_scientific_name      'Homo sapiens' 
_entity_src_gen.pdbx_gene_src_ncbi_taxonomy_id     9606 
_entity_src_gen.pdbx_gene_src_variant              ? 
_entity_src_gen.pdbx_gene_src_cell_line            ? 
_entity_src_gen.pdbx_gene_src_atcc                 ? 
_entity_src_gen.pdbx_gene_src_organ                ? 
_entity_src_gen.pdbx_gene_src_organelle            ? 
_entity_src_gen.pdbx_gene_src_cell                 ? 
_entity_src_gen.pdbx_gene_src_cellular_location    ? 
_entity_src_gen.host_org_common_name               ? 
_entity_src_gen.pdbx_host_org_scientific_name      'Escherichia coli' 
_entity_src_gen.pdbx_host_org_ncbi_taxonomy_id     562 
_entity_src_gen.host_org_genus                     ? 
_entity_src_gen.pdbx_host_org_gene                 ? 
_entity_src_gen.pdbx_host_org_organ                ? 
_entity_src_gen.host_org_species                   ? 
_entity_src_gen.pdbx_host_org_tissue               ? 
_entity_src_gen.pdbx_host_org_tissue_fraction      ? 
_entity_src_gen.pdbx_host_org_strain               ? 
_entity_src_gen.pdbx_host_org_variant              ? 
_entity_src_gen.pdbx_host_org_cell_line            ? 
_entity_src_gen.pdbx_host_org_atcc                 ? 
_entity_src_gen.pdbx_host_org_culture_collection   ? 
_entity_src_gen.pdbx_host_org_cell                 ? 
_entity_src_gen.pdbx_host_org_organelle            ? 
_entity_src_gen.pdbx_host_org_cellular_location    ? 
_entity_src_gen.pdbx_host_org_vector_type          ? 
_entity_src_gen.pdbx_host_org_vector               ? 
_entity_src_gen.host_org_details                   ? 
_entity_src_gen.expression_system_id               ? 
_entity_src_gen.plasmid_name                       ? 
_entity_src_gen.plasmid_details                    ? 
_entity_src_gen.pdbx_description                   ? 
# 
loop_
_chem_comp.id 
_chem_comp.type 
_chem_comp.mon_nstd_flag 
_chem_comp.name 
_chem_comp.pdbx_synonyms 
_chem_comp.formula 
_chem_comp.formula_weight 
ALA 'L-peptide linking' y ALANINE ? 'C3 H7 N O2'      89.093  
ARG 'L-peptide linking' y ARGININE ? 'C6 H15 N4 O2 1'  175.209 
ASN 'L-peptide linking' y ASPARAGINE ? 'C4 H8 N2 O3'     132.118 
ASP 'L-peptide linking' y 'ASPARTIC ACID' ? 'C4 H7 N O4'      133.103 
CYS 'L-peptide linking' y CYSTEINE ? 'C3 H7 N O2 S'    121.158 
GJ4 non-polymer         . 
'(2~{R})-1-[4-(4-ethanoyl-3-ethyl-5-methyl-1~{H}-pyrrol-2-yl)-1,3-thiazol-2-yl]-~{N}-(4-oxidanylbutyl)piperazine-2-carboxamide' ? 
'C21 H31 N5 O3 S' 433.568 
GLN 'L-peptide linking' y GLUTAMINE ? 'C5 H10 N2 O3'    146.144 
GLU 'L-peptide linking' y 'GLUTAMIC ACID' ? 'C5 H9 N O4'      147.129 
GLY 'peptide linking'   y GLYCINE ? 'C2 H5 N O2'      75.067  
HIS 'L-peptide linking' y HISTIDINE ? 'C6 H10 N3 O2 1'  156.162 
HOH non-polymer         . WATER ? 'H2 O'            18.015  
ILE 'L-peptide linking' y ISOLEUCINE ? 'C6 H13 N O2'     131.173 
LEU 'L-peptide linking' y LEUCINE ? 'C6 H13 N O2'     131.173 
LYS 'L-peptide linking' y LYSINE ? 'C6 H15 N2 O2 1'  147.195 
MET 'L-peptide linking' y METHIONINE ? 'C5 H11 N O2 S'   149.211 
MG  non-polymer         . 'MAGNESIUM ION' ? 'Mg 2'            24.305  
PHE 'L-peptide linking' y PHENYLALANINE ? 'C9 H11 N O2'     165.189 
PRO 'L-peptide linking' y PROLINE ? 'C5 H9 N O2'      115.130 
SER 'L-peptide linking' y SERINE ? 'C3 H7 N O3'      105.093 
THR 'L-peptide linking' y THREONINE ? 'C4 H9 N O3'      119.119 
TRP 'L-peptide linking' y TRYPTOPHAN ? 'C11 H12 N2 O2'   204.225 
TYR 'L-peptide linking' y TYROSINE ? 'C9 H11 N O3'     181.189 
VAL 'L-peptide linking' y VALINE ? 'C5 H11 N O2'     117.146 
# 
loop_
_pdbx_poly_seq_scheme.asym_id 
_pdbx_poly_seq_scheme.entity_id 
_pdbx_poly_seq_scheme.seq_id 
_pdbx_poly_seq_scheme.mon_id 
_pdbx_poly_seq_scheme.ndb_seq_num 
_pdbx_poly_seq_scheme.pdb_seq_num 
_pdbx_poly_seq_scheme.auth_seq_num 
_pdbx_poly_seq_scheme.pdb_mon_id 
_pdbx_poly_seq_scheme.auth_mon_id 
_pdbx_poly_seq_scheme.pdb_strand_id 
_pdbx_poly_seq_scheme.pdb_ins_code 
_pdbx_poly_seq_scheme.hetero 
A 1 1   SER 1   1794 ?    ?   ?   A . n 
A 1 2   MET 2   1795 ?    ?   ?   A . n 
A 1 3   HIS 3   1796 1796 HIS HIS A . n 
A 1 4   SER 4   1797 1797 SER SER A . n 
A 1 5   ASP 5   1798 1798 ASP ASP A . n 
A 1 6   LEU 6   1799 1799 LEU LEU A . n 
A 1 7   THR 7   1800 1800 THR THR A . n 
A 1 8   PHE 8   1801 1801 PHE PHE A . n 
A 1 9   CYS 9   1802 1802 CYS CYS A . n 
A 1 10  GLU 10  1803 1803 GLU GLU A . n 
A 1 11  ILE 11  1804 1804 ILE ILE A . n 
A 1 12  ILE 12  1805 1805 ILE ILE A . n 
A 1 13  LEU 13  1806 1806 LEU LEU A . n 
A 1 14  MET 14  1807 1807 MET MET A . n 
A 1 15  GLU 15  1808 1808 GLU GLU A . n 
A 1 16  MET 16  1809 1809 MET MET A . n 
A 1 17  GLU 17  1810 1810 GLU GLU A . n 
A 1 18  SER 18  1811 1811 SER SER A . n 
A 1 19  HIS 19  1812 1812 HIS HIS A . n 
A 1 20  ASP 20  1813 1813 ASP ASP A . n 
A 1 21  ALA 21  1814 1814 ALA ALA A . n 
A 1 22  ALA 22  1815 1815 ALA ALA A . n 
A 1 23  TRP 23  1816 1816 TRP TRP A . n 
A 1 24  PRO 24  1817 1817 PRO PRO A . n 
A 1 25  PHE 25  1818 1818 PHE PHE A . n 
A 1 26  LEU 26  1819 1819 LEU LEU A . n 
A 1 27  GLU 27  1820 1820 GLU GLU A . n 
A 1 28  PRO 28  1821 1821 PRO PRO A . n 
A 1 29  VAL 29  1822 1822 VAL VAL A . n 
A 1 30  ASN 30  1823 1823 ASN ASN A . n 
A 1 31  PRO 31  1824 1824 PRO PRO A . n 
A 1 32  ARG 32  1825 1825 ARG ARG A . n 
A 1 33  LEU 33  1826 1826 LEU LEU A . n 
A 1 34  VAL 34  1827 1827 VAL VAL A . n 
A 1 35  SER 35  1828 1828 SER SER A . n 
A 1 36  GLY 36  1829 1829 GLY GLY A . n 
A 1 37  TYR 37  1830 1830 TYR TYR A . n 
A 1 38  ARG 38  1831 1831 ARG ARG A . n 
A 1 39  ARG 39  1832 1832 ARG ARG A . n 
A 1 40  ILE 40  1833 1833 ILE ILE A . n 
A 1 41  ILE 41  1834 1834 ILE ILE A . n 
A 1 42  LYS 42  1835 1835 LYS LYS A . n 
A 1 43  ASN 43  1836 1836 ASN ASN A . n 
A 1 44  PRO 44  1837 1837 PRO PRO A . n 
A 1 45  MET 45  1838 1838 MET MET A . n 
A 1 46  ASP 46  1839 1839 ASP ASP A . n 
A 1 47  PHE 47  1840 1840 PHE PHE A . n 
A 1 48  SER 48  1841 1841 SER SER A . n 
A 1 49  THR 49  1842 1842 THR THR A . n 
A 1 50  MET 50  1843 1843 MET MET A . n 
A 1 51  ARG 51  1844 1844 ARG ARG A . n 
A 1 52  HIS 52  1845 1845 HIS HIS A . n 
A 1 53  ARG 53  1846 1846 ARG ARG A . n 
A 1 54  LEU 54  1847 1847 LEU LEU A . n 
A 1 55  SER 55  1848 1848 SER SER A . n 
A 1 56  ARG 56  1849 1849 ARG ARG A . n 
A 1 57  GLY 57  1850 1850 GLY GLY A . n 
A 1 58  GLY 58  1851 1851 GLY GLY A . n 
A 1 59  TYR 59  1852 1852 TYR TYR A . n 
A 1 60  THR 60  1853 1853 THR THR A . n 
A 1 61  SER 61  1854 1854 SER SER A . n 
A 1 62  SER 62  1855 1855 SER SER A . n 
A 1 63  GLU 63  1856 1856 GLU GLU A . n 
A 1 64  GLU 64  1857 1857 GLU GLU A . n 
A 1 65  PHE 65  1858 1858 PHE PHE A . n 
A 1 66  ALA 66  1859 1859 ALA ALA A . n 
A 1 67  ALA 67  1860 1860 ALA ALA A . n 
A 1 68  ASP 68  1861 1861 ASP ASP A . n 
A 1 69  ALA 69  1862 1862 ALA ALA A . n 
A 1 70  LEU 70  1863 1863 LEU LEU A . n 
A 1 71  LEU 71  1864 1864 LEU LEU A . n 
A 1 72  VAL 72  1865 1865 VAL VAL A . n 
A 1 73  PHE 73  1866 1866 PHE PHE A . n 
A 1 74  ASP 74  1867 1867 ASP ASP A . n 
A 1 75  ASN 75  1868 1868 ASN ASN A . n 
A 1 76  CYS 76  1869 1869 CYS CYS A . n 
A 1 77  GLN 77  1870 1870 GLN GLN A . n 
A 1 78  THR 78  1871 1871 THR THR A . n 
A 1 79  PHE 79  1872 1872 PHE PHE A . n 
A 1 80  ASN 80  1873 1873 ASN ASN A . n 
A 1 81  GLU 81  1874 1874 GLU GLU A . n 
A 1 82  ASP 82  1875 1875 ASP ASP A . n 
A 1 83  ASP 83  1876 1876 ASP ASP A . n 
A 1 84  SER 84  1877 1877 SER SER A . n 
A 1 85  GLU 85  1878 1878 GLU GLU A . n 
A 1 86  VAL 86  1879 1879 VAL VAL A . n 
A 1 87  GLY 87  1880 1880 GLY GLY A . n 
A 1 88  LYS 88  1881 1881 LYS LYS A . n 
A 1 89  ALA 89  1882 1882 ALA ALA A . n 
A 1 90  GLY 90  1883 1883 GLY GLY A . n 
A 1 91  HIS 91  1884 1884 HIS HIS A . n 
A 1 92  ILE 92  1885 1885 ILE ILE A . n 
A 1 93  MET 93  1886 1886 MET MET A . n 
A 1 94  ARG 94  1887 1887 ARG ARG A . n 
A 1 95  ARG 95  1888 1888 ARG ARG A . n 
A 1 96  PHE 96  1889 1889 PHE PHE A . n 
A 1 97  PHE 97  1890 1890 PHE PHE A . n 
A 1 98  GLU 98  1891 1891 GLU GLU A . n 
A 1 99  SER 99  1892 1892 SER SER A . n 
A 1 100 ARG 100 1893 1893 ARG ARG A . n 
A 1 101 TRP 101 1894 1894 TRP TRP A . n 
A 1 102 GLU 102 1895 1895 GLU GLU A . n 
A 1 103 GLU 103 1896 1896 GLU GLU A . n 
A 1 104 PHE 104 1897 1897 PHE PHE A . n 
A 1 105 TYR 105 1898 1898 TYR TYR A . n 
# 
loop_
_pdbx_nonpoly_scheme.asym_id 
_pdbx_nonpoly_scheme.entity_id 
_pdbx_nonpoly_scheme.mon_id 
_pdbx_nonpoly_scheme.ndb_seq_num 
_pdbx_nonpoly_scheme.pdb_seq_num 
_pdbx_nonpoly_scheme.auth_seq_num 
_pdbx_nonpoly_scheme.pdb_mon_id 
_pdbx_nonpoly_scheme.auth_mon_id 
_pdbx_nonpoly_scheme.pdb_strand_id 
_pdbx_nonpoly_scheme.pdb_ins_code 
B 2 GJ4 1  1901 1901 GJ4 430 A . 
C 3 MG  1  1902 1    MG  MG  A . 
D 4 HOH 1  2001 3    HOH HOH A . 
D 4 HOH 2  2002 32   HOH HOH A . 
D 4 HOH 3  2003 34   HOH HOH A . 
D 4 HOH 4  2004 41   HOH HOH A . 
D 4 HOH 5  2005 58   HOH HOH A . 
D 4 HOH 6  2006 25   HOH HOH A . 
D 4 HOH 7  2007 31   HOH HOH A . 
D 4 HOH 8  2008 52   HOH HOH A . 
D 4 HOH 9  2009 49   HOH HOH A . 
D 4 HOH 10 2010 36   HOH HOH A . 
D 4 HOH 11 2011 45   HOH HOH A . 
D 4 HOH 12 2012 24   HOH HOH A . 
D 4 HOH 13 2013 9    HOH HOH A . 
D 4 HOH 14 2014 55   HOH HOH A . 
D 4 HOH 15 2015 33   HOH HOH A . 
D 4 HOH 16 2016 37   HOH HOH A . 
D 4 HOH 17 2017 18   HOH HOH A . 
D 4 HOH 18 2018 10   HOH HOH A . 
D 4 HOH 19 2019 2    HOH HOH A . 
D 4 HOH 20 2020 6    HOH HOH A . 
D 4 HOH 21 2021 7    HOH HOH A . 
D 4 HOH 22 2022 28   HOH HOH A . 
D 4 HOH 23 2023 56   HOH HOH A . 
D 4 HOH 24 2024 4    HOH HOH A . 
D 4 HOH 25 2025 53   HOH HOH A . 
D 4 HOH 26 2026 20   HOH HOH A . 
D 4 HOH 27 2027 21   HOH HOH A . 
D 4 HOH 28 2028 26   HOH HOH A . 
D 4 HOH 29 2029 44   HOH HOH A . 
D 4 HOH 30 2030 8    HOH HOH A . 
D 4 HOH 31 2031 43   HOH HOH A . 
D 4 HOH 32 2032 17   HOH HOH A . 
D 4 HOH 33 2033 40   HOH HOH A . 
D 4 HOH 34 2034 19   HOH HOH A . 
D 4 HOH 35 2035 12   HOH HOH A . 
D 4 HOH 36 2036 13   HOH HOH A . 
D 4 HOH 37 2037 5    HOH HOH A . 
D 4 HOH 38 2038 11   HOH HOH A . 
D 4 HOH 39 2039 22   HOH HOH A . 
D 4 HOH 40 2040 27   HOH HOH A . 
D 4 HOH 41 2041 42   HOH HOH A . 
D 4 HOH 42 2042 15   HOH HOH A . 
D 4 HOH 43 2043 38   HOH HOH A . 
D 4 HOH 44 2044 30   HOH HOH A . 
D 4 HOH 45 2045 16   HOH HOH A . 
D 4 HOH 46 2046 51   HOH HOH A . 
D 4 HOH 47 2047 14   HOH HOH A . 
D 4 HOH 48 2048 1    HOH HOH A . 
D 4 HOH 49 2049 54   HOH HOH A . 
D 4 HOH 50 2050 57   HOH HOH A . 
D 4 HOH 51 2051 47   HOH HOH A . 
D 4 HOH 52 2052 29   HOH HOH A . 
D 4 HOH 53 2053 46   HOH HOH A . 
D 4 HOH 54 2054 59   HOH HOH A . 
D 4 HOH 55 2055 35   HOH HOH A . 
D 4 HOH 56 2056 23   HOH HOH A . 
D 4 HOH 57 2057 50   HOH HOH A . 
# 
loop_
_software.citation_id 
_software.classification 
_software.compiler_name 
_software.compiler_version 
_software.contact_author 
_software.contact_author_email 
_software.date 
_software.description 
_software.dependencies 
_software.hardware 
_software.language 
_software.location 
_software.mods 
_software.name 
_software.os 
_software.os_version 
_software.type 
_software.version 
_software.pdbx_ordinal 
? 'data reduction'  ? ? ? ? ? ? ? ? ? ? ? XDS         ? ? ? .      1 
? 'data scaling'    ? ? ? ? ? ? ? ? ? ? ? Aimless     ? ? ? 0.7.4  2 
? phasing           ? ? ? ? ? ? ? ? ? ? ? PHASER      ? ? ? .      3 
? refinement        ? ? ? ? ? ? ? ? ? ? ? PHENIX      ? ? ? 1.11.1 4 
? 'data extraction' ? ? ? ? ? ? ? ? ? ? ? PDB_EXTRACT ? ? ? 3.27   5 
# 
_cell.angle_alpha                  90.000 
_cell.angle_alpha_esd              ? 
_cell.angle_beta                   90.000 
_cell.angle_beta_esd               ? 
_cell.angle_gamma                  120.000 
_cell.angle_gamma_esd              ? 
_cell.entry_id                     7QYV 
_cell.details                      ? 
_cell.formula_units_Z              ? 
_cell.length_a                     93.902 
_cell.length_a_esd                 ? 
_cell.length_b                     93.902 
_cell.length_b_esd                 ? 
_cell.length_c                     33.232 
_cell.length_c_esd                 ? 
_cell.volume                       ? 
_cell.volume_esd                   ? 
_cell.Z_PDB                        6 
_cell.reciprocal_angle_alpha       ? 
_cell.reciprocal_angle_beta        ? 
_cell.reciprocal_angle_gamma       ? 
_cell.reciprocal_angle_alpha_esd   ? 
_cell.reciprocal_angle_beta_esd    ? 
_cell.reciprocal_angle_gamma_esd   ? 
_cell.reciprocal_length_a          ? 
_cell.reciprocal_length_b          ? 
_cell.reciprocal_length_c          ? 
_cell.reciprocal_length_a_esd      ? 
_cell.reciprocal_length_b_esd      ? 
_cell.reciprocal_length_c_esd      ? 
_cell.pdbx_unique_axis             ? 
# 
_symmetry.entry_id                         7QYV 
_symmetry.cell_setting                     ? 
_symmetry.Int_Tables_number                152 
_symmetry.space_group_name_Hall            ? 
_symmetry.space_group_name_H-M             'P 31 2 1' 
_symmetry.pdbx_full_space_group_name_H-M   ? 
# 
_exptl.absorpt_coefficient_mu     ? 
_exptl.absorpt_correction_T_max   ? 
_exptl.absorpt_correction_T_min   ? 
_exptl.absorpt_correction_type    ? 
_exptl.absorpt_process_details    ? 
_exptl.entry_id                   7QYV 
_exptl.crystals_number            1 
_exptl.details                    ? 
_exptl.method                     'X-RAY DIFFRACTION' 
_exptl.method_details             ? 
# 
_exptl_crystal.colour                      ? 
_exptl_crystal.density_diffrn              ? 
_exptl_crystal.density_Matthews            3.42 
_exptl_crystal.density_method              ? 
_exptl_crystal.density_percent_sol         64.04 
_exptl_crystal.description                 ? 
_exptl_crystal.F_000                       ? 
_exptl_crystal.id                          1 
_exptl_crystal.preparation                 ? 
_exptl_crystal.size_max                    ? 
_exptl_crystal.size_mid                    ? 
_exptl_crystal.size_min                    ? 
_exptl_crystal.size_rad                    ? 
_exptl_crystal.colour_lustre               ? 
_exptl_crystal.colour_modifier             ? 
_exptl_crystal.colour_primary              ? 
_exptl_crystal.density_meas                ? 
_exptl_crystal.density_meas_esd            ? 
_exptl_crystal.density_meas_gt             ? 
_exptl_crystal.density_meas_lt             ? 
_exptl_crystal.density_meas_temp           ? 
_exptl_crystal.density_meas_temp_esd       ? 
_exptl_crystal.density_meas_temp_gt        ? 
_exptl_crystal.density_meas_temp_lt        ? 
_exptl_crystal.pdbx_crystal_image_url      ? 
_exptl_crystal.pdbx_crystal_image_format   ? 
_exptl_crystal.pdbx_mosaicity              0.360 
_exptl_crystal.pdbx_mosaicity_esd          ? 
# 
_exptl_crystal_grow.apparatus       ? 
_exptl_crystal_grow.atmosphere      ? 
_exptl_crystal_grow.crystal_id      1 
_exptl_crystal_grow.details         ? 
_exptl_crystal_grow.method          'VAPOR DIFFUSION, SITTING DROP' 
_exptl_crystal_grow.method_ref      ? 
_exptl_crystal_grow.pH              7.5 
_exptl_crystal_grow.pressure        ? 
_exptl_crystal_grow.pressure_esd    ? 
_exptl_crystal_grow.seeding         ? 
_exptl_crystal_grow.seeding_ref     ? 
_exptl_crystal_grow.temp            277 
_exptl_crystal_grow.temp_details    ? 
_exptl_crystal_grow.temp_esd        ? 
_exptl_crystal_grow.time            ? 
_exptl_crystal_grow.pdbx_details    '20% PEG3350, 0.2 M MgCl2' 
_exptl_crystal_grow.pdbx_pH_range   ? 
# 
_diffrn.ambient_environment              ? 
_diffrn.ambient_temp                     100 
_diffrn.ambient_temp_details             ? 
_diffrn.ambient_temp_esd                 ? 
_diffrn.crystal_id                       1 
_diffrn.crystal_support                  ? 
_diffrn.crystal_treatment                ? 
_diffrn.details                          ? 
_diffrn.id                               1 
_diffrn.ambient_pressure                 ? 
_diffrn.ambient_pressure_esd             ? 
_diffrn.ambient_pressure_gt              ? 
_diffrn.ambient_pressure_lt              ? 
_diffrn.ambient_temp_gt                  ? 
_diffrn.ambient_temp_lt                  ? 
_diffrn.pdbx_serial_crystal_experiment   N 
# 
_diffrn_detector.details                      ? 
_diffrn_detector.detector                     PIXEL 
_diffrn_detector.diffrn_id                    1 
_diffrn_detector.type                         'DECTRIS PILATUS 6M' 
_diffrn_detector.area_resol_mean              ? 
_diffrn_detector.dtime                        ? 
_diffrn_detector.pdbx_frames_total            ? 
_diffrn_detector.pdbx_collection_time_total   ? 
_diffrn_detector.pdbx_collection_date         2020-05-25 
_diffrn_detector.pdbx_frequency               ? 
# 
_diffrn_radiation.collimation                      ? 
_diffrn_radiation.diffrn_id                        1 
_diffrn_radiation.filter_edge                      ? 
_diffrn_radiation.inhomogeneity                    ? 
_diffrn_radiation.monochromator                    ? 
_diffrn_radiation.polarisn_norm                    ? 
_diffrn_radiation.polarisn_ratio                   ? 
_diffrn_radiation.probe                            ? 
_diffrn_radiation.type                             ? 
_diffrn_radiation.xray_symbol                      ? 
_diffrn_radiation.wavelength_id                    1 
_diffrn_radiation.pdbx_monochromatic_or_laue_m_l   M 
_diffrn_radiation.pdbx_wavelength_list             ? 
_diffrn_radiation.pdbx_wavelength                  ? 
_diffrn_radiation.pdbx_diffrn_protocol             'SINGLE WAVELENGTH' 
_diffrn_radiation.pdbx_analyzer                    ? 
_diffrn_radiation.pdbx_scattering_type             x-ray 
# 
_diffrn_radiation_wavelength.id           1 
_diffrn_radiation_wavelength.wavelength   0.9998 
_diffrn_radiation_wavelength.wt           1.0 
# 
_diffrn_source.current                     ? 
_diffrn_source.details                     ? 
_diffrn_source.diffrn_id                   1 
_diffrn_source.power                       ? 
_diffrn_source.size                        ? 
_diffrn_source.source                      SYNCHROTRON 
_diffrn_source.target                      ? 
_diffrn_source.type                        'ELETTRA BEAMLINE 11.2C' 
_diffrn_source.voltage                     ? 
_diffrn_source.take-off_angle              ? 
_diffrn_source.pdbx_wavelength_list        0.9998 
_diffrn_source.pdbx_wavelength             ? 
_diffrn_source.pdbx_synchrotron_beamline   11.2C 
_diffrn_source.pdbx_synchrotron_site       ELETTRA 
# 
_reflns.B_iso_Wilson_estimate                          36.180 
_reflns.entry_id                                       7QYV 
_reflns.data_reduction_details                         ? 
_reflns.data_reduction_method                          ? 
_reflns.d_resolution_high                              2.250 
_reflns.d_resolution_low                               81.320 
_reflns.details                                        ? 
_reflns.limit_h_max                                    ? 
_reflns.limit_h_min                                    ? 
_reflns.limit_k_max                                    ? 
_reflns.limit_k_min                                    ? 
_reflns.limit_l_max                                    ? 
_reflns.limit_l_min                                    ? 
_reflns.number_all                                     ? 
_reflns.number_obs                                     8214 
_reflns.observed_criterion                             ? 
_reflns.observed_criterion_F_max                       ? 
_reflns.observed_criterion_F_min                       ? 
_reflns.observed_criterion_I_max                       ? 
_reflns.observed_criterion_I_min                       ? 
_reflns.observed_criterion_sigma_F                     ? 
_reflns.observed_criterion_sigma_I                     ? 
_reflns.percent_possible_obs                           100.000 
_reflns.R_free_details                                 ? 
_reflns.Rmerge_F_all                                   ? 
_reflns.Rmerge_F_obs                                   ? 
_reflns.Friedel_coverage                               ? 
_reflns.number_gt                                      ? 
_reflns.threshold_expression                           ? 
_reflns.pdbx_redundancy                                18.400 
_reflns.pdbx_Rmerge_I_obs                              0.131 
_reflns.pdbx_Rmerge_I_all                              ? 
_reflns.pdbx_Rsym_value                                ? 
_reflns.pdbx_netI_over_av_sigmaI                       ? 
_reflns.pdbx_netI_over_sigmaI                          18.900 
_reflns.pdbx_res_netI_over_av_sigmaI_2                 ? 
_reflns.pdbx_res_netI_over_sigmaI_2                    ? 
_reflns.pdbx_chi_squared                               ? 
_reflns.pdbx_scaling_rejects                           ? 
_reflns.pdbx_d_res_high_opt                            ? 
_reflns.pdbx_d_res_low_opt                             ? 
_reflns.pdbx_d_res_opt_method                          ? 
_reflns.phase_calculation_details                      ? 
_reflns.pdbx_Rrim_I_all                                0.135 
_reflns.pdbx_Rpim_I_all                                0.031 
_reflns.pdbx_d_opt                                     ? 
_reflns.pdbx_number_measured_all                       150785 
_reflns.pdbx_diffrn_id                                 1 
_reflns.pdbx_ordinal                                   1 
_reflns.pdbx_CC_half                                   0.999 
_reflns.pdbx_CC_star                                   ? 
_reflns.pdbx_R_split                                   ? 
_reflns.pdbx_aniso_diffraction_limit_axis_1_ortho[1]   ? 
_reflns.pdbx_aniso_diffraction_limit_axis_1_ortho[2]   ? 
_reflns.pdbx_aniso_diffraction_limit_axis_1_ortho[3]   ? 
_reflns.pdbx_aniso_diffraction_limit_axis_2_ortho[1]   ? 
_reflns.pdbx_aniso_diffraction_limit_axis_2_ortho[2]   ? 
_reflns.pdbx_aniso_diffraction_limit_axis_2_ortho[3]   ? 
_reflns.pdbx_aniso_diffraction_limit_axis_3_ortho[1]   ? 
_reflns.pdbx_aniso_diffraction_limit_axis_3_ortho[2]   ? 
_reflns.pdbx_aniso_diffraction_limit_axis_3_ortho[3]   ? 
_reflns.pdbx_aniso_diffraction_limit_1                 ? 
_reflns.pdbx_aniso_diffraction_limit_2                 ? 
_reflns.pdbx_aniso_diffraction_limit_3                 ? 
_reflns.pdbx_aniso_B_tensor_eigenvector_1_ortho[1]     ? 
_reflns.pdbx_aniso_B_tensor_eigenvector_1_ortho[2]     ? 
_reflns.pdbx_aniso_B_tensor_eigenvector_1_ortho[3]     ? 
_reflns.pdbx_aniso_B_tensor_eigenvector_2_ortho[1]     ? 
_reflns.pdbx_aniso_B_tensor_eigenvector_2_ortho[2]     ? 
_reflns.pdbx_aniso_B_tensor_eigenvector_2_ortho[3]     ? 
_reflns.pdbx_aniso_B_tensor_eigenvector_3_ortho[1]     ? 
_reflns.pdbx_aniso_B_tensor_eigenvector_3_ortho[2]     ? 
_reflns.pdbx_aniso_B_tensor_eigenvector_3_ortho[3]     ? 
_reflns.pdbx_aniso_B_tensor_eigenvalue_1               ? 
_reflns.pdbx_aniso_B_tensor_eigenvalue_2               ? 
_reflns.pdbx_aniso_B_tensor_eigenvalue_3               ? 
_reflns.pdbx_orthogonalization_convention              ? 
_reflns.pdbx_percent_possible_ellipsoidal              ? 
_reflns.pdbx_percent_possible_spherical                ? 
_reflns.pdbx_percent_possible_ellipsoidal_anomalous    ? 
_reflns.pdbx_percent_possible_spherical_anomalous      ? 
_reflns.pdbx_redundancy_anomalous                      ? 
_reflns.pdbx_CC_half_anomalous                         ? 
_reflns.pdbx_absDiff_over_sigma_anomalous              ? 
_reflns.pdbx_percent_possible_anomalous                ? 
_reflns.pdbx_observed_signal_threshold                 ? 
_reflns.pdbx_signal_type                               ? 
_reflns.pdbx_signal_details                            ? 
_reflns.pdbx_signal_software_id                        ? 
# 
loop_
_reflns_shell.d_res_high 
_reflns_shell.d_res_low 
_reflns_shell.meanI_over_sigI_all 
_reflns_shell.meanI_over_sigI_obs 
_reflns_shell.number_measured_all 
_reflns_shell.number_measured_obs 
_reflns_shell.number_possible 
_reflns_shell.number_unique_all 
_reflns_shell.number_unique_obs 
_reflns_shell.percent_possible_all 
_reflns_shell.percent_possible_obs 
_reflns_shell.Rmerge_F_all 
_reflns_shell.Rmerge_F_obs 
_reflns_shell.Rmerge_I_all 
_reflns_shell.Rmerge_I_obs 
_reflns_shell.meanI_over_sigI_gt 
_reflns_shell.meanI_over_uI_all 
_reflns_shell.meanI_over_uI_gt 
_reflns_shell.number_measured_gt 
_reflns_shell.number_unique_gt 
_reflns_shell.percent_possible_gt 
_reflns_shell.Rmerge_F_gt 
_reflns_shell.Rmerge_I_gt 
_reflns_shell.pdbx_redundancy 
_reflns_shell.pdbx_Rsym_value 
_reflns_shell.pdbx_chi_squared 
_reflns_shell.pdbx_netI_over_sigmaI_all 
_reflns_shell.pdbx_netI_over_sigmaI_obs 
_reflns_shell.pdbx_Rrim_I_all 
_reflns_shell.pdbx_Rpim_I_all 
_reflns_shell.pdbx_rejects 
_reflns_shell.pdbx_ordinal 
_reflns_shell.pdbx_diffrn_id 
_reflns_shell.pdbx_CC_half 
_reflns_shell.pdbx_CC_star 
_reflns_shell.pdbx_R_split 
_reflns_shell.pdbx_percent_possible_ellipsoidal 
_reflns_shell.pdbx_percent_possible_spherical 
_reflns_shell.pdbx_percent_possible_ellipsoidal_anomalous 
_reflns_shell.pdbx_percent_possible_spherical_anomalous 
_reflns_shell.pdbx_redundancy_anomalous 
_reflns_shell.pdbx_CC_half_anomalous 
_reflns_shell.pdbx_absDiff_over_sigma_anomalous 
_reflns_shell.pdbx_percent_possible_anomalous 
2.250 2.320  ? ? 11363 ? ? ? 750 99.900 ? ? ? ? 1.375 ? ? ? ? ? ? ? ? 15.200 ? ? ? 2.600  1.425 0.366 ? 1 1 0.865 ? ? ? ? ? ? ? ? 
? ? 
9.000 81.320 ? ? 2223  ? ? ? 148 99.000 ? ? ? ? 0.035 ? ? ? ? ? ? ? ? 15.000 ? ? ? 59.700 0.037 0.010 ? 2 1 0.999 ? ? ? ? ? ? ? ? 
? ? 
# 
_refine.aniso_B[1][1]                            ? 
_refine.aniso_B[1][2]                            ? 
_refine.aniso_B[1][3]                            ? 
_refine.aniso_B[2][2]                            ? 
_refine.aniso_B[2][3]                            ? 
_refine.aniso_B[3][3]                            ? 
_refine.B_iso_max                                90.500 
_refine.B_iso_mean                               45.5027 
_refine.B_iso_min                                24.000 
_refine.correlation_coeff_Fo_to_Fc               ? 
_refine.correlation_coeff_Fo_to_Fc_free          ? 
_refine.details                                  ? 
_refine.diff_density_max                         ? 
_refine.diff_density_max_esd                     ? 
_refine.diff_density_min                         ? 
_refine.diff_density_min_esd                     ? 
_refine.diff_density_rms                         ? 
_refine.diff_density_rms_esd                     ? 
_refine.entry_id                                 7QYV 
_refine.pdbx_refine_id                           'X-RAY DIFFRACTION' 
_refine.ls_abs_structure_details                 ? 
_refine.ls_abs_structure_Flack                   ? 
_refine.ls_abs_structure_Flack_esd               ? 
_refine.ls_abs_structure_Rogers                  ? 
_refine.ls_abs_structure_Rogers_esd              ? 
_refine.ls_d_res_high                            2.2500 
_refine.ls_d_res_low                             30.7630 
_refine.ls_extinction_coef                       ? 
_refine.ls_extinction_coef_esd                   ? 
_refine.ls_extinction_expression                 ? 
_refine.ls_extinction_method                     ? 
_refine.ls_goodness_of_fit_all                   ? 
_refine.ls_goodness_of_fit_all_esd               ? 
_refine.ls_goodness_of_fit_obs                   ? 
_refine.ls_goodness_of_fit_obs_esd               ? 
_refine.ls_hydrogen_treatment                    ? 
_refine.ls_matrix_type                           ? 
_refine.ls_number_constraints                    ? 
_refine.ls_number_parameters                     ? 
_refine.ls_number_reflns_all                     ? 
_refine.ls_number_reflns_obs                     8178 
_refine.ls_number_reflns_R_free                  397 
_refine.ls_number_reflns_R_work                  7781 
_refine.ls_number_restraints                     ? 
_refine.ls_percent_reflns_obs                    99.6300 
_refine.ls_percent_reflns_R_free                 4.8500 
_refine.ls_R_factor_all                          ? 
_refine.ls_R_factor_obs                          0.1942 
_refine.ls_R_factor_R_free                       0.2369 
_refine.ls_R_factor_R_free_error                 ? 
_refine.ls_R_factor_R_free_error_details         ? 
_refine.ls_R_factor_R_work                       0.1922 
_refine.ls_R_Fsqd_factor_obs                     ? 
_refine.ls_R_I_factor_obs                        ? 
_refine.ls_redundancy_reflns_all                 ? 
_refine.ls_redundancy_reflns_obs                 ? 
_refine.ls_restrained_S_all                      ? 
_refine.ls_restrained_S_obs                      ? 
_refine.ls_shift_over_esd_max                    ? 
_refine.ls_shift_over_esd_mean                   ? 
_refine.ls_structure_factor_coef                 ? 
_refine.ls_weighting_details                     ? 
_refine.ls_weighting_scheme                      ? 
_refine.ls_wR_factor_all                         ? 
_refine.ls_wR_factor_obs                         ? 
_refine.ls_wR_factor_R_free                      ? 
_refine.ls_wR_factor_R_work                      ? 
_refine.occupancy_max                            ? 
_refine.occupancy_min                            ? 
_refine.solvent_model_details                    'FLAT BULK SOLVENT MODEL' 
_refine.solvent_model_param_bsol                 ? 
_refine.solvent_model_param_ksol                 ? 
_refine.pdbx_R_complete                          ? 
_refine.ls_R_factor_gt                           ? 
_refine.ls_goodness_of_fit_gt                    ? 
_refine.ls_goodness_of_fit_ref                   ? 
_refine.ls_shift_over_su_max                     ? 
_refine.ls_shift_over_su_max_lt                  ? 
_refine.ls_shift_over_su_mean                    ? 
_refine.ls_shift_over_su_mean_lt                 ? 
_refine.pdbx_ls_sigma_I                          ? 
_refine.pdbx_ls_sigma_F                          1.340 
_refine.pdbx_ls_sigma_Fsqd                       ? 
_refine.pdbx_data_cutoff_high_absF               ? 
_refine.pdbx_data_cutoff_high_rms_absF           ? 
_refine.pdbx_data_cutoff_low_absF                ? 
_refine.pdbx_isotropic_thermal_model             ? 
_refine.pdbx_ls_cross_valid_method               'FREE R-VALUE' 
_refine.pdbx_method_to_determine_struct          'MOLECULAR REPLACEMENT' 
_refine.pdbx_starting_model                      5MGJ 
_refine.pdbx_stereochemistry_target_values       ML 
_refine.pdbx_R_Free_selection_details            ? 
_refine.pdbx_stereochem_target_val_spec_case     ? 
_refine.pdbx_overall_ESU_R                       ? 
_refine.pdbx_overall_ESU_R_Free                  ? 
_refine.pdbx_solvent_vdw_probe_radii             1.1100 
_refine.pdbx_solvent_ion_probe_radii             ? 
_refine.pdbx_solvent_shrinkage_radii             0.9000 
_refine.pdbx_real_space_R                        ? 
_refine.pdbx_density_correlation                 ? 
_refine.pdbx_pd_number_of_powder_patterns        ? 
_refine.pdbx_pd_number_of_points                 ? 
_refine.pdbx_pd_meas_number_of_points            ? 
_refine.pdbx_pd_proc_ls_prof_R_factor            ? 
_refine.pdbx_pd_proc_ls_prof_wR_factor           ? 
_refine.pdbx_pd_Marquardt_correlation_coeff      ? 
_refine.pdbx_pd_Fsqrd_R_factor                   ? 
_refine.pdbx_pd_ls_matrix_band_width             ? 
_refine.pdbx_overall_phase_error                 27.3700 
_refine.pdbx_overall_SU_R_free_Cruickshank_DPI   ? 
_refine.pdbx_overall_SU_R_free_Blow_DPI          ? 
_refine.pdbx_overall_SU_R_Blow_DPI               ? 
_refine.pdbx_TLS_residual_ADP_flag               ? 
_refine.pdbx_diffrn_id                           1 
_refine.overall_SU_B                             ? 
_refine.overall_SU_ML                            0.2100 
_refine.overall_SU_R_Cruickshank_DPI             ? 
_refine.overall_SU_R_free                        ? 
_refine.overall_FOM_free_R_set                   ? 
_refine.overall_FOM_work_R_set                   ? 
_refine.pdbx_average_fsc_overall                 ? 
_refine.pdbx_average_fsc_work                    ? 
_refine.pdbx_average_fsc_free                    ? 
# 
_refine_hist.pdbx_refine_id                   'X-RAY DIFFRACTION' 
_refine_hist.cycle_id                         final 
_refine_hist.details                          ? 
_refine_hist.d_res_high                       2.2500 
_refine_hist.d_res_low                        30.7630 
_refine_hist.number_atoms_solvent             57 
_refine_hist.number_atoms_total               940 
_refine_hist.number_reflns_all                ? 
_refine_hist.number_reflns_obs                ? 
_refine_hist.number_reflns_R_free             ? 
_refine_hist.number_reflns_R_work             ? 
_refine_hist.R_factor_all                     ? 
_refine_hist.R_factor_obs                     ? 
_refine_hist.R_factor_R_free                  ? 
_refine_hist.R_factor_R_work                  ? 
_refine_hist.pdbx_number_residues_total       103 
_refine_hist.pdbx_B_iso_mean_ligand           46.11 
_refine_hist.pdbx_B_iso_mean_solvent          44.96 
_refine_hist.pdbx_number_atoms_protein        852 
_refine_hist.pdbx_number_atoms_nucleic_acid   0 
_refine_hist.pdbx_number_atoms_ligand         31 
_refine_hist.pdbx_number_atoms_lipid          ? 
_refine_hist.pdbx_number_atoms_carb           ? 
_refine_hist.pdbx_pseudo_atom_details         ? 
# 
loop_
_refine_ls_restr.pdbx_refine_id 
_refine_ls_restr.criterion 
_refine_ls_restr.dev_ideal 
_refine_ls_restr.dev_ideal_target 
_refine_ls_restr.number 
_refine_ls_restr.rejects 
_refine_ls_restr.type 
_refine_ls_restr.weight 
_refine_ls_restr.pdbx_restraint_function 
'X-RAY DIFFRACTION' ? 0.004  ? 948  ? f_bond_d           ? ? 
'X-RAY DIFFRACTION' ? 0.796  ? 1284 ? f_angle_d          ? ? 
'X-RAY DIFFRACTION' ? 0.047  ? 124  ? f_chiral_restr     ? ? 
'X-RAY DIFFRACTION' ? 0.003  ? 169  ? f_plane_restr      ? ? 
'X-RAY DIFFRACTION' ? 23.395 ? 572  ? f_dihedral_angle_d ? ? 
# 
loop_
_refine_ls_shell.pdbx_refine_id 
_refine_ls_shell.d_res_high 
_refine_ls_shell.d_res_low 
_refine_ls_shell.number_reflns_all 
_refine_ls_shell.number_reflns_obs 
_refine_ls_shell.number_reflns_R_free 
_refine_ls_shell.number_reflns_R_work 
_refine_ls_shell.percent_reflns_obs 
_refine_ls_shell.percent_reflns_R_free 
_refine_ls_shell.R_factor_all 
_refine_ls_shell.R_factor_obs 
_refine_ls_shell.R_factor_R_free 
_refine_ls_shell.R_factor_R_free_error 
_refine_ls_shell.R_factor_R_work 
_refine_ls_shell.redundancy_reflns_all 
_refine_ls_shell.redundancy_reflns_obs 
_refine_ls_shell.wR_factor_all 
_refine_ls_shell.wR_factor_obs 
_refine_ls_shell.wR_factor_R_free 
_refine_ls_shell.wR_factor_R_work 
_refine_ls_shell.pdbx_R_complete 
_refine_ls_shell.pdbx_total_number_of_bins_used 
_refine_ls_shell.pdbx_phase_error 
_refine_ls_shell.pdbx_fsc_work 
_refine_ls_shell.pdbx_fsc_free 
'X-RAY DIFFRACTION' 2.2500 2.5754 . . 142 2536 99.0000  . . . 0.2750 0.0000 0.2168 . . . . . . . . . . . 
'X-RAY DIFFRACTION' 2.5754 3.2442 . . 134 2573 100.0000 . . . 0.2183 0.0000 0.2246 . . . . . . . . . . . 
'X-RAY DIFFRACTION' 3.2442 30.763 . . 121 2672 100.0000 . . . 0.2347 0.0000 0.1734 . . . . . . . . . . . 
# 
_struct.entry_id                     7QYV 
_struct.title                        'BAZ2A bromodomain in complex with acetylpyrrole derivative compound 109' 
_struct.pdbx_model_details           ? 
_struct.pdbx_formula_weight          ? 
_struct.pdbx_formula_weight_method   ? 
_struct.pdbx_model_type_details      ? 
_struct.pdbx_CASP_flag               N 
# 
_struct_keywords.entry_id        7QYV 
_struct_keywords.text            'four helical bundle, transcription' 
_struct_keywords.pdbx_keywords   TRANSCRIPTION 
# 
loop_
_struct_asym.id 
_struct_asym.pdbx_blank_PDB_chainid_flag 
_struct_asym.pdbx_modified 
_struct_asym.entity_id 
_struct_asym.details 
A N N 1 ? 
B N N 2 ? 
C N N 3 ? 
D N N 4 ? 
# 
_struct_ref.id                         1 
_struct_ref.db_name                    UNP 
_struct_ref.db_code                    BAZ2A_HUMAN 
_struct_ref.pdbx_db_accession          Q9UIF9 
_struct_ref.pdbx_db_isoform            ? 
_struct_ref.entity_id                  1 
_struct_ref.pdbx_seq_one_letter_code   
;HSDLTFCEIILMEMESHDAAWPFLEPVNPRLVSGYRRIIKNPMDFSTMRERLLRGGYTSSEEFAADALLVFDNCQTFNED
DSEVGKAGHIMRRFFESRWEEFY
;
_struct_ref.pdbx_align_begin           1796 
# 
_struct_ref_seq.align_id                      1 
_struct_ref_seq.ref_id                        1 
_struct_ref_seq.pdbx_PDB_id_code              7QYV 
_struct_ref_seq.pdbx_strand_id                A 
_struct_ref_seq.seq_align_beg                 3 
_struct_ref_seq.pdbx_seq_align_beg_ins_code   ? 
_struct_ref_seq.seq_align_end                 105 
_struct_ref_seq.pdbx_seq_align_end_ins_code   ? 
_struct_ref_seq.pdbx_db_accession             Q9UIF9 
_struct_ref_seq.db_align_beg                  1796 
_struct_ref_seq.pdbx_db_align_beg_ins_code    ? 
_struct_ref_seq.db_align_end                  1898 
_struct_ref_seq.pdbx_db_align_end_ins_code    ? 
_struct_ref_seq.pdbx_auth_seq_align_beg       1796 
_struct_ref_seq.pdbx_auth_seq_align_end       1898 
# 
loop_
_struct_ref_seq_dif.align_id 
_struct_ref_seq_dif.pdbx_pdb_id_code 
_struct_ref_seq_dif.mon_id 
_struct_ref_seq_dif.pdbx_pdb_strand_id 
_struct_ref_seq_dif.seq_num 
_struct_ref_seq_dif.pdbx_pdb_ins_code 
_struct_ref_seq_dif.pdbx_seq_db_name 
_struct_ref_seq_dif.pdbx_seq_db_accession_code 
_struct_ref_seq_dif.db_mon_id 
_struct_ref_seq_dif.pdbx_seq_db_seq_num 
_struct_ref_seq_dif.details 
_struct_ref_seq_dif.pdbx_auth_seq_num 
_struct_ref_seq_dif.pdbx_ordinal 
1 7QYV SER A 1  ? UNP Q9UIF9 ?   ?    'expression tag'      1794 1 
1 7QYV MET A 2  ? UNP Q9UIF9 ?   ?    'expression tag'      1795 2 
1 7QYV HIS A 52 ? UNP Q9UIF9 GLU 1845 'engineered mutation' 1845 3 
1 7QYV SER A 55 ? UNP Q9UIF9 LEU 1848 'engineered mutation' 1848 4 
# 
_pdbx_struct_assembly.id                   1 
_pdbx_struct_assembly.details              author_and_software_defined_assembly 
_pdbx_struct_assembly.method_details       PISA 
_pdbx_struct_assembly.oligomeric_details   monomeric 
_pdbx_struct_assembly.oligomeric_count     1 
# 
loop_
_pdbx_struct_assembly_prop.biol_id 
_pdbx_struct_assembly_prop.type 
_pdbx_struct_assembly_prop.value 
_pdbx_struct_assembly_prop.details 
1 'ABSA (A^2)' 60   ? 
1 MORE         -3   ? 
1 'SSA (A^2)'  6250 ? 
# 
_pdbx_struct_assembly_gen.assembly_id       1 
_pdbx_struct_assembly_gen.oper_expression   1 
_pdbx_struct_assembly_gen.asym_id_list      A,B,C,D 
# 
_pdbx_struct_assembly_auth_evidence.id                     1 
_pdbx_struct_assembly_auth_evidence.assembly_id            1 
_pdbx_struct_assembly_auth_evidence.experimental_support   'gel filtration' 
_pdbx_struct_assembly_auth_evidence.details                ? 
# 
_pdbx_struct_oper_list.id                   1 
_pdbx_struct_oper_list.type                 'identity operation' 
_pdbx_struct_oper_list.name                 1_555 
_pdbx_struct_oper_list.symmetry_operation   x,y,z 
_pdbx_struct_oper_list.matrix[1][1]         1.0000000000 
_pdbx_struct_oper_list.matrix[1][2]         0.0000000000 
_pdbx_struct_oper_list.matrix[1][3]         0.0000000000 
_pdbx_struct_oper_list.vector[1]            0.0000000000 
_pdbx_struct_oper_list.matrix[2][1]         0.0000000000 
_pdbx_struct_oper_list.matrix[2][2]         1.0000000000 
_pdbx_struct_oper_list.matrix[2][3]         0.0000000000 
_pdbx_struct_oper_list.vector[2]            0.0000000000 
_pdbx_struct_oper_list.matrix[3][1]         0.0000000000 
_pdbx_struct_oper_list.matrix[3][2]         0.0000000000 
_pdbx_struct_oper_list.matrix[3][3]         1.0000000000 
_pdbx_struct_oper_list.vector[3]            0.0000000000 
# 
loop_
_struct_conf.conf_type_id 
_struct_conf.id 
_struct_conf.pdbx_PDB_helix_id 
_struct_conf.beg_label_comp_id 
_struct_conf.beg_label_asym_id 
_struct_conf.beg_label_seq_id 
_struct_conf.pdbx_beg_PDB_ins_code 
_struct_conf.end_label_comp_id 
_struct_conf.end_label_asym_id 
_struct_conf.end_label_seq_id 
_struct_conf.pdbx_end_PDB_ins_code 
_struct_conf.beg_auth_comp_id 
_struct_conf.beg_auth_asym_id 
_struct_conf.beg_auth_seq_id 
_struct_conf.end_auth_comp_id 
_struct_conf.end_auth_asym_id 
_struct_conf.end_auth_seq_id 
_struct_conf.pdbx_PDB_helix_class 
_struct_conf.details 
_struct_conf.pdbx_PDB_helix_length 
HELX_P HELX_P1 AA1 SER A 4  ? HIS A 19  ? SER A 1797 HIS A 1812 1 ? 16 
HELX_P HELX_P2 AA2 ASP A 20 ? LEU A 26  ? ASP A 1813 LEU A 1819 5 ? 7  
HELX_P HELX_P3 AA3 GLY A 36 ? ILE A 41  ? GLY A 1829 ILE A 1834 1 ? 6  
HELX_P HELX_P4 AA4 ASP A 46 ? ARG A 56  ? ASP A 1839 ARG A 1849 1 ? 11 
HELX_P HELX_P5 AA5 SER A 61 ? ASN A 80  ? SER A 1854 ASN A 1873 1 ? 20 
HELX_P HELX_P6 AA6 SER A 84 ? GLU A 103 ? SER A 1877 GLU A 1896 1 ? 20 
# 
_struct_conf_type.id          HELX_P 
_struct_conf_type.criteria    ? 
_struct_conf_type.reference   ? 
# 
loop_
_struct_conn.id 
_struct_conn.conn_type_id 
_struct_conn.pdbx_leaving_atom_flag 
_struct_conn.pdbx_PDB_id 
_struct_conn.ptnr1_label_asym_id 
_struct_conn.ptnr1_label_comp_id 
_struct_conn.ptnr1_label_seq_id 
_struct_conn.ptnr1_label_atom_id 
_struct_conn.pdbx_ptnr1_label_alt_id 
_struct_conn.pdbx_ptnr1_PDB_ins_code 
_struct_conn.pdbx_ptnr1_standard_comp_id 
_struct_conn.ptnr1_symmetry 
_struct_conn.ptnr2_label_asym_id 
_struct_conn.ptnr2_label_comp_id 
_struct_conn.ptnr2_label_seq_id 
_struct_conn.ptnr2_label_atom_id 
_struct_conn.pdbx_ptnr2_label_alt_id 
_struct_conn.pdbx_ptnr2_PDB_ins_code 
_struct_conn.ptnr1_auth_asym_id 
_struct_conn.ptnr1_auth_comp_id 
_struct_conn.ptnr1_auth_seq_id 
_struct_conn.ptnr2_auth_asym_id 
_struct_conn.ptnr2_auth_comp_id 
_struct_conn.ptnr2_auth_seq_id 
_struct_conn.ptnr2_symmetry 
_struct_conn.pdbx_ptnr3_label_atom_id 
_struct_conn.pdbx_ptnr3_label_seq_id 
_struct_conn.pdbx_ptnr3_label_comp_id 
_struct_conn.pdbx_ptnr3_label_asym_id 
_struct_conn.pdbx_ptnr3_label_alt_id 
_struct_conn.pdbx_ptnr3_PDB_ins_code 
_struct_conn.details 
_struct_conn.pdbx_dist_value 
_struct_conn.pdbx_value_order 
_struct_conn.pdbx_role 
metalc1 metalc ? ? C MG . MG ? ? ? 1_555 D HOH . O ? ? A MG 1902 A HOH 2008 1_555 ? ? ? ? ? ? ? 2.386 ? ? 
metalc2 metalc ? ? C MG . MG ? ? ? 1_555 D HOH . O ? ? A MG 1902 A HOH 2014 1_555 ? ? ? ? ? ? ? 2.303 ? ? 
metalc3 metalc ? ? C MG . MG ? ? ? 1_555 D HOH . O ? ? A MG 1902 A HOH 2023 6_557 ? ? ? ? ? ? ? 2.306 ? ? 
metalc4 metalc ? ? C MG . MG ? ? ? 1_555 D HOH . O ? ? A MG 1902 A HOH 2025 6_557 ? ? ? ? ? ? ? 2.370 ? ? 
metalc5 metalc ? ? C MG . MG ? ? ? 1_555 D HOH . O ? ? A MG 1902 A HOH 2049 1_555 ? ? ? ? ? ? ? 2.178 ? ? 
metalc6 metalc ? ? C MG . MG ? ? ? 1_555 D HOH . O ? ? A MG 1902 A HOH 2050 1_555 ? ? ? ? ? ? ? 2.553 ? ? 
# 
_struct_conn_type.id          metalc 
_struct_conn_type.criteria    ? 
_struct_conn_type.reference   ? 
# 
loop_
_pdbx_struct_conn_angle.id 
_pdbx_struct_conn_angle.ptnr1_label_atom_id 
_pdbx_struct_conn_angle.ptnr1_label_alt_id 
_pdbx_struct_conn_angle.ptnr1_label_asym_id 
_pdbx_struct_conn_angle.ptnr1_label_comp_id 
_pdbx_struct_conn_angle.ptnr1_label_seq_id 
_pdbx_struct_conn_angle.ptnr1_auth_atom_id 
_pdbx_struct_conn_angle.ptnr1_auth_asym_id 
_pdbx_struct_conn_angle.ptnr1_auth_comp_id 
_pdbx_struct_conn_angle.ptnr1_auth_seq_id 
_pdbx_struct_conn_angle.ptnr1_PDB_ins_code 
_pdbx_struct_conn_angle.ptnr1_symmetry 
_pdbx_struct_conn_angle.ptnr2_label_atom_id 
_pdbx_struct_conn_angle.ptnr2_label_alt_id 
_pdbx_struct_conn_angle.ptnr2_label_asym_id 
_pdbx_struct_conn_angle.ptnr2_label_comp_id 
_pdbx_struct_conn_angle.ptnr2_label_seq_id 
_pdbx_struct_conn_angle.ptnr2_auth_atom_id 
_pdbx_struct_conn_angle.ptnr2_auth_asym_id 
_pdbx_struct_conn_angle.ptnr2_auth_comp_id 
_pdbx_struct_conn_angle.ptnr2_auth_seq_id 
_pdbx_struct_conn_angle.ptnr2_PDB_ins_code 
_pdbx_struct_conn_angle.ptnr2_symmetry 
_pdbx_struct_conn_angle.ptnr3_label_atom_id 
_pdbx_struct_conn_angle.ptnr3_label_alt_id 
_pdbx_struct_conn_angle.ptnr3_label_asym_id 
_pdbx_struct_conn_angle.ptnr3_label_comp_id 
_pdbx_struct_conn_angle.ptnr3_label_seq_id 
_pdbx_struct_conn_angle.ptnr3_auth_atom_id 
_pdbx_struct_conn_angle.ptnr3_auth_asym_id 
_pdbx_struct_conn_angle.ptnr3_auth_comp_id 
_pdbx_struct_conn_angle.ptnr3_auth_seq_id 
_pdbx_struct_conn_angle.ptnr3_PDB_ins_code 
_pdbx_struct_conn_angle.ptnr3_symmetry 
_pdbx_struct_conn_angle.value 
_pdbx_struct_conn_angle.value_esd 
1  O ? D HOH . ? A HOH 2008 ? 1_555 MG ? C MG . ? A MG 1902 ? 1_555 O ? D HOH . ? A HOH 2014 ? 1_555 98.4  ? 
2  O ? D HOH . ? A HOH 2008 ? 1_555 MG ? C MG . ? A MG 1902 ? 1_555 O ? D HOH . ? A HOH 2023 ? 6_557 85.6  ? 
3  O ? D HOH . ? A HOH 2014 ? 1_555 MG ? C MG . ? A MG 1902 ? 1_555 O ? D HOH . ? A HOH 2023 ? 6_557 99.3  ? 
4  O ? D HOH . ? A HOH 2008 ? 1_555 MG ? C MG . ? A MG 1902 ? 1_555 O ? D HOH . ? A HOH 2025 ? 6_557 83.3  ? 
5  O ? D HOH . ? A HOH 2014 ? 1_555 MG ? C MG . ? A MG 1902 ? 1_555 O ? D HOH . ? A HOH 2025 ? 6_557 169.5 ? 
6  O ? D HOH . ? A HOH 2023 ? 6_557 MG ? C MG . ? A MG 1902 ? 1_555 O ? D HOH . ? A HOH 2025 ? 6_557 91.2  ? 
7  O ? D HOH . ? A HOH 2008 ? 1_555 MG ? C MG . ? A MG 1902 ? 1_555 O ? D HOH . ? A HOH 2049 ? 1_555 89.2  ? 
8  O ? D HOH . ? A HOH 2014 ? 1_555 MG ? C MG . ? A MG 1902 ? 1_555 O ? D HOH . ? A HOH 2049 ? 1_555 90.9  ? 
9  O ? D HOH . ? A HOH 2023 ? 6_557 MG ? C MG . ? A MG 1902 ? 1_555 O ? D HOH . ? A HOH 2049 ? 1_555 169.2 ? 
10 O ? D HOH . ? A HOH 2025 ? 6_557 MG ? C MG . ? A MG 1902 ? 1_555 O ? D HOH . ? A HOH 2049 ? 1_555 78.7  ? 
11 O ? D HOH . ? A HOH 2008 ? 1_555 MG ? C MG . ? A MG 1902 ? 1_555 O ? D HOH . ? A HOH 2050 ? 1_555 159.4 ? 
12 O ? D HOH . ? A HOH 2014 ? 1_555 MG ? C MG . ? A MG 1902 ? 1_555 O ? D HOH . ? A HOH 2050 ? 1_555 88.9  ? 
13 O ? D HOH . ? A HOH 2023 ? 6_557 MG ? C MG . ? A MG 1902 ? 1_555 O ? D HOH . ? A HOH 2050 ? 1_555 74.2  ? 
14 O ? D HOH . ? A HOH 2025 ? 6_557 MG ? C MG . ? A MG 1902 ? 1_555 O ? D HOH . ? A HOH 2050 ? 1_555 93.0  ? 
15 O ? D HOH . ? A HOH 2049 ? 1_555 MG ? C MG . ? A MG 1902 ? 1_555 O ? D HOH . ? A HOH 2050 ? 1_555 110.0 ? 
# 
_pdbx_validate_torsion.id              1 
_pdbx_validate_torsion.PDB_model_num   1 
_pdbx_validate_torsion.auth_comp_id    SER 
_pdbx_validate_torsion.auth_asym_id    A 
_pdbx_validate_torsion.auth_seq_id     1797 
_pdbx_validate_torsion.PDB_ins_code    ? 
_pdbx_validate_torsion.label_alt_id    ? 
_pdbx_validate_torsion.phi             -93.04 
_pdbx_validate_torsion.psi             31.54 
# 
_pdbx_struct_special_symmetry.id              1 
_pdbx_struct_special_symmetry.PDB_model_num   1 
_pdbx_struct_special_symmetry.auth_asym_id    A 
_pdbx_struct_special_symmetry.auth_comp_id    HOH 
_pdbx_struct_special_symmetry.auth_seq_id     2046 
_pdbx_struct_special_symmetry.PDB_ins_code    ? 
_pdbx_struct_special_symmetry.label_asym_id   D 
_pdbx_struct_special_symmetry.label_comp_id   HOH 
_pdbx_struct_special_symmetry.label_seq_id    . 
# 
_phasing.method   MR 
# 
_pdbx_entry_details.entry_id                 7QYV 
_pdbx_entry_details.has_ligand_of_interest   Y 
_pdbx_entry_details.compound_details         ? 
_pdbx_entry_details.source_details           ? 
_pdbx_entry_details.nonpolymer_details       ? 
_pdbx_entry_details.sequence_details         ? 
# 
loop_
_pdbx_unobs_or_zero_occ_residues.id 
_pdbx_unobs_or_zero_occ_residues.PDB_model_num 
_pdbx_unobs_or_zero_occ_residues.polymer_flag 
_pdbx_unobs_or_zero_occ_residues.occupancy_flag 
_pdbx_unobs_or_zero_occ_residues.auth_asym_id 
_pdbx_unobs_or_zero_occ_residues.auth_comp_id 
_pdbx_unobs_or_zero_occ_residues.auth_seq_id 
_pdbx_unobs_or_zero_occ_residues.PDB_ins_code 
_pdbx_unobs_or_zero_occ_residues.label_asym_id 
_pdbx_unobs_or_zero_occ_residues.label_comp_id 
_pdbx_unobs_or_zero_occ_residues.label_seq_id 
1 1 Y 1 A SER 1794 ? A SER 1 
2 1 Y 1 A MET 1795 ? A MET 2 
# 
loop_
_chem_comp_atom.comp_id 
_chem_comp_atom.atom_id 
_chem_comp_atom.type_symbol 
_chem_comp_atom.pdbx_aromatic_flag 
_chem_comp_atom.pdbx_stereo_config 
_chem_comp_atom.pdbx_ordinal 
ALA N    N  N N 1   
ALA CA   C  N S 2   
ALA C    C  N N 3   
ALA O    O  N N 4   
ALA CB   C  N N 5   
ALA OXT  O  N N 6   
ALA H    H  N N 7   
ALA H2   H  N N 8   
ALA HA   H  N N 9   
ALA HB1  H  N N 10  
ALA HB2  H  N N 11  
ALA HB3  H  N N 12  
ALA HXT  H  N N 13  
ARG N    N  N N 14  
ARG CA   C  N S 15  
ARG C    C  N N 16  
ARG O    O  N N 17  
ARG CB   C  N N 18  
ARG CG   C  N N 19  
ARG CD   C  N N 20  
ARG NE   N  N N 21  
ARG CZ   C  N N 22  
ARG NH1  N  N N 23  
ARG NH2  N  N N 24  
ARG OXT  O  N N 25  
ARG H    H  N N 26  
ARG H2   H  N N 27  
ARG HA   H  N N 28  
ARG HB2  H  N N 29  
ARG HB3  H  N N 30  
ARG HG2  H  N N 31  
ARG HG3  H  N N 32  
ARG HD2  H  N N 33  
ARG HD3  H  N N 34  
ARG HE   H  N N 35  
ARG HH11 H  N N 36  
ARG HH12 H  N N 37  
ARG HH21 H  N N 38  
ARG HH22 H  N N 39  
ARG HXT  H  N N 40  
ASN N    N  N N 41  
ASN CA   C  N S 42  
ASN C    C  N N 43  
ASN O    O  N N 44  
ASN CB   C  N N 45  
ASN CG   C  N N 46  
ASN OD1  O  N N 47  
ASN ND2  N  N N 48  
ASN OXT  O  N N 49  
ASN H    H  N N 50  
ASN H2   H  N N 51  
ASN HA   H  N N 52  
ASN HB2  H  N N 53  
ASN HB3  H  N N 54  
ASN HD21 H  N N 55  
ASN HD22 H  N N 56  
ASN HXT  H  N N 57  
ASP N    N  N N 58  
ASP CA   C  N S 59  
ASP C    C  N N 60  
ASP O    O  N N 61  
ASP CB   C  N N 62  
ASP CG   C  N N 63  
ASP OD1  O  N N 64  
ASP OD2  O  N N 65  
ASP OXT  O  N N 66  
ASP H    H  N N 67  
ASP H2   H  N N 68  
ASP HA   H  N N 69  
ASP HB2  H  N N 70  
ASP HB3  H  N N 71  
ASP HD2  H  N N 72  
ASP HXT  H  N N 73  
CYS N    N  N N 74  
CYS CA   C  N R 75  
CYS C    C  N N 76  
CYS O    O  N N 77  
CYS CB   C  N N 78  
CYS SG   S  N N 79  
CYS OXT  O  N N 80  
CYS H    H  N N 81  
CYS H2   H  N N 82  
CYS HA   H  N N 83  
CYS HB2  H  N N 84  
CYS HB3  H  N N 85  
CYS HG   H  N N 86  
CYS HXT  H  N N 87  
GJ4 C01  C  N N 88  
GJ4 C02  C  N N 89  
GJ4 C04  C  Y N 90  
GJ4 C05  C  Y N 91  
GJ4 C06  C  Y N 92  
GJ4 C08  C  Y N 93  
GJ4 N09  N  N N 94  
GJ4 C10  C  N N 95  
GJ4 C11  C  N N 96  
GJ4 C13  C  N N 97  
GJ4 C14  C  N R 98  
GJ4 C15  C  N N 99  
GJ4 C18  C  N N 100 
GJ4 C21  C  N N 101 
GJ4 C25  C  Y N 102 
GJ4 C26  C  N N 103 
GJ4 C27  C  Y N 104 
GJ4 C03  C  Y N 105 
GJ4 C19  C  N N 106 
GJ4 C20  C  N N 107 
GJ4 C28  C  N N 108 
GJ4 C29  C  N N 109 
GJ4 N12  N  N N 110 
GJ4 N17  N  N N 111 
GJ4 N23  N  Y N 112 
GJ4 N24  N  Y N 113 
GJ4 O16  O  N N 114 
GJ4 O22  O  N N 115 
GJ4 O30  O  N N 116 
GJ4 S07  S  Y N 117 
GJ4 H1   H  N N 118 
GJ4 H2   H  N N 119 
GJ4 H3   H  N N 120 
GJ4 H4   H  N N 121 
GJ4 H5   H  N N 122 
GJ4 H6   H  N N 123 
GJ4 H7   H  N N 124 
GJ4 H8   H  N N 125 
GJ4 H9   H  N N 126 
GJ4 H10  H  N N 127 
GJ4 H11  H  N N 128 
GJ4 H12  H  N N 129 
GJ4 H13  H  N N 130 
GJ4 H14  H  N N 131 
GJ4 H15  H  N N 132 
GJ4 H16  H  N N 133 
GJ4 H17  H  N N 134 
GJ4 H18  H  N N 135 
GJ4 H19  H  N N 136 
GJ4 H20  H  N N 137 
GJ4 H21  H  N N 138 
GJ4 H22  H  N N 139 
GJ4 H23  H  N N 140 
GJ4 H24  H  N N 141 
GJ4 H25  H  N N 142 
GJ4 H26  H  N N 143 
GJ4 H27  H  N N 144 
GJ4 H28  H  N N 145 
GJ4 H30  H  N N 146 
GJ4 H31  H  N N 147 
GJ4 H32  H  N N 148 
GLN N    N  N N 149 
GLN CA   C  N S 150 
GLN C    C  N N 151 
GLN O    O  N N 152 
GLN CB   C  N N 153 
GLN CG   C  N N 154 
GLN CD   C  N N 155 
GLN OE1  O  N N 156 
GLN NE2  N  N N 157 
GLN OXT  O  N N 158 
GLN H    H  N N 159 
GLN H2   H  N N 160 
GLN HA   H  N N 161 
GLN HB2  H  N N 162 
GLN HB3  H  N N 163 
GLN HG2  H  N N 164 
GLN HG3  H  N N 165 
GLN HE21 H  N N 166 
GLN HE22 H  N N 167 
GLN HXT  H  N N 168 
GLU N    N  N N 169 
GLU CA   C  N S 170 
GLU C    C  N N 171 
GLU O    O  N N 172 
GLU CB   C  N N 173 
GLU CG   C  N N 174 
GLU CD   C  N N 175 
GLU OE1  O  N N 176 
GLU OE2  O  N N 177 
GLU OXT  O  N N 178 
GLU H    H  N N 179 
GLU H2   H  N N 180 
GLU HA   H  N N 181 
GLU HB2  H  N N 182 
GLU HB3  H  N N 183 
GLU HG2  H  N N 184 
GLU HG3  H  N N 185 
GLU HE2  H  N N 186 
GLU HXT  H  N N 187 
GLY N    N  N N 188 
GLY CA   C  N N 189 
GLY C    C  N N 190 
GLY O    O  N N 191 
GLY OXT  O  N N 192 
GLY H    H  N N 193 
GLY H2   H  N N 194 
GLY HA2  H  N N 195 
GLY HA3  H  N N 196 
GLY HXT  H  N N 197 
HIS N    N  N N 198 
HIS CA   C  N S 199 
HIS C    C  N N 200 
HIS O    O  N N 201 
HIS CB   C  N N 202 
HIS CG   C  Y N 203 
HIS ND1  N  Y N 204 
HIS CD2  C  Y N 205 
HIS CE1  C  Y N 206 
HIS NE2  N  Y N 207 
HIS OXT  O  N N 208 
HIS H    H  N N 209 
HIS H2   H  N N 210 
HIS HA   H  N N 211 
HIS HB2  H  N N 212 
HIS HB3  H  N N 213 
HIS HD1  H  N N 214 
HIS HD2  H  N N 215 
HIS HE1  H  N N 216 
HIS HE2  H  N N 217 
HIS HXT  H  N N 218 
HOH O    O  N N 219 
HOH H1   H  N N 220 
HOH H2   H  N N 221 
ILE N    N  N N 222 
ILE CA   C  N S 223 
ILE C    C  N N 224 
ILE O    O  N N 225 
ILE CB   C  N S 226 
ILE CG1  C  N N 227 
ILE CG2  C  N N 228 
ILE CD1  C  N N 229 
ILE OXT  O  N N 230 
ILE H    H  N N 231 
ILE H2   H  N N 232 
ILE HA   H  N N 233 
ILE HB   H  N N 234 
ILE HG12 H  N N 235 
ILE HG13 H  N N 236 
ILE HG21 H  N N 237 
ILE HG22 H  N N 238 
ILE HG23 H  N N 239 
ILE HD11 H  N N 240 
ILE HD12 H  N N 241 
ILE HD13 H  N N 242 
ILE HXT  H  N N 243 
LEU N    N  N N 244 
LEU CA   C  N S 245 
LEU C    C  N N 246 
LEU O    O  N N 247 
LEU CB   C  N N 248 
LEU CG   C  N N 249 
LEU CD1  C  N N 250 
LEU CD2  C  N N 251 
LEU OXT  O  N N 252 
LEU H    H  N N 253 
LEU H2   H  N N 254 
LEU HA   H  N N 255 
LEU HB2  H  N N 256 
LEU HB3  H  N N 257 
LEU HG   H  N N 258 
LEU HD11 H  N N 259 
LEU HD12 H  N N 260 
LEU HD13 H  N N 261 
LEU HD21 H  N N 262 
LEU HD22 H  N N 263 
LEU HD23 H  N N 264 
LEU HXT  H  N N 265 
LYS N    N  N N 266 
LYS CA   C  N S 267 
LYS C    C  N N 268 
LYS O    O  N N 269 
LYS CB   C  N N 270 
LYS CG   C  N N 271 
LYS CD   C  N N 272 
LYS CE   C  N N 273 
LYS NZ   N  N N 274 
LYS OXT  O  N N 275 
LYS H    H  N N 276 
LYS H2   H  N N 277 
LYS HA   H  N N 278 
LYS HB2  H  N N 279 
LYS HB3  H  N N 280 
LYS HG2  H  N N 281 
LYS HG3  H  N N 282 
LYS HD2  H  N N 283 
LYS HD3  H  N N 284 
LYS HE2  H  N N 285 
LYS HE3  H  N N 286 
LYS HZ1  H  N N 287 
LYS HZ2  H  N N 288 
LYS HZ3  H  N N 289 
LYS HXT  H  N N 290 
MET N    N  N N 291 
MET CA   C  N S 292 
MET C    C  N N 293 
MET O    O  N N 294 
MET CB   C  N N 295 
MET CG   C  N N 296 
MET SD   S  N N 297 
MET CE   C  N N 298 
MET OXT  O  N N 299 
MET H    H  N N 300 
MET H2   H  N N 301 
MET HA   H  N N 302 
MET HB2  H  N N 303 
MET HB3  H  N N 304 
MET HG2  H  N N 305 
MET HG3  H  N N 306 
MET HE1  H  N N 307 
MET HE2  H  N N 308 
MET HE3  H  N N 309 
MET HXT  H  N N 310 
MG  MG   MG N N 311 
PHE N    N  N N 312 
PHE CA   C  N S 313 
PHE C    C  N N 314 
PHE O    O  N N 315 
PHE CB   C  N N 316 
PHE CG   C  Y N 317 
PHE CD1  C  Y N 318 
PHE CD2  C  Y N 319 
PHE CE1  C  Y N 320 
PHE CE2  C  Y N 321 
PHE CZ   C  Y N 322 
PHE OXT  O  N N 323 
PHE H    H  N N 324 
PHE H2   H  N N 325 
PHE HA   H  N N 326 
PHE HB2  H  N N 327 
PHE HB3  H  N N 328 
PHE HD1  H  N N 329 
PHE HD2  H  N N 330 
PHE HE1  H  N N 331 
PHE HE2  H  N N 332 
PHE HZ   H  N N 333 
PHE HXT  H  N N 334 
PRO N    N  N N 335 
PRO CA   C  N S 336 
PRO C    C  N N 337 
PRO O    O  N N 338 
PRO CB   C  N N 339 
PRO CG   C  N N 340 
PRO CD   C  N N 341 
PRO OXT  O  N N 342 
PRO H    H  N N 343 
PRO HA   H  N N 344 
PRO HB2  H  N N 345 
PRO HB3  H  N N 346 
PRO HG2  H  N N 347 
PRO HG3  H  N N 348 
PRO HD2  H  N N 349 
PRO HD3  H  N N 350 
PRO HXT  H  N N 351 
SER N    N  N N 352 
SER CA   C  N S 353 
SER C    C  N N 354 
SER O    O  N N 355 
SER CB   C  N N 356 
SER OG   O  N N 357 
SER OXT  O  N N 358 
SER H    H  N N 359 
SER H2   H  N N 360 
SER HA   H  N N 361 
SER HB2  H  N N 362 
SER HB3  H  N N 363 
SER HG   H  N N 364 
SER HXT  H  N N 365 
THR N    N  N N 366 
THR CA   C  N S 367 
THR C    C  N N 368 
THR O    O  N N 369 
THR CB   C  N R 370 
THR OG1  O  N N 371 
THR CG2  C  N N 372 
THR OXT  O  N N 373 
THR H    H  N N 374 
THR H2   H  N N 375 
THR HA   H  N N 376 
THR HB   H  N N 377 
THR HG1  H  N N 378 
THR HG21 H  N N 379 
THR HG22 H  N N 380 
THR HG23 H  N N 381 
THR HXT  H  N N 382 
TRP N    N  N N 383 
TRP CA   C  N S 384 
TRP C    C  N N 385 
TRP O    O  N N 386 
TRP CB   C  N N 387 
TRP CG   C  Y N 388 
TRP CD1  C  Y N 389 
TRP CD2  C  Y N 390 
TRP NE1  N  Y N 391 
TRP CE2  C  Y N 392 
TRP CE3  C  Y N 393 
TRP CZ2  C  Y N 394 
TRP CZ3  C  Y N 395 
TRP CH2  C  Y N 396 
TRP OXT  O  N N 397 
TRP H    H  N N 398 
TRP H2   H  N N 399 
TRP HA   H  N N 400 
TRP HB2  H  N N 401 
TRP HB3  H  N N 402 
TRP HD1  H  N N 403 
TRP HE1  H  N N 404 
TRP HE3  H  N N 405 
TRP HZ2  H  N N 406 
TRP HZ3  H  N N 407 
TRP HH2  H  N N 408 
TRP HXT  H  N N 409 
TYR N    N  N N 410 
TYR CA   C  N S 411 
TYR C    C  N N 412 
TYR O    O  N N 413 
TYR CB   C  N N 414 
TYR CG   C  Y N 415 
TYR CD1  C  Y N 416 
TYR CD2  C  Y N 417 
TYR CE1  C  Y N 418 
TYR CE2  C  Y N 419 
TYR CZ   C  Y N 420 
TYR OH   O  N N 421 
TYR OXT  O  N N 422 
TYR H    H  N N 423 
TYR H2   H  N N 424 
TYR HA   H  N N 425 
TYR HB2  H  N N 426 
TYR HB3  H  N N 427 
TYR HD1  H  N N 428 
TYR HD2  H  N N 429 
TYR HE1  H  N N 430 
TYR HE2  H  N N 431 
TYR HH   H  N N 432 
TYR HXT  H  N N 433 
VAL N    N  N N 434 
VAL CA   C  N S 435 
VAL C    C  N N 436 
VAL O    O  N N 437 
VAL CB   C  N N 438 
VAL CG1  C  N N 439 
VAL CG2  C  N N 440 
VAL OXT  O  N N 441 
VAL H    H  N N 442 
VAL H2   H  N N 443 
VAL HA   H  N N 444 
VAL HB   H  N N 445 
VAL HG11 H  N N 446 
VAL HG12 H  N N 447 
VAL HG13 H  N N 448 
VAL HG21 H  N N 449 
VAL HG22 H  N N 450 
VAL HG23 H  N N 451 
VAL HXT  H  N N 452 
# 
loop_
_chem_comp_bond.comp_id 
_chem_comp_bond.atom_id_1 
_chem_comp_bond.atom_id_2 
_chem_comp_bond.value_order 
_chem_comp_bond.pdbx_aromatic_flag 
_chem_comp_bond.pdbx_stereo_config 
_chem_comp_bond.pdbx_ordinal 
ALA N   CA   sing N N 1   
ALA N   H    sing N N 2   
ALA N   H2   sing N N 3   
ALA CA  C    sing N N 4   
ALA CA  CB   sing N N 5   
ALA CA  HA   sing N N 6   
ALA C   O    doub N N 7   
ALA C   OXT  sing N N 8   
ALA CB  HB1  sing N N 9   
ALA CB  HB2  sing N N 10  
ALA CB  HB3  sing N N 11  
ALA OXT HXT  sing N N 12  
ARG N   CA   sing N N 13  
ARG N   H    sing N N 14  
ARG N   H2   sing N N 15  
ARG CA  C    sing N N 16  
ARG CA  CB   sing N N 17  
ARG CA  HA   sing N N 18  
ARG C   O    doub N N 19  
ARG C   OXT  sing N N 20  
ARG CB  CG   sing N N 21  
ARG CB  HB2  sing N N 22  
ARG CB  HB3  sing N N 23  
ARG CG  CD   sing N N 24  
ARG CG  HG2  sing N N 25  
ARG CG  HG3  sing N N 26  
ARG CD  NE   sing N N 27  
ARG CD  HD2  sing N N 28  
ARG CD  HD3  sing N N 29  
ARG NE  CZ   sing N N 30  
ARG NE  HE   sing N N 31  
ARG CZ  NH1  sing N N 32  
ARG CZ  NH2  doub N N 33  
ARG NH1 HH11 sing N N 34  
ARG NH1 HH12 sing N N 35  
ARG NH2 HH21 sing N N 36  
ARG NH2 HH22 sing N N 37  
ARG OXT HXT  sing N N 38  
ASN N   CA   sing N N 39  
ASN N   H    sing N N 40  
ASN N   H2   sing N N 41  
ASN CA  C    sing N N 42  
ASN CA  CB   sing N N 43  
ASN CA  HA   sing N N 44  
ASN C   O    doub N N 45  
ASN C   OXT  sing N N 46  
ASN CB  CG   sing N N 47  
ASN CB  HB2  sing N N 48  
ASN CB  HB3  sing N N 49  
ASN CG  OD1  doub N N 50  
ASN CG  ND2  sing N N 51  
ASN ND2 HD21 sing N N 52  
ASN ND2 HD22 sing N N 53  
ASN OXT HXT  sing N N 54  
ASP N   CA   sing N N 55  
ASP N   H    sing N N 56  
ASP N   H2   sing N N 57  
ASP CA  C    sing N N 58  
ASP CA  CB   sing N N 59  
ASP CA  HA   sing N N 60  
ASP C   O    doub N N 61  
ASP C   OXT  sing N N 62  
ASP CB  CG   sing N N 63  
ASP CB  HB2  sing N N 64  
ASP CB  HB3  sing N N 65  
ASP CG  OD1  doub N N 66  
ASP CG  OD2  sing N N 67  
ASP OD2 HD2  sing N N 68  
ASP OXT HXT  sing N N 69  
CYS N   CA   sing N N 70  
CYS N   H    sing N N 71  
CYS N   H2   sing N N 72  
CYS CA  C    sing N N 73  
CYS CA  CB   sing N N 74  
CYS CA  HA   sing N N 75  
CYS C   O    doub N N 76  
CYS C   OXT  sing N N 77  
CYS CB  SG   sing N N 78  
CYS CB  HB2  sing N N 79  
CYS CB  HB3  sing N N 80  
CYS SG  HG   sing N N 81  
CYS OXT HXT  sing N N 82  
GJ4 C21 O22  sing N N 83  
GJ4 C21 C20  sing N N 84  
GJ4 C19 C20  sing N N 85  
GJ4 C19 C18  sing N N 86  
GJ4 C18 N17  sing N N 87  
GJ4 C29 C28  sing N N 88  
GJ4 C28 O30  doub N N 89  
GJ4 C28 C27  sing N N 90  
GJ4 N17 C15  sing N N 91  
GJ4 C02 C03  sing N N 92  
GJ4 C02 C01  sing N N 93  
GJ4 O16 C15  doub N N 94  
GJ4 C27 C03  sing Y N 95  
GJ4 C27 C25  doub Y N 96  
GJ4 C03 C04  doub Y N 97  
GJ4 C15 C14  sing N N 98  
GJ4 C25 C26  sing N N 99  
GJ4 C25 N24  sing Y N 100 
GJ4 C04 N24  sing Y N 101 
GJ4 C04 C05  sing N N 102 
GJ4 C05 C06  doub Y N 103 
GJ4 C05 N23  sing Y N 104 
GJ4 C06 S07  sing Y N 105 
GJ4 N23 C08  doub Y N 106 
GJ4 C14 N09  sing N N 107 
GJ4 C14 C13  sing N N 108 
GJ4 C08 S07  sing Y N 109 
GJ4 C08 N09  sing N N 110 
GJ4 C10 N09  sing N N 111 
GJ4 C10 C11  sing N N 112 
GJ4 C13 N12  sing N N 113 
GJ4 C11 N12  sing N N 114 
GJ4 C01 H1   sing N N 115 
GJ4 C01 H2   sing N N 116 
GJ4 C01 H3   sing N N 117 
GJ4 C02 H4   sing N N 118 
GJ4 C02 H5   sing N N 119 
GJ4 C06 H6   sing N N 120 
GJ4 C10 H7   sing N N 121 
GJ4 C10 H8   sing N N 122 
GJ4 C11 H9   sing N N 123 
GJ4 C11 H10  sing N N 124 
GJ4 C13 H11  sing N N 125 
GJ4 C13 H12  sing N N 126 
GJ4 C14 H13  sing N N 127 
GJ4 C18 H14  sing N N 128 
GJ4 C18 H15  sing N N 129 
GJ4 C21 H16  sing N N 130 
GJ4 C21 H17  sing N N 131 
GJ4 C26 H18  sing N N 132 
GJ4 C26 H19  sing N N 133 
GJ4 C26 H20  sing N N 134 
GJ4 C19 H21  sing N N 135 
GJ4 C19 H22  sing N N 136 
GJ4 C20 H23  sing N N 137 
GJ4 C20 H24  sing N N 138 
GJ4 C29 H25  sing N N 139 
GJ4 C29 H26  sing N N 140 
GJ4 C29 H27  sing N N 141 
GJ4 N12 H28  sing N N 142 
GJ4 N17 H30  sing N N 143 
GJ4 N24 H31  sing N N 144 
GJ4 O22 H32  sing N N 145 
GLN N   CA   sing N N 146 
GLN N   H    sing N N 147 
GLN N   H2   sing N N 148 
GLN CA  C    sing N N 149 
GLN CA  CB   sing N N 150 
GLN CA  HA   sing N N 151 
GLN C   O    doub N N 152 
GLN C   OXT  sing N N 153 
GLN CB  CG   sing N N 154 
GLN CB  HB2  sing N N 155 
GLN CB  HB3  sing N N 156 
GLN CG  CD   sing N N 157 
GLN CG  HG2  sing N N 158 
GLN CG  HG3  sing N N 159 
GLN CD  OE1  doub N N 160 
GLN CD  NE2  sing N N 161 
GLN NE2 HE21 sing N N 162 
GLN NE2 HE22 sing N N 163 
GLN OXT HXT  sing N N 164 
GLU N   CA   sing N N 165 
GLU N   H    sing N N 166 
GLU N   H2   sing N N 167 
GLU CA  C    sing N N 168 
GLU CA  CB   sing N N 169 
GLU CA  HA   sing N N 170 
GLU C   O    doub N N 171 
GLU C   OXT  sing N N 172 
GLU CB  CG   sing N N 173 
GLU CB  HB2  sing N N 174 
GLU CB  HB3  sing N N 175 
GLU CG  CD   sing N N 176 
GLU CG  HG2  sing N N 177 
GLU CG  HG3  sing N N 178 
GLU CD  OE1  doub N N 179 
GLU CD  OE2  sing N N 180 
GLU OE2 HE2  sing N N 181 
GLU OXT HXT  sing N N 182 
GLY N   CA   sing N N 183 
GLY N   H    sing N N 184 
GLY N   H2   sing N N 185 
GLY CA  C    sing N N 186 
GLY CA  HA2  sing N N 187 
GLY CA  HA3  sing N N 188 
GLY C   O    doub N N 189 
GLY C   OXT  sing N N 190 
GLY OXT HXT  sing N N 191 
HIS N   CA   sing N N 192 
HIS N   H    sing N N 193 
HIS N   H2   sing N N 194 
HIS CA  C    sing N N 195 
HIS CA  CB   sing N N 196 
HIS CA  HA   sing N N 197 
HIS C   O    doub N N 198 
HIS C   OXT  sing N N 199 
HIS CB  CG   sing N N 200 
HIS CB  HB2  sing N N 201 
HIS CB  HB3  sing N N 202 
HIS CG  ND1  sing Y N 203 
HIS CG  CD2  doub Y N 204 
HIS ND1 CE1  doub Y N 205 
HIS ND1 HD1  sing N N 206 
HIS CD2 NE2  sing Y N 207 
HIS CD2 HD2  sing N N 208 
HIS CE1 NE2  sing Y N 209 
HIS CE1 HE1  sing N N 210 
HIS NE2 HE2  sing N N 211 
HIS OXT HXT  sing N N 212 
HOH O   H1   sing N N 213 
HOH O   H2   sing N N 214 
ILE N   CA   sing N N 215 
ILE N   H    sing N N 216 
ILE N   H2   sing N N 217 
ILE CA  C    sing N N 218 
ILE CA  CB   sing N N 219 
ILE CA  HA   sing N N 220 
ILE C   O    doub N N 221 
ILE C   OXT  sing N N 222 
ILE CB  CG1  sing N N 223 
ILE CB  CG2  sing N N 224 
ILE CB  HB   sing N N 225 
ILE CG1 CD1  sing N N 226 
ILE CG1 HG12 sing N N 227 
ILE CG1 HG13 sing N N 228 
ILE CG2 HG21 sing N N 229 
ILE CG2 HG22 sing N N 230 
ILE CG2 HG23 sing N N 231 
ILE CD1 HD11 sing N N 232 
ILE CD1 HD12 sing N N 233 
ILE CD1 HD13 sing N N 234 
ILE OXT HXT  sing N N 235 
LEU N   CA   sing N N 236 
LEU N   H    sing N N 237 
LEU N   H2   sing N N 238 
LEU CA  C    sing N N 239 
LEU CA  CB   sing N N 240 
LEU CA  HA   sing N N 241 
LEU C   O    doub N N 242 
LEU C   OXT  sing N N 243 
LEU CB  CG   sing N N 244 
LEU CB  HB2  sing N N 245 
LEU CB  HB3  sing N N 246 
LEU CG  CD1  sing N N 247 
LEU CG  CD2  sing N N 248 
LEU CG  HG   sing N N 249 
LEU CD1 HD11 sing N N 250 
LEU CD1 HD12 sing N N 251 
LEU CD1 HD13 sing N N 252 
LEU CD2 HD21 sing N N 253 
LEU CD2 HD22 sing N N 254 
LEU CD2 HD23 sing N N 255 
LEU OXT HXT  sing N N 256 
LYS N   CA   sing N N 257 
LYS N   H    sing N N 258 
LYS N   H2   sing N N 259 
LYS CA  C    sing N N 260 
LYS CA  CB   sing N N 261 
LYS CA  HA   sing N N 262 
LYS C   O    doub N N 263 
LYS C   OXT  sing N N 264 
LYS CB  CG   sing N N 265 
LYS CB  HB2  sing N N 266 
LYS CB  HB3  sing N N 267 
LYS CG  CD   sing N N 268 
LYS CG  HG2  sing N N 269 
LYS CG  HG3  sing N N 270 
LYS CD  CE   sing N N 271 
LYS CD  HD2  sing N N 272 
LYS CD  HD3  sing N N 273 
LYS CE  NZ   sing N N 274 
LYS CE  HE2  sing N N 275 
LYS CE  HE3  sing N N 276 
LYS NZ  HZ1  sing N N 277 
LYS NZ  HZ2  sing N N 278 
LYS NZ  HZ3  sing N N 279 
LYS OXT HXT  sing N N 280 
MET N   CA   sing N N 281 
MET N   H    sing N N 282 
MET N   H2   sing N N 283 
MET CA  C    sing N N 284 
MET CA  CB   sing N N 285 
MET CA  HA   sing N N 286 
MET C   O    doub N N 287 
MET C   OXT  sing N N 288 
MET CB  CG   sing N N 289 
MET CB  HB2  sing N N 290 
MET CB  HB3  sing N N 291 
MET CG  SD   sing N N 292 
MET CG  HG2  sing N N 293 
MET CG  HG3  sing N N 294 
MET SD  CE   sing N N 295 
MET CE  HE1  sing N N 296 
MET CE  HE2  sing N N 297 
MET CE  HE3  sing N N 298 
MET OXT HXT  sing N N 299 
PHE N   CA   sing N N 300 
PHE N   H    sing N N 301 
PHE N   H2   sing N N 302 
PHE CA  C    sing N N 303 
PHE CA  CB   sing N N 304 
PHE CA  HA   sing N N 305 
PHE C   O    doub N N 306 
PHE C   OXT  sing N N 307 
PHE CB  CG   sing N N 308 
PHE CB  HB2  sing N N 309 
PHE CB  HB3  sing N N 310 
PHE CG  CD1  doub Y N 311 
PHE CG  CD2  sing Y N 312 
PHE CD1 CE1  sing Y N 313 
PHE CD1 HD1  sing N N 314 
PHE CD2 CE2  doub Y N 315 
PHE CD2 HD2  sing N N 316 
PHE CE1 CZ   doub Y N 317 
PHE CE1 HE1  sing N N 318 
PHE CE2 CZ   sing Y N 319 
PHE CE2 HE2  sing N N 320 
PHE CZ  HZ   sing N N 321 
PHE OXT HXT  sing N N 322 
PRO N   CA   sing N N 323 
PRO N   CD   sing N N 324 
PRO N   H    sing N N 325 
PRO CA  C    sing N N 326 
PRO CA  CB   sing N N 327 
PRO CA  HA   sing N N 328 
PRO C   O    doub N N 329 
PRO C   OXT  sing N N 330 
PRO CB  CG   sing N N 331 
PRO CB  HB2  sing N N 332 
PRO CB  HB3  sing N N 333 
PRO CG  CD   sing N N 334 
PRO CG  HG2  sing N N 335 
PRO CG  HG3  sing N N 336 
PRO CD  HD2  sing N N 337 
PRO CD  HD3  sing N N 338 
PRO OXT HXT  sing N N 339 
SER N   CA   sing N N 340 
SER N   H    sing N N 341 
SER N   H2   sing N N 342 
SER CA  C    sing N N 343 
SER CA  CB   sing N N 344 
SER CA  HA   sing N N 345 
SER C   O    doub N N 346 
SER C   OXT  sing N N 347 
SER CB  OG   sing N N 348 
SER CB  HB2  sing N N 349 
SER CB  HB3  sing N N 350 
SER OG  HG   sing N N 351 
SER OXT HXT  sing N N 352 
THR N   CA   sing N N 353 
THR N   H    sing N N 354 
THR N   H2   sing N N 355 
THR CA  C    sing N N 356 
THR CA  CB   sing N N 357 
THR CA  HA   sing N N 358 
THR C   O    doub N N 359 
THR C   OXT  sing N N 360 
THR CB  OG1  sing N N 361 
THR CB  CG2  sing N N 362 
THR CB  HB   sing N N 363 
THR OG1 HG1  sing N N 364 
THR CG2 HG21 sing N N 365 
THR CG2 HG22 sing N N 366 
THR CG2 HG23 sing N N 367 
THR OXT HXT  sing N N 368 
TRP N   CA   sing N N 369 
TRP N   H    sing N N 370 
TRP N   H2   sing N N 371 
TRP CA  C    sing N N 372 
TRP CA  CB   sing N N 373 
TRP CA  HA   sing N N 374 
TRP C   O    doub N N 375 
TRP C   OXT  sing N N 376 
TRP CB  CG   sing N N 377 
TRP CB  HB2  sing N N 378 
TRP CB  HB3  sing N N 379 
TRP CG  CD1  doub Y N 380 
TRP CG  CD2  sing Y N 381 
TRP CD1 NE1  sing Y N 382 
TRP CD1 HD1  sing N N 383 
TRP CD2 CE2  doub Y N 384 
TRP CD2 CE3  sing Y N 385 
TRP NE1 CE2  sing Y N 386 
TRP NE1 HE1  sing N N 387 
TRP CE2 CZ2  sing Y N 388 
TRP CE3 CZ3  doub Y N 389 
TRP CE3 HE3  sing N N 390 
TRP CZ2 CH2  doub Y N 391 
TRP CZ2 HZ2  sing N N 392 
TRP CZ3 CH2  sing Y N 393 
TRP CZ3 HZ3  sing N N 394 
TRP CH2 HH2  sing N N 395 
TRP OXT HXT  sing N N 396 
TYR N   CA   sing N N 397 
TYR N   H    sing N N 398 
TYR N   H2   sing N N 399 
TYR CA  C    sing N N 400 
TYR CA  CB   sing N N 401 
TYR CA  HA   sing N N 402 
TYR C   O    doub N N 403 
TYR C   OXT  sing N N 404 
TYR CB  CG   sing N N 405 
TYR CB  HB2  sing N N 406 
TYR CB  HB3  sing N N 407 
TYR CG  CD1  doub Y N 408 
TYR CG  CD2  sing Y N 409 
TYR CD1 CE1  sing Y N 410 
TYR CD1 HD1  sing N N 411 
TYR CD2 CE2  doub Y N 412 
TYR CD2 HD2  sing N N 413 
TYR CE1 CZ   doub Y N 414 
TYR CE1 HE1  sing N N 415 
TYR CE2 CZ   sing Y N 416 
TYR CE2 HE2  sing N N 417 
TYR CZ  OH   sing N N 418 
TYR OH  HH   sing N N 419 
TYR OXT HXT  sing N N 420 
VAL N   CA   sing N N 421 
VAL N   H    sing N N 422 
VAL N   H2   sing N N 423 
VAL CA  C    sing N N 424 
VAL CA  CB   sing N N 425 
VAL CA  HA   sing N N 426 
VAL C   O    doub N N 427 
VAL C   OXT  sing N N 428 
VAL CB  CG1  sing N N 429 
VAL CB  CG2  sing N N 430 
VAL CB  HB   sing N N 431 
VAL CG1 HG11 sing N N 432 
VAL CG1 HG12 sing N N 433 
VAL CG1 HG13 sing N N 434 
VAL CG2 HG21 sing N N 435 
VAL CG2 HG22 sing N N 436 
VAL CG2 HG23 sing N N 437 
VAL OXT HXT  sing N N 438 
# 
_pdbx_audit_support.funding_organization   'Italian Association for Cancer Research' 
_pdbx_audit_support.country                Italy 
_pdbx_audit_support.grant_number           'MFAG 2017 - ID. 19882' 
_pdbx_audit_support.ordinal                1 
# 
_pdbx_entity_instance_feature.ordinal        1 
_pdbx_entity_instance_feature.comp_id        GJ4 
_pdbx_entity_instance_feature.asym_id        ? 
_pdbx_entity_instance_feature.seq_num        ? 
_pdbx_entity_instance_feature.auth_comp_id   GJ4 
_pdbx_entity_instance_feature.auth_asym_id   ? 
_pdbx_entity_instance_feature.auth_seq_num   ? 
_pdbx_entity_instance_feature.feature_type   'SUBJECT OF INVESTIGATION' 
_pdbx_entity_instance_feature.details        ? 
# 
_pdbx_initial_refinement_model.id               1 
_pdbx_initial_refinement_model.entity_id_list   ? 
_pdbx_initial_refinement_model.type             'experimental model' 
_pdbx_initial_refinement_model.source_name      PDB 
_pdbx_initial_refinement_model.accession_code   5MGJ 
_pdbx_initial_refinement_model.details          ? 
# 
_atom_sites.entry_id                    7QYV 
_atom_sites.Cartn_transf_matrix[1][1]   ? 
_atom_sites.Cartn_transf_matrix[1][2]   ? 
_atom_sites.Cartn_transf_matrix[1][3]   ? 
_atom_sites.Cartn_transf_matrix[2][1]   ? 
_atom_sites.Cartn_transf_matrix[2][2]   ? 
_atom_sites.Cartn_transf_matrix[2][3]   ? 
_atom_sites.Cartn_transf_matrix[3][1]   ? 
_atom_sites.Cartn_transf_matrix[3][2]   ? 
_atom_sites.Cartn_transf_matrix[3][3]   ? 
_atom_sites.Cartn_transf_vector[1]      ? 
_atom_sites.Cartn_transf_vector[2]      ? 
_atom_sites.Cartn_transf_vector[3]      ? 
_atom_sites.fract_transf_matrix[1][1]   0.00508643 
_atom_sites.fract_transf_matrix[1][2]   -0.00956690 
_atom_sites.fract_transf_matrix[1][3]   0.00581393 
_atom_sites.fract_transf_matrix[2][1]   -0.00050870 
_atom_sites.fract_transf_matrix[2][2]   -0.01121816 
_atom_sites.fract_transf_matrix[2][3]   -0.00501101 
_atom_sites.fract_transf_matrix[3][1]   0.02600322 
_atom_sites.fract_transf_matrix[3][2]   0.00517728 
_atom_sites.fract_transf_matrix[3][3]   -0.01423014 
_atom_sites.fract_transf_vector[1]      0.147251 
_atom_sites.fract_transf_vector[2]      -0.360260 
_atom_sites.fract_transf_vector[3]      1.000949 
_atom_sites.solution_primary            ? 
_atom_sites.solution_secondary          ? 
_atom_sites.solution_hydrogens          ? 
_atom_sites.special_details             ? 
# 
loop_
_atom_type.symbol 
C  
MG 
N  
O  
S  
# 
loop_
_atom_site.group_PDB 
_atom_site.id 
_atom_site.type_symbol 
_atom_site.label_atom_id 
_atom_site.label_alt_id 
_atom_site.label_comp_id 
_atom_site.label_asym_id 
_atom_site.label_entity_id 
_atom_site.label_seq_id 
_atom_site.pdbx_PDB_ins_code 
_atom_site.Cartn_x 
_atom_site.Cartn_y 
_atom_site.Cartn_z 
_atom_site.occupancy 
_atom_site.B_iso_or_equiv 
_atom_site.pdbx_formal_charge 
_atom_site.auth_seq_id 
_atom_site.auth_comp_id 
_atom_site.auth_asym_id 
_atom_site.auth_atom_id 
_atom_site.pdbx_PDB_model_num 
ATOM   1   N  N   . HIS A 1 3   ? 1.586   -16.252 -15.873 1.00 90.50 ? 1796 HIS A N   1 
ATOM   2   C  CA  . HIS A 1 3   ? 0.850   -15.853 -14.641 1.00 89.42 ? 1796 HIS A CA  1 
ATOM   3   C  C   . HIS A 1 3   ? 1.854   -15.552 -13.536 1.00 88.04 ? 1796 HIS A C   1 
ATOM   4   O  O   . HIS A 1 3   ? 1.485   -15.564 -12.358 1.00 82.07 ? 1796 HIS A O   1 
ATOM   5   C  CB  . HIS A 1 3   ? -0.123  -16.929 -14.181 1.00 87.67 ? 1796 HIS A CB  1 
ATOM   6   C  CG  . HIS A 1 3   ? -1.003  -16.439 -13.087 1.00 88.42 ? 1796 HIS A CG  1 
ATOM   7   N  ND1 . HIS A 1 3   ? -1.564  -17.292 -12.179 1.00 83.86 ? 1796 HIS A ND1 1 
ATOM   8   C  CD2 . HIS A 1 3   ? -1.418  -15.201 -12.763 1.00 82.86 ? 1796 HIS A CD2 1 
ATOM   9   C  CE1 . HIS A 1 3   ? -2.273  -16.603 -11.324 1.00 81.94 ? 1796 HIS A CE1 1 
ATOM   10  N  NE2 . HIS A 1 3   ? -2.213  -15.319 -11.671 1.00 83.00 ? 1796 HIS A NE2 1 
ATOM   11  N  N   . SER A 1 4   ? 3.106   -15.410 -13.940 1.00 88.81 ? 1797 SER A N   1 
ATOM   12  C  CA  . SER A 1 4   ? 4.156   -15.003 -13.017 1.00 82.35 ? 1797 SER A CA  1 
ATOM   13  C  C   . SER A 1 4   ? 4.380   -13.493 -13.007 1.00 80.35 ? 1797 SER A C   1 
ATOM   14  O  O   . SER A 1 4   ? 5.509   -13.036 -12.796 1.00 73.54 ? 1797 SER A O   1 
ATOM   15  C  CB  . SER A 1 4   ? 5.456   -15.736 -13.332 1.00 82.28 ? 1797 SER A CB  1 
ATOM   16  O  OG  . SER A 1 4   ? 6.157   -16.004 -12.130 1.00 84.76 ? 1797 SER A OG  1 
ATOM   17  N  N   . ASP A 1 5   ? 3.327   -12.704 -13.242 1.00 85.75 ? 1798 ASP A N   1 
ATOM   18  C  CA  . ASP A 1 5   ? 3.355   -11.323 -12.777 1.00 83.06 ? 1798 ASP A CA  1 
ATOM   19  C  C   . ASP A 1 5   ? 3.329   -11.269 -11.256 1.00 75.59 ? 1798 ASP A C   1 
ATOM   20  O  O   . ASP A 1 5   ? 3.708   -10.250 -10.667 1.00 74.75 ? 1798 ASP A O   1 
ATOM   21  C  CB  . ASP A 1 5   ? 2.184   -10.517 -13.357 1.00 82.61 ? 1798 ASP A CB  1 
ATOM   22  C  CG  . ASP A 1 5   ? 2.327   -10.237 -14.842 1.00 80.84 ? 1798 ASP A CG  1 
ATOM   23  O  OD1 . ASP A 1 5   ? 3.447   -10.409 -15.374 1.00 79.91 ? 1798 ASP A OD1 1 
ATOM   24  O  OD2 . ASP A 1 5   ? 1.322   -9.845  -15.473 1.00 81.47 ? 1798 ASP A OD2 1 
ATOM   25  N  N   . LEU A 1 6   ? 2.893   -12.359 -10.621 1.00 67.09 ? 1799 LEU A N   1 
ATOM   26  C  CA  . LEU A 1 6   ? 2.976   -12.478 -9.173  1.00 66.12 ? 1799 LEU A CA  1 
ATOM   27  C  C   . LEU A 1 6   ? 4.422   -12.462 -8.696  1.00 64.13 ? 1799 LEU A C   1 
ATOM   28  O  O   . LEU A 1 6   ? 4.694   -12.043 -7.565  1.00 59.87 ? 1799 LEU A O   1 
ATOM   29  C  CB  . LEU A 1 6   ? 2.268   -13.756 -8.719  1.00 63.61 ? 1799 LEU A CB  1 
ATOM   30  C  CG  . LEU A 1 6   ? 0.770   -13.655 -8.400  1.00 73.44 ? 1799 LEU A CG  1 
ATOM   31  C  CD1 . LEU A 1 6   ? -0.006  -12.973 -9.522  1.00 71.21 ? 1799 LEU A CD1 1 
ATOM   32  C  CD2 . LEU A 1 6   ? 0.183   -15.032 -8.106  1.00 77.56 ? 1799 LEU A CD2 1 
ATOM   33  N  N   . THR A 1 7   ? 5.356   -12.913 -9.538  1.00 61.61 ? 1800 THR A N   1 
ATOM   34  C  CA  . THR A 1 7   ? 6.771   -12.809 -9.200  1.00 57.19 ? 1800 THR A CA  1 
ATOM   35  C  C   . THR A 1 7   ? 7.203   -11.351 -9.095  1.00 55.83 ? 1800 THR A C   1 
ATOM   36  O  O   . THR A 1 7   ? 7.932   -10.970 -8.166  1.00 48.35 ? 1800 THR A O   1 
ATOM   37  C  CB  . THR A 1 7   ? 7.607   -13.547 -10.245 1.00 67.01 ? 1800 THR A CB  1 
ATOM   38  O  OG1 . THR A 1 7   ? 7.288   -14.945 -10.214 1.00 70.51 ? 1800 THR A OG1 1 
ATOM   39  C  CG2 . THR A 1 7   ? 9.098   -13.359 -9.978  1.00 55.54 ? 1800 THR A CG2 1 
ATOM   40  N  N   . PHE A 1 8   ? 6.757   -10.513 -10.033 1.00 52.17 ? 1801 PHE A N   1 
ATOM   41  C  CA  . PHE A 1 8   ? 7.084   -9.101  -9.915  1.00 54.50 ? 1801 PHE A CA  1 
ATOM   42  C  C   . PHE A 1 8   ? 6.321   -8.451  -8.771  1.00 49.19 ? 1801 PHE A C   1 
ATOM   43  O  O   . PHE A 1 8   ? 6.822   -7.507  -8.157  1.00 49.42 ? 1801 PHE A O   1 
ATOM   44  C  CB  . PHE A 1 8   ? 6.820   -8.355  -11.223 1.00 65.94 ? 1801 PHE A CB  1 
ATOM   45  C  CG  . PHE A 1 8   ? 7.600   -7.071  -11.335 1.00 77.30 ? 1801 PHE A CG  1 
ATOM   46  C  CD1 . PHE A 1 8   ? 6.992   -5.846  -11.107 1.00 77.63 ? 1801 PHE A CD1 1 
ATOM   47  C  CD2 . PHE A 1 8   ? 8.958   -7.096  -11.624 1.00 75.32 ? 1801 PHE A CD2 1 
ATOM   48  C  CE1 . PHE A 1 8   ? 7.724   -4.665  -11.192 1.00 74.73 ? 1801 PHE A CE1 1 
ATOM   49  C  CE2 . PHE A 1 8   ? 9.692   -5.920  -11.711 1.00 71.36 ? 1801 PHE A CE2 1 
ATOM   50  C  CZ  . PHE A 1 8   ? 9.074   -4.705  -11.493 1.00 68.72 ? 1801 PHE A CZ  1 
ATOM   51  N  N   . CYS A 1 9   ? 5.120   -8.941  -8.462  1.00 52.05 ? 1802 CYS A N   1 
ATOM   52  C  CA  . CYS A 1 9   ? 4.448   -8.489  -7.250  1.00 49.10 ? 1802 CYS A CA  1 
ATOM   53  C  C   . CYS A 1 9   ? 5.299   -8.776  -6.019  1.00 47.27 ? 1802 CYS A C   1 
ATOM   54  O  O   . CYS A 1 9   ? 5.416   -7.931  -5.124  1.00 39.77 ? 1802 CYS A O   1 
ATOM   55  C  CB  . CYS A 1 9   ? 3.075   -9.150  -7.134  1.00 51.38 ? 1802 CYS A CB  1 
ATOM   56  S  SG  . CYS A 1 9   ? 1.938   -8.655  -8.447  1.00 61.32 ? 1802 CYS A SG  1 
ATOM   57  N  N   . GLU A 1 10  ? 5.925   -9.956  -5.971  1.00 45.03 ? 1803 GLU A N   1 
ATOM   58  C  CA  . GLU A 1 10  ? 6.821   -10.286 -4.868  1.00 42.11 ? 1803 GLU A CA  1 
ATOM   59  C  C   . GLU A 1 10  ? 7.996   -9.320  -4.808  1.00 43.95 ? 1803 GLU A C   1 
ATOM   60  O  O   . GLU A 1 10  ? 8.344   -8.812  -3.733  1.00 44.45 ? 1803 GLU A O   1 
ATOM   61  C  CB  . GLU A 1 10  ? 7.322   -11.723 -5.011  1.00 46.63 ? 1803 GLU A CB  1 
ATOM   62  C  CG  . GLU A 1 10  ? 6.298   -12.776 -4.651  1.00 47.77 ? 1803 GLU A CG  1 
ATOM   63  C  CD  . GLU A 1 10  ? 6.140   -12.945 -3.149  1.00 51.01 ? 1803 GLU A CD  1 
ATOM   64  O  OE1 . GLU A 1 10  ? 5.164   -13.603 -2.730  1.00 61.14 ? 1803 GLU A OE1 1 
ATOM   65  O  OE2 . GLU A 1 10  ? 6.988   -12.421 -2.391  1.00 55.57 ? 1803 GLU A OE2 1 
ATOM   66  N  N   . ILE A 1 11  ? 8.628   -9.060  -5.957  1.00 44.54 ? 1804 ILE A N   1 
ATOM   67  C  CA  . ILE A 1 11  ? 9.782   -8.160  -5.982  1.00 41.87 ? 1804 ILE A CA  1 
ATOM   68  C  C   . ILE A 1 11  ? 9.385   -6.772  -5.497  1.00 39.37 ? 1804 ILE A C   1 
ATOM   69  O  O   . ILE A 1 11  ? 9.998   -6.206  -4.582  1.00 42.10 ? 1804 ILE A O   1 
ATOM   70  C  CB  . ILE A 1 11  ? 10.382  -8.103  -7.398  1.00 43.90 ? 1804 ILE A CB  1 
ATOM   71  C  CG1 . ILE A 1 11  ? 10.858  -9.492  -7.829  1.00 47.65 ? 1804 ILE A CG1 1 
ATOM   72  C  CG2 . ILE A 1 11  ? 11.510  -7.088  -7.452  1.00 44.93 ? 1804 ILE A CG2 1 
ATOM   73  C  CD1 . ILE A 1 11  ? 11.120  -9.615  -9.312  1.00 52.23 ? 1804 ILE A CD1 1 
ATOM   74  N  N   . ILE A 1 12  ? 8.335   -6.214  -6.097  1.00 41.63 ? 1805 ILE A N   1 
ATOM   75  C  CA  . ILE A 1 12  ? 7.937   -4.844  -5.801  1.00 40.19 ? 1805 ILE A CA  1 
ATOM   76  C  C   . ILE A 1 12  ? 7.463   -4.718  -4.352  1.00 42.14 ? 1805 ILE A C   1 
ATOM   77  O  O   . ILE A 1 12  ? 7.743   -3.717  -3.681  1.00 40.72 ? 1805 ILE A O   1 
ATOM   78  C  CB  . ILE A 1 12  ? 6.880   -4.390  -6.831  1.00 45.43 ? 1805 ILE A CB  1 
ATOM   79  C  CG1 . ILE A 1 12  ? 6.992   -2.891  -7.119  1.00 55.40 ? 1805 ILE A CG1 1 
ATOM   80  C  CG2 . ILE A 1 12  ? 5.467   -4.759  -6.403  1.00 49.62 ? 1805 ILE A CG2 1 
ATOM   81  C  CD1 . ILE A 1 12  ? 6.413   -2.019  -6.047  1.00 51.80 ? 1805 ILE A CD1 1 
ATOM   82  N  N   . LEU A 1 13  ? 6.780   -5.741  -3.827  1.00 38.26 ? 1806 LEU A N   1 
ATOM   83  C  CA  . LEU A 1 13  ? 6.327   -5.659  -2.443  1.00 40.22 ? 1806 LEU A CA  1 
ATOM   84  C  C   . LEU A 1 13  ? 7.500   -5.762  -1.479  1.00 38.62 ? 1806 LEU A C   1 
ATOM   85  O  O   . LEU A 1 13  ? 7.539   -5.053  -0.468  1.00 36.55 ? 1806 LEU A O   1 
ATOM   86  C  CB  . LEU A 1 13  ? 5.287   -6.742  -2.145  1.00 41.31 ? 1806 LEU A CB  1 
ATOM   87  C  CG  . LEU A 1 13  ? 4.738   -6.703  -0.710  1.00 46.55 ? 1806 LEU A CG  1 
ATOM   88  C  CD1 . LEU A 1 13  ? 4.300   -5.290  -0.323  1.00 43.25 ? 1806 LEU A CD1 1 
ATOM   89  C  CD2 . LEU A 1 13  ? 3.585   -7.687  -0.522  1.00 43.96 ? 1806 LEU A CD2 1 
ATOM   90  N  N   . MET A 1 14  ? 8.466   -6.635  -1.775  1.00 45.22 ? 1807 MET A N   1 
ATOM   91  C  CA  . MET A 1 14  ? 9.696   -6.682  -0.988  1.00 38.31 ? 1807 MET A CA  1 
ATOM   92  C  C   . MET A 1 14  ? 10.368  -5.315  -0.949  1.00 38.94 ? 1807 MET A C   1 
ATOM   93  O  O   . MET A 1 14  ? 10.771  -4.822  0.118   1.00 40.32 ? 1807 MET A O   1 
ATOM   94  C  CB  . MET A 1 14  ? 10.635  -7.730  -1.585  1.00 46.25 ? 1807 MET A CB  1 
ATOM   95  C  CG  . MET A 1 14  ? 11.953  -7.898  -0.862  1.00 50.35 ? 1807 MET A CG  1 
ATOM   96  S  SD  . MET A 1 14  ? 13.203  -8.612  -1.950  1.00 64.62 ? 1807 MET A SD  1 
ATOM   97  C  CE  . MET A 1 14  ? 13.848  -7.132  -2.734  1.00 53.04 ? 1807 MET A CE  1 
ATOM   98  N  N   . GLU A 1 15  ? 10.474  -4.672  -2.111  1.00 36.32 ? 1808 GLU A N   1 
ATOM   99  C  CA  . GLU A 1 15  ? 11.181  -3.399  -2.171  1.00 44.09 ? 1808 GLU A CA  1 
ATOM   100 C  C   . GLU A 1 15  ? 10.420  -2.304  -1.435  1.00 38.79 ? 1808 GLU A C   1 
ATOM   101 O  O   . GLU A 1 15  ? 11.031  -1.453  -0.779  1.00 40.49 ? 1808 GLU A O   1 
ATOM   102 C  CB  . GLU A 1 15  ? 11.436  -3.017  -3.628  1.00 46.46 ? 1808 GLU A CB  1 
ATOM   103 C  CG  . GLU A 1 15  ? 12.462  -3.920  -4.303  1.00 44.57 ? 1808 GLU A CG  1 
ATOM   104 C  CD  . GLU A 1 15  ? 12.628  -3.618  -5.780  1.00 60.26 ? 1808 GLU A CD  1 
ATOM   105 O  OE1 . GLU A 1 15  ? 11.781  -2.887  -6.333  1.00 62.58 ? 1808 GLU A OE1 1 
ATOM   106 O  OE2 . GLU A 1 15  ? 13.604  -4.110  -6.388  1.00 67.09 ? 1808 GLU A OE2 1 
ATOM   107 N  N   . MET A 1 16  ? 9.090   -2.318  -1.507  1.00 37.25 ? 1809 MET A N   1 
ATOM   108 C  CA  . MET A 1 16  ? 8.327   -1.334  -0.748  1.00 41.27 ? 1809 MET A CA  1 
ATOM   109 C  C   . MET A 1 16  ? 8.432   -1.595  0.747   1.00 39.73 ? 1809 MET A C   1 
ATOM   110 O  O   . MET A 1 16  ? 8.563   -0.655  1.538   1.00 35.75 ? 1809 MET A O   1 
ATOM   111 C  CB  . MET A 1 16  ? 6.867   -1.334  -1.192  1.00 41.60 ? 1809 MET A CB  1 
ATOM   112 C  CG  . MET A 1 16  ? 6.668   -0.798  -2.593  1.00 48.31 ? 1809 MET A CG  1 
ATOM   113 S  SD  . MET A 1 16  ? 4.946   -0.429  -2.950  1.00 49.90 ? 1809 MET A SD  1 
ATOM   114 C  CE  . MET A 1 16  ? 4.221   -2.070  -2.924  1.00 47.12 ? 1809 MET A CE  1 
ATOM   115 N  N   . GLU A 1 17  ? 8.385   -2.867  1.150   1.00 40.14 ? 1810 GLU A N   1 
ATOM   116 C  CA  . GLU A 1 17  ? 8.511   -3.217  2.560   1.00 41.96 ? 1810 GLU A CA  1 
ATOM   117 C  C   . GLU A 1 17  ? 9.845   -2.773  3.143   1.00 44.13 ? 1810 GLU A C   1 
ATOM   118 O  O   . GLU A 1 17  ? 9.905   -2.398  4.320   1.00 45.05 ? 1810 GLU A O   1 
ATOM   119 C  CB  . GLU A 1 17  ? 8.339   -4.724  2.746   1.00 44.65 ? 1810 GLU A CB  1 
ATOM   120 C  CG  . GLU A 1 17  ? 6.899   -5.193  2.743   1.00 45.80 ? 1810 GLU A CG  1 
ATOM   121 C  CD  . GLU A 1 17  ? 6.790   -6.706  2.748   1.00 48.80 ? 1810 GLU A CD  1 
ATOM   122 O  OE1 . GLU A 1 17  ? 7.621   -7.368  2.092   1.00 45.92 ? 1810 GLU A OE1 1 
ATOM   123 O  OE2 . GLU A 1 17  ? 5.874   -7.232  3.411   1.00 48.00 ? 1810 GLU A OE2 1 
ATOM   124 N  N   . SER A 1 18  ? 10.922  -2.803  2.351   1.00 42.39 ? 1811 SER A N   1 
ATOM   125 C  CA  . SER A 1 18  ? 12.228  -2.388  2.859   1.00 48.01 ? 1811 SER A CA  1 
ATOM   126 C  C   . SER A 1 18  ? 12.535  -0.906  2.638   1.00 48.35 ? 1811 SER A C   1 
ATOM   127 O  O   . SER A 1 18  ? 13.567  -0.427  3.122   1.00 44.86 ? 1811 SER A O   1 
ATOM   128 C  CB  . SER A 1 18  ? 13.334  -3.236  2.226   1.00 43.31 ? 1811 SER A CB  1 
ATOM   129 O  OG  . SER A 1 18  ? 13.341  -3.081  0.822   1.00 54.10 ? 1811 SER A OG  1 
ATOM   130 N  N   . HIS A 1 19  ? 11.671  -0.172  1.941   1.00 40.88 ? 1812 HIS A N   1 
ATOM   131 C  CA  . HIS A 1 19  ? 11.909  1.241   1.661   1.00 37.90 ? 1812 HIS A CA  1 
ATOM   132 C  C   . HIS A 1 19  ? 11.918  2.069   2.948   1.00 42.07 ? 1812 HIS A C   1 
ATOM   133 O  O   . HIS A 1 19  ? 11.182  1.788   3.898   1.00 38.78 ? 1812 HIS A O   1 
ATOM   134 C  CB  . HIS A 1 19  ? 10.825  1.758   0.709   1.00 37.60 ? 1812 HIS A CB  1 
ATOM   135 C  CG  . HIS A 1 19  ? 11.197  3.008   -0.023  1.00 38.70 ? 1812 HIS A CG  1 
ATOM   136 N  ND1 . HIS A 1 19  ? 11.395  4.214   0.614   1.00 39.11 ? 1812 HIS A ND1 1 
ATOM   137 C  CD2 . HIS A 1 19  ? 11.385  3.246   -1.344  1.00 37.71 ? 1812 HIS A CD2 1 
ATOM   138 C  CE1 . HIS A 1 19  ? 11.700  5.137   -0.280  1.00 39.20 ? 1812 HIS A CE1 1 
ATOM   139 N  NE2 . HIS A 1 19  ? 11.697  4.576   -1.476  1.00 40.55 ? 1812 HIS A NE2 1 
ATOM   140 N  N   . ASP A 1 20  ? 12.755  3.114   2.965   1.00 38.58 ? 1813 ASP A N   1 
ATOM   141 C  CA  . ASP A 1 20  ? 12.840  3.993   4.134   1.00 36.39 ? 1813 ASP A CA  1 
ATOM   142 C  C   . ASP A 1 20  ? 11.500  4.646   4.452   1.00 39.22 ? 1813 ASP A C   1 
ATOM   143 O  O   . ASP A 1 20  ? 11.135  4.792   5.624   1.00 39.74 ? 1813 ASP A O   1 
ATOM   144 C  CB  . ASP A 1 20  ? 13.887  5.085   3.912   1.00 44.20 ? 1813 ASP A CB  1 
ATOM   145 C  CG  . ASP A 1 20  ? 15.304  4.612   4.176   1.00 52.76 ? 1813 ASP A CG  1 
ATOM   146 O  OD1 . ASP A 1 20  ? 15.481  3.445   4.582   1.00 54.65 ? 1813 ASP A OD1 1 
ATOM   147 O  OD2 . ASP A 1 20  ? 16.241  5.419   3.976   1.00 48.22 ? 1813 ASP A OD2 1 
ATOM   148 N  N   . ALA A 1 21  ? 10.769  5.074   3.428   1.00 37.08 ? 1814 ALA A N   1 
ATOM   149 C  CA  . ALA A 1 21  ? 9.528   5.812   3.628   1.00 38.72 ? 1814 ALA A CA  1 
ATOM   150 C  C   . ALA A 1 21  ? 8.316   4.908   3.871   1.00 36.41 ? 1814 ALA A C   1 
ATOM   151 O  O   . ALA A 1 21  ? 7.185   5.407   3.883   1.00 34.57 ? 1814 ALA A O   1 
ATOM   152 C  CB  . ALA A 1 21  ? 9.272   6.722   2.424   1.00 32.06 ? 1814 ALA A CB  1 
ATOM   153 N  N   . ALA A 1 22  ? 8.522   3.608   4.074   1.00 38.00 ? 1815 ALA A N   1 
ATOM   154 C  CA  . ALA A 1 22  ? 7.437   2.650   4.239   1.00 33.69 ? 1815 ALA A CA  1 
ATOM   155 C  C   . ALA A 1 22  ? 6.887   2.595   5.654   1.00 37.94 ? 1815 ALA A C   1 
ATOM   156 O  O   . ALA A 1 22  ? 5.888   1.905   5.881   1.00 35.87 ? 1815 ALA A O   1 
ATOM   157 C  CB  . ALA A 1 22  ? 7.902   1.250   3.844   1.00 31.40 ? 1815 ALA A CB  1 
ATOM   158 N  N   . TRP A 1 23  ? 7.496   3.307   6.600   1.00 37.63 ? 1816 TRP A N   1 
ATOM   159 C  CA  . TRP A 1 23  ? 7.110   3.149   7.997   1.00 35.35 ? 1816 TRP A CA  1 
ATOM   160 C  C   . TRP A 1 23  ? 5.633   3.419   8.298   1.00 38.90 ? 1816 TRP A C   1 
ATOM   161 O  O   . TRP A 1 23  ? 5.109   2.759   9.212   1.00 41.76 ? 1816 TRP A O   1 
ATOM   162 C  CB  . TRP A 1 23  ? 8.012   4.027   8.874   1.00 33.96 ? 1816 TRP A CB  1 
ATOM   163 C  CG  . TRP A 1 23  ? 7.956   5.475   8.540   1.00 37.59 ? 1816 TRP A CG  1 
ATOM   164 C  CD1 . TRP A 1 23  ? 8.754   6.143   7.665   1.00 38.93 ? 1816 TRP A CD1 1 
ATOM   165 C  CD2 . TRP A 1 23  ? 7.053   6.444   9.082   1.00 38.84 ? 1816 TRP A CD2 1 
ATOM   166 N  NE1 . TRP A 1 23  ? 8.405   7.470   7.625   1.00 40.51 ? 1816 TRP A NE1 1 
ATOM   167 C  CE2 . TRP A 1 23  ? 7.356   7.678   8.478   1.00 38.34 ? 1816 TRP A CE2 1 
ATOM   168 C  CE3 . TRP A 1 23  ? 6.007   6.382   10.006  1.00 40.69 ? 1816 TRP A CE3 1 
ATOM   169 C  CZ2 . TRP A 1 23  ? 6.660   8.848   8.780   1.00 40.52 ? 1816 TRP A CZ2 1 
ATOM   170 C  CZ3 . TRP A 1 23  ? 5.316   7.542   10.304  1.00 41.22 ? 1816 TRP A CZ3 1 
ATOM   171 C  CH2 . TRP A 1 23  ? 5.647   8.760   9.692   1.00 44.39 ? 1816 TRP A CH2 1 
ATOM   172 N  N   . PRO A 1 24  ? 4.910   4.321   7.619   1.00 40.12 ? 1817 PRO A N   1 
ATOM   173 C  CA  . PRO A 1 24  ? 3.486   4.479   7.957   1.00 31.98 ? 1817 PRO A CA  1 
ATOM   174 C  C   . PRO A 1 24  ? 2.611   3.349   7.450   1.00 32.65 ? 1817 PRO A C   1 
ATOM   175 O  O   . PRO A 1 24  ? 1.445   3.269   7.863   1.00 40.16 ? 1817 PRO A O   1 
ATOM   176 C  CB  . PRO A 1 24  ? 3.101   5.808   7.289   1.00 39.33 ? 1817 PRO A CB  1 
ATOM   177 C  CG  . PRO A 1 24  ? 4.390   6.437   6.853   1.00 32.26 ? 1817 PRO A CG  1 
ATOM   178 C  CD  . PRO A 1 24  ? 5.298   5.291   6.580   1.00 34.68 ? 1817 PRO A CD  1 
ATOM   179 N  N   . PHE A 1 25  ? 3.124   2.464   6.596   1.00 29.39 ? 1818 PHE A N   1 
ATOM   180 C  CA  . PHE A 1 25  ? 2.279   1.533   5.860   1.00 28.58 ? 1818 PHE A CA  1 
ATOM   181 C  C   . PHE A 1 25  ? 2.598   0.073   6.141   1.00 32.43 ? 1818 PHE A C   1 
ATOM   182 O  O   . PHE A 1 25  ? 2.027   -0.808  5.489   1.00 35.02 ? 1818 PHE A O   1 
ATOM   183 C  CB  . PHE A 1 25  ? 2.387   1.815   4.361   1.00 31.00 ? 1818 PHE A CB  1 
ATOM   184 C  CG  . PHE A 1 25  ? 2.268   3.267   4.025   1.00 32.46 ? 1818 PHE A CG  1 
ATOM   185 C  CD1 . PHE A 1 25  ? 1.079   3.939   4.238   1.00 30.51 ? 1818 PHE A CD1 1 
ATOM   186 C  CD2 . PHE A 1 25  ? 3.349   3.970   3.522   1.00 33.83 ? 1818 PHE A CD2 1 
ATOM   187 C  CE1 . PHE A 1 25  ? 0.957   5.280   3.943   1.00 32.05 ? 1818 PHE A CE1 1 
ATOM   188 C  CE2 . PHE A 1 25  ? 3.236   5.317   3.225   1.00 30.52 ? 1818 PHE A CE2 1 
ATOM   189 C  CZ  . PHE A 1 25  ? 2.032   5.973   3.440   1.00 34.14 ? 1818 PHE A CZ  1 
ATOM   190 N  N   . LEU A 1 26  ? 3.474   -0.210  7.105   1.00 35.59 ? 1819 LEU A N   1 
ATOM   191 C  CA  . LEU A 1 26  ? 3.861   -1.589  7.368   1.00 36.90 ? 1819 LEU A CA  1 
ATOM   192 C  C   . LEU A 1 26  ? 2.779   -2.367  8.105   1.00 41.33 ? 1819 LEU A C   1 
ATOM   193 O  O   . LEU A 1 26  ? 2.689   -3.587  7.941   1.00 46.20 ? 1819 LEU A O   1 
ATOM   194 C  CB  . LEU A 1 26  ? 5.171   -1.623  8.161   1.00 32.51 ? 1819 LEU A CB  1 
ATOM   195 C  CG  . LEU A 1 26  ? 6.389   -1.031  7.436   1.00 40.10 ? 1819 LEU A CG  1 
ATOM   196 C  CD1 . LEU A 1 26  ? 7.586   -0.934  8.367   1.00 31.87 ? 1819 LEU A CD1 1 
ATOM   197 C  CD2 . LEU A 1 26  ? 6.731   -1.865  6.215   1.00 30.55 ? 1819 LEU A CD2 1 
ATOM   198 N  N   . GLU A 1 27  ? 1.952   -1.703  8.906   1.00 42.63 ? 1820 GLU A N   1 
ATOM   199 C  CA  . GLU A 1 27  ? 0.890   -2.330  9.668   1.00 36.00 ? 1820 GLU A CA  1 
ATOM   200 C  C   . GLU A 1 27  ? -0.413  -1.577  9.455   1.00 33.88 ? 1820 GLU A C   1 
ATOM   201 O  O   . GLU A 1 27  ? -0.395  -0.393  9.097   1.00 33.69 ? 1820 GLU A O   1 
ATOM   202 C  CB  . GLU A 1 27  ? 1.229   -2.359  11.169  1.00 38.14 ? 1820 GLU A CB  1 
ATOM   203 C  CG  . GLU A 1 27  ? 2.505   -3.129  11.505  1.00 52.27 ? 1820 GLU A CG  1 
ATOM   204 C  CD  . GLU A 1 27  ? 2.428   -4.596  11.110  1.00 58.09 ? 1820 GLU A CD  1 
ATOM   205 O  OE1 . GLU A 1 27  ? 1.314   -5.162  11.132  1.00 71.62 ? 1820 GLU A OE1 1 
ATOM   206 O  OE2 . GLU A 1 27  ? 3.479   -5.184  10.771  1.00 65.71 ? 1820 GLU A OE2 1 
ATOM   207 N  N   . PRO A 1 28  ? -1.562  -2.225  9.664   1.00 37.04 ? 1821 PRO A N   1 
ATOM   208 C  CA  . PRO A 1 28  ? -2.836  -1.505  9.558   1.00 35.15 ? 1821 PRO A CA  1 
ATOM   209 C  C   . PRO A 1 28  ? -2.887  -0.345  10.539  1.00 35.52 ? 1821 PRO A C   1 
ATOM   210 O  O   . PRO A 1 28  ? -2.314  -0.401  11.628  1.00 40.90 ? 1821 PRO A O   1 
ATOM   211 C  CB  . PRO A 1 28  ? -3.885  -2.571  9.903   1.00 40.16 ? 1821 PRO A CB  1 
ATOM   212 C  CG  . PRO A 1 28  ? -3.213  -3.872  9.643   1.00 43.30 ? 1821 PRO A CG  1 
ATOM   213 C  CD  . PRO A 1 28  ? -1.767  -3.652  9.981   1.00 38.12 ? 1821 PRO A CD  1 
ATOM   214 N  N   . VAL A 1 29  ? -3.566  0.725   10.129  1.00 30.03 ? 1822 VAL A N   1 
ATOM   215 C  CA  . VAL A 1 29  ? -3.810  1.838   11.036  1.00 35.35 ? 1822 VAL A CA  1 
ATOM   216 C  C   . VAL A 1 29  ? -4.749  1.375   12.143  1.00 42.55 ? 1822 VAL A C   1 
ATOM   217 O  O   . VAL A 1 29  ? -5.768  0.728   11.882  1.00 37.14 ? 1822 VAL A O   1 
ATOM   218 C  CB  . VAL A 1 29  ? -4.403  3.034   10.275  1.00 38.52 ? 1822 VAL A CB  1 
ATOM   219 C  CG1 . VAL A 1 29  ? -4.802  4.137   11.244  1.00 37.89 ? 1822 VAL A CG1 1 
ATOM   220 C  CG2 . VAL A 1 29  ? -3.413  3.553   9.236   1.00 39.76 ? 1822 VAL A CG2 1 
ATOM   221 N  N   . ASN A 1 30  ? -4.404  1.693   13.389  1.00 41.95 ? 1823 ASN A N   1 
ATOM   222 C  CA  . ASN A 1 30  ? -5.250  1.346   14.523  1.00 41.29 ? 1823 ASN A CA  1 
ATOM   223 C  C   . ASN A 1 30  ? -6.281  2.449   14.702  1.00 36.96 ? 1823 ASN A C   1 
ATOM   224 O  O   . ASN A 1 30  ? -5.925  3.551   15.147  1.00 35.48 ? 1823 ASN A O   1 
ATOM   225 C  CB  . ASN A 1 30  ? -4.413  1.184   15.788  1.00 39.62 ? 1823 ASN A CB  1 
ATOM   226 C  CG  . ASN A 1 30  ? -5.200  0.594   16.942  1.00 45.57 ? 1823 ASN A CG  1 
ATOM   227 O  OD1 . ASN A 1 30  ? -6.413  0.779   17.047  1.00 43.84 ? 1823 ASN A OD1 1 
ATOM   228 N  ND2 . ASN A 1 30  ? -4.508  -0.126  17.814  1.00 51.31 ? 1823 ASN A ND2 1 
ATOM   229 N  N   . PRO A 1 31  ? -7.561  2.210   14.380  1.00 39.32 ? 1824 PRO A N   1 
ATOM   230 C  CA  . PRO A 1 31  ? -8.558  3.290   14.502  1.00 37.82 ? 1824 PRO A CA  1 
ATOM   231 C  C   . PRO A 1 31  ? -8.805  3.739   15.932  1.00 42.44 ? 1824 PRO A C   1 
ATOM   232 O  O   . PRO A 1 31  ? -9.317  4.850   16.133  1.00 39.27 ? 1824 PRO A O   1 
ATOM   233 C  CB  . PRO A 1 31  ? -9.823  2.677   13.881  1.00 34.49 ? 1824 PRO A CB  1 
ATOM   234 C  CG  . PRO A 1 31  ? -9.636  1.203   14.013  1.00 41.21 ? 1824 PRO A CG  1 
ATOM   235 C  CD  . PRO A 1 31  ? -8.153  0.956   13.888  1.00 36.74 ? 1824 PRO A CD  1 
ATOM   236 N  N   . ARG A 1 32  ? -8.455  2.929   16.931  1.00 40.67 ? 1825 ARG A N   1 
ATOM   237 C  CA  . ARG A 1 32  ? -8.552  3.387   18.313  1.00 42.72 ? 1825 ARG A CA  1 
ATOM   238 C  C   . ARG A 1 32  ? -7.585  4.522   18.607  1.00 45.89 ? 1825 ARG A C   1 
ATOM   239 O  O   . ARG A 1 32  ? -7.825  5.299   19.538  1.00 44.90 ? 1825 ARG A O   1 
ATOM   240 C  CB  . ARG A 1 32  ? -8.295  2.226   19.280  1.00 43.78 ? 1825 ARG A CB  1 
ATOM   241 C  CG  . ARG A 1 32  ? -9.348  1.129   19.246  1.00 38.73 ? 1825 ARG A CG  1 
ATOM   242 C  CD  . ARG A 1 32  ? -8.845  -0.141  19.920  1.00 43.62 ? 1825 ARG A CD  1 
ATOM   243 N  NE  . ARG A 1 32  ? -9.919  -1.096  20.183  1.00 35.63 ? 1825 ARG A NE  1 
ATOM   244 C  CZ  . ARG A 1 32  ? -9.731  -2.305  20.709  1.00 46.80 ? 1825 ARG A CZ  1 
ATOM   245 N  NH1 . ARG A 1 32  ? -8.503  -2.713  21.022  1.00 31.50 ? 1825 ARG A NH1 1 
ATOM   246 N  NH2 . ARG A 1 32  ? -10.768 -3.109  20.923  1.00 33.32 ? 1825 ARG A NH2 1 
ATOM   247 N  N   . LEU A 1 33  ? -6.504  4.643   17.833  1.00 45.80 ? 1826 LEU A N   1 
ATOM   248 C  CA  . LEU A 1 33  ? -5.480  5.645   18.084  1.00 40.62 ? 1826 LEU A CA  1 
ATOM   249 C  C   . LEU A 1 33  ? -5.578  6.856   17.170  1.00 45.32 ? 1826 LEU A C   1 
ATOM   250 O  O   . LEU A 1 33  ? -4.961  7.885   17.466  1.00 50.99 ? 1826 LEU A O   1 
ATOM   251 C  CB  . LEU A 1 33  ? -4.087  5.018   17.937  1.00 46.36 ? 1826 LEU A CB  1 
ATOM   252 C  CG  . LEU A 1 33  ? -3.879  3.737   18.752  1.00 54.08 ? 1826 LEU A CG  1 
ATOM   253 C  CD1 . LEU A 1 33  ? -2.559  3.071   18.394  1.00 45.57 ? 1826 LEU A CD1 1 
ATOM   254 C  CD2 . LEU A 1 33  ? -3.946  4.033   20.242  1.00 45.98 ? 1826 LEU A CD2 1 
ATOM   255 N  N   . VAL A 1 34  ? -6.333  6.768   16.078  1.00 43.87 ? 1827 VAL A N   1 
ATOM   256 C  CA  . VAL A 1 34  ? -6.411  7.836   15.085  1.00 43.82 ? 1827 VAL A CA  1 
ATOM   257 C  C   . VAL A 1 34  ? -7.865  8.278   14.996  1.00 39.99 ? 1827 VAL A C   1 
ATOM   258 O  O   . VAL A 1 34  ? -8.696  7.597   14.383  1.00 39.39 ? 1827 VAL A O   1 
ATOM   259 C  CB  . VAL A 1 34  ? -5.876  7.398   13.717  1.00 42.56 ? 1827 VAL A CB  1 
ATOM   260 C  CG1 . VAL A 1 34  ? -5.938  8.557   12.732  1.00 36.85 ? 1827 VAL A CG1 1 
ATOM   261 C  CG2 . VAL A 1 34  ? -4.452  6.877   13.849  1.00 39.62 ? 1827 VAL A CG2 1 
ATOM   262 N  N   . SER A 1 35  ? -8.169  9.433   15.582  1.00 41.30 ? 1828 SER A N   1 
ATOM   263 C  CA  . SER A 1 35  ? -9.533  9.943   15.592  1.00 47.45 ? 1828 SER A CA  1 
ATOM   264 C  C   . SER A 1 35  ? -10.043 10.168  14.174  1.00 49.77 ? 1828 SER A C   1 
ATOM   265 O  O   . SER A 1 35  ? -9.376  10.802  13.352  1.00 46.52 ? 1828 SER A O   1 
ATOM   266 C  CB  . SER A 1 35  ? -9.595  11.247  16.383  1.00 50.10 ? 1828 SER A CB  1 
ATOM   267 O  OG  . SER A 1 35  ? -10.880 11.835  16.287  1.00 57.98 ? 1828 SER A OG  1 
ATOM   268 N  N   . GLY A 1 36  ? -11.233 9.643   13.888  1.00 45.03 ? 1829 GLY A N   1 
ATOM   269 C  CA  . GLY A 1 36  ? -11.880 9.870   12.615  1.00 36.22 ? 1829 GLY A CA  1 
ATOM   270 C  C   . GLY A 1 36  ? -11.491 8.926   11.497  1.00 38.72 ? 1829 GLY A C   1 
ATOM   271 O  O   . GLY A 1 36  ? -12.073 9.016   10.407  1.00 38.84 ? 1829 GLY A O   1 
ATOM   272 N  N   . TYR A 1 37  ? -10.538 8.015   11.723  1.00 36.37 ? 1830 TYR A N   1 
ATOM   273 C  CA  . TYR A 1 37  ? -10.051 7.183   10.624  1.00 39.48 ? 1830 TYR A CA  1 
ATOM   274 C  C   . TYR A 1 37  ? -11.138 6.239   10.127  1.00 38.52 ? 1830 TYR A C   1 
ATOM   275 O  O   . TYR A 1 37  ? -11.346 6.091   8.916   1.00 28.12 ? 1830 TYR A O   1 
ATOM   276 C  CB  . TYR A 1 37  ? -8.812  6.392   11.050  1.00 33.37 ? 1830 TYR A CB  1 
ATOM   277 C  CG  . TYR A 1 37  ? -8.066  5.806   9.872   1.00 37.05 ? 1830 TYR A CG  1 
ATOM   278 C  CD1 . TYR A 1 37  ? -7.165  6.575   9.150   1.00 43.94 ? 1830 TYR A CD1 1 
ATOM   279 C  CD2 . TYR A 1 37  ? -8.280  4.495   9.467   1.00 39.50 ? 1830 TYR A CD2 1 
ATOM   280 C  CE1 . TYR A 1 37  ? -6.486  6.054   8.060   1.00 42.34 ? 1830 TYR A CE1 1 
ATOM   281 C  CE2 . TYR A 1 37  ? -7.605  3.965   8.376   1.00 34.58 ? 1830 TYR A CE2 1 
ATOM   282 C  CZ  . TYR A 1 37  ? -6.712  4.750   7.681   1.00 39.79 ? 1830 TYR A CZ  1 
ATOM   283 O  OH  . TYR A 1 37  ? -6.035  4.237   6.596   1.00 41.48 ? 1830 TYR A OH  1 
ATOM   284 N  N   . ARG A 1 38  ? -11.838 5.590   11.060  1.00 33.89 ? 1831 ARG A N   1 
ATOM   285 C  CA  . ARG A 1 38  ? -12.895 4.653   10.700  1.00 35.77 ? 1831 ARG A CA  1 
ATOM   286 C  C   . ARG A 1 38  ? -13.982 5.343   9.881   1.00 34.59 ? 1831 ARG A C   1 
ATOM   287 O  O   . ARG A 1 38  ? -14.482 4.787   8.894   1.00 34.53 ? 1831 ARG A O   1 
ATOM   288 C  CB  . ARG A 1 38  ? -13.467 4.043   11.988  1.00 44.09 ? 1831 ARG A CB  1 
ATOM   289 C  CG  . ARG A 1 38  ? -14.383 2.847   11.818  1.00 54.85 ? 1831 ARG A CG  1 
ATOM   290 C  CD  . ARG A 1 38  ? -15.201 2.564   13.094  1.00 53.59 ? 1831 ARG A CD  1 
ATOM   291 N  NE  . ARG A 1 38  ? -14.370 2.336   14.277  1.00 60.34 ? 1831 ARG A NE  1 
ATOM   292 C  CZ  . ARG A 1 38  ? -13.757 1.187   14.559  1.00 59.95 ? 1831 ARG A CZ  1 
ATOM   293 N  NH1 . ARG A 1 38  ? -13.869 0.149   13.737  1.00 54.26 ? 1831 ARG A NH1 1 
ATOM   294 N  NH2 . ARG A 1 38  ? -13.027 1.076   15.663  1.00 50.82 ? 1831 ARG A NH2 1 
ATOM   295 N  N   . ARG A 1 39  ? -14.331 6.574   10.262  1.00 35.41 ? 1832 ARG A N   1 
ATOM   296 C  CA  A ARG A 1 39  ? -15.404 7.302   9.593   0.59 36.15 ? 1832 ARG A CA  1 
ATOM   297 C  CA  B ARG A 1 39  ? -15.406 7.295   9.590   0.41 36.22 ? 1832 ARG A CA  1 
ATOM   298 C  C   . ARG A 1 39  ? -15.029 7.695   8.167   1.00 37.24 ? 1832 ARG A C   1 
ATOM   299 O  O   . ARG A 1 39  ? -15.886 7.689   7.274   1.00 36.66 ? 1832 ARG A O   1 
ATOM   300 C  CB  A ARG A 1 39  ? -15.762 8.539   10.424  0.59 35.89 ? 1832 ARG A CB  1 
ATOM   301 C  CB  B ARG A 1 39  ? -15.782 8.529   10.408  0.41 35.98 ? 1832 ARG A CB  1 
ATOM   302 C  CG  A ARG A 1 39  ? -16.667 9.546   9.736   0.59 39.40 ? 1832 ARG A CG  1 
ATOM   303 C  CG  B ARG A 1 39  ? -16.902 9.363   9.819   0.41 38.96 ? 1832 ARG A CG  1 
ATOM   304 C  CD  A ARG A 1 39  ? -17.066 10.689  10.671  0.59 37.04 ? 1832 ARG A CD  1 
ATOM   305 C  CD  B ARG A 1 39  ? -17.125 10.636  10.620  0.41 37.14 ? 1832 ARG A CD  1 
ATOM   306 N  NE  A ARG A 1 39  ? -15.925 11.285  11.364  0.59 32.10 ? 1832 ARG A NE  1 
ATOM   307 N  NE  B ARG A 1 39  ? -17.537 10.350  11.992  0.41 39.66 ? 1832 ARG A NE  1 
ATOM   308 C  CZ  A ARG A 1 39  ? -15.158 12.248  10.862  0.59 40.39 ? 1832 ARG A CZ  1 
ATOM   309 C  CZ  B ARG A 1 39  ? -18.792 10.127  12.369  0.41 38.16 ? 1832 ARG A CZ  1 
ATOM   310 N  NH1 A ARG A 1 39  ? -15.396 12.727  9.648   0.59 38.18 ? 1832 ARG A NH1 1 
ATOM   311 N  NH1 B ARG A 1 39  ? -19.065 9.876   13.641  0.41 33.83 ? 1832 ARG A NH1 1 
ATOM   312 N  NH2 A ARG A 1 39  ? -14.147 12.728  11.571  0.59 38.04 ? 1832 ARG A NH2 1 
ATOM   313 N  NH2 B ARG A 1 39  ? -19.775 10.150  11.475  0.41 33.41 ? 1832 ARG A NH2 1 
ATOM   314 N  N   . ILE A 1 40  ? -13.763 8.029   7.928   1.00 36.07 ? 1833 ILE A N   1 
ATOM   315 C  CA  . ILE A 1 40  ? -13.349 8.592   6.642   1.00 35.77 ? 1833 ILE A CA  1 
ATOM   316 C  C   . ILE A 1 40  ? -12.835 7.526   5.676   1.00 39.40 ? 1833 ILE A C   1 
ATOM   317 O  O   . ILE A 1 40  ? -13.141 7.570   4.482   1.00 39.05 ? 1833 ILE A O   1 
ATOM   318 C  CB  . ILE A 1 40  ? -12.298 9.692   6.889   1.00 36.04 ? 1833 ILE A CB  1 
ATOM   319 C  CG1 . ILE A 1 40  ? -12.941 10.860  7.641   1.00 32.10 ? 1833 ILE A CG1 1 
ATOM   320 C  CG2 . ILE A 1 40  ? -11.700 10.166  5.584   1.00 36.93 ? 1833 ILE A CG2 1 
ATOM   321 C  CD1 . ILE A 1 40  ? -11.960 11.902  8.129   1.00 24.62 ? 1833 ILE A CD1 1 
ATOM   322 N  N   . ILE A 1 41  ? -12.057 6.556   6.146   1.00 32.71 ? 1834 ILE A N   1 
ATOM   323 C  CA  . ILE A 1 41  ? -11.437 5.563   5.274   1.00 36.70 ? 1834 ILE A CA  1 
ATOM   324 C  C   . ILE A 1 41  ? -12.322 4.326   5.256   1.00 37.45 ? 1834 ILE A C   1 
ATOM   325 O  O   . ILE A 1 41  ? -12.372 3.567   6.231   1.00 31.61 ? 1834 ILE A O   1 
ATOM   326 C  CB  . ILE A 1 41  ? -10.010 5.228   5.723   1.00 29.66 ? 1834 ILE A CB  1 
ATOM   327 C  CG1 . ILE A 1 41  ? -9.115  6.452   5.537   1.00 38.24 ? 1834 ILE A CG1 1 
ATOM   328 C  CG2 . ILE A 1 41  ? -9.475  4.036   4.948   1.00 33.62 ? 1834 ILE A CG2 1 
ATOM   329 C  CD1 . ILE A 1 41  ? -9.080  6.963   4.108   1.00 30.09 ? 1834 ILE A CD1 1 
ATOM   330 N  N   . LYS A 1 42  ? -12.992 4.101   4.127   1.00 33.87 ? 1835 LYS A N   1 
ATOM   331 C  CA  A LYS A 1 42  ? -13.928 2.987   4.018   0.52 39.64 ? 1835 LYS A CA  1 
ATOM   332 C  CA  B LYS A 1 42  ? -13.928 2.986   4.023   0.48 39.60 ? 1835 LYS A CA  1 
ATOM   333 C  C   . LYS A 1 42  ? -13.212 1.652   3.842   1.00 39.32 ? 1835 LYS A C   1 
ATOM   334 O  O   . LYS A 1 42  ? -13.634 0.641   4.412   1.00 39.60 ? 1835 LYS A O   1 
ATOM   335 C  CB  A LYS A 1 42  ? -14.890 3.228   2.856   0.52 43.59 ? 1835 LYS A CB  1 
ATOM   336 C  CB  B LYS A 1 42  ? -14.900 3.229   2.867   0.48 43.64 ? 1835 LYS A CB  1 
ATOM   337 C  CG  A LYS A 1 42  ? -15.704 4.504   2.995   0.52 45.16 ? 1835 LYS A CG  1 
ATOM   338 C  CG  B LYS A 1 42  ? -15.672 4.533   2.987   0.48 45.17 ? 1835 LYS A CG  1 
ATOM   339 C  CD  A LYS A 1 42  ? -16.547 4.486   4.266   0.52 40.75 ? 1835 LYS A CD  1 
ATOM   340 C  CD  B LYS A 1 42  ? -16.338 4.663   4.353   0.48 40.77 ? 1835 LYS A CD  1 
ATOM   341 C  CE  A LYS A 1 42  ? -17.385 5.753   4.402   0.52 43.67 ? 1835 LYS A CE  1 
ATOM   342 C  CE  B LYS A 1 42  ? -17.140 5.956   4.458   0.48 43.34 ? 1835 LYS A CE  1 
ATOM   343 N  NZ  A LYS A 1 42  ? -16.545 6.968   4.591   0.52 39.58 ? 1835 LYS A NZ  1 
ATOM   344 N  NZ  B LYS A 1 42  ? -18.328 5.957   3.554   0.48 43.66 ? 1835 LYS A NZ  1 
ATOM   345 N  N   . ASN A 1 43  ? -12.126 1.622   3.065   1.00 38.56 ? 1836 ASN A N   1 
ATOM   346 C  CA  . ASN A 1 43  ? -11.415 0.381   2.758   1.00 33.82 ? 1836 ASN A CA  1 
ATOM   347 C  C   . ASN A 1 43  ? -9.953  0.511   3.167   1.00 38.25 ? 1836 ASN A C   1 
ATOM   348 O  O   . ASN A 1 43  ? -9.090  0.835   2.336   1.00 35.98 ? 1836 ASN A O   1 
ATOM   349 C  CB  . ASN A 1 43  ? -11.538 0.027   1.278   1.00 36.66 ? 1836 ASN A CB  1 
ATOM   350 C  CG  . ASN A 1 43  ? -12.980 -0.166  0.848   1.00 45.29 ? 1836 ASN A CG  1 
ATOM   351 O  OD1 . ASN A 1 43  ? -13.466 0.516   -0.051  1.00 49.43 ? 1836 ASN A OD1 1 
ATOM   352 N  ND2 . ASN A 1 43  ? -13.670 -1.101  1.490   1.00 37.07 ? 1836 ASN A ND2 1 
ATOM   353 N  N   . PRO A 1 44  ? -9.634  0.262   4.437   1.00 36.29 ? 1837 PRO A N   1 
ATOM   354 C  CA  . PRO A 1 44  ? -8.235  0.333   4.870   1.00 32.48 ? 1837 PRO A CA  1 
ATOM   355 C  C   . PRO A 1 44  ? -7.383  -0.709  4.164   1.00 36.47 ? 1837 PRO A C   1 
ATOM   356 O  O   . PRO A 1 44  ? -7.855  -1.783  3.786   1.00 38.79 ? 1837 PRO A O   1 
ATOM   357 C  CB  . PRO A 1 44  ? -8.309  0.074   6.380   1.00 37.10 ? 1837 PRO A CB  1 
ATOM   358 C  CG  . PRO A 1 44  ? -9.645  -0.590  6.599   1.00 40.98 ? 1837 PRO A CG  1 
ATOM   359 C  CD  . PRO A 1 44  ? -10.555 -0.023  5.553   1.00 31.33 ? 1837 PRO A CD  1 
ATOM   360 N  N   . MET A 1 45  ? -6.109  -0.372  3.976   1.00 38.66 ? 1838 MET A N   1 
ATOM   361 C  CA  . MET A 1 45  ? -5.170  -1.266  3.315   1.00 36.76 ? 1838 MET A CA  1 
ATOM   362 C  C   . MET A 1 45  ? -3.770  -0.894  3.772   1.00 31.11 ? 1838 MET A C   1 
ATOM   363 O  O   . MET A 1 45  ? -3.510  0.254   4.137   1.00 37.64 ? 1838 MET A O   1 
ATOM   364 C  CB  . MET A 1 45  ? -5.303  -1.187  1.787   1.00 32.98 ? 1838 MET A CB  1 
ATOM   365 C  CG  . MET A 1 45  ? -4.495  -2.210  1.004   1.00 31.33 ? 1838 MET A CG  1 
ATOM   366 S  SD  . MET A 1 45  ? -4.579  -3.903  1.627   1.00 38.59 ? 1838 MET A SD  1 
ATOM   367 C  CE  . MET A 1 45  ? -6.340  -4.251  1.517   1.00 33.84 ? 1838 MET A CE  1 
ATOM   368 N  N   . ASP A 1 46  ? -2.880  -1.881  3.776   1.00 33.76 ? 1839 ASP A N   1 
ATOM   369 C  CA  . ASP A 1 46  ? -1.513  -1.666  4.228   1.00 36.10 ? 1839 ASP A CA  1 
ATOM   370 C  C   . ASP A 1 46  ? -0.626  -2.762  3.650   1.00 38.14 ? 1839 ASP A C   1 
ATOM   371 O  O   . ASP A 1 46  ? -1.107  -3.731  3.058   1.00 33.41 ? 1839 ASP A O   1 
ATOM   372 C  CB  . ASP A 1 46  ? -1.434  -1.646  5.753   1.00 36.43 ? 1839 ASP A CB  1 
ATOM   373 C  CG  . ASP A 1 46  ? -1.738  -2.985  6.353   1.00 43.13 ? 1839 ASP A CG  1 
ATOM   374 O  OD1 . ASP A 1 46  ? -2.934  -3.341  6.451   1.00 47.71 ? 1839 ASP A OD1 1 
ATOM   375 O  OD2 . ASP A 1 46  ? -0.772  -3.698  6.695   1.00 45.07 ? 1839 ASP A OD2 1 
ATOM   376 N  N   . PHE A 1 47  ? 0.688   -2.600  3.845   1.00 34.68 ? 1840 PHE A N   1 
ATOM   377 C  CA  . PHE A 1 47  ? 1.642   -3.513  3.218   1.00 37.43 ? 1840 PHE A CA  1 
ATOM   378 C  C   . PHE A 1 47  ? 1.578   -4.910  3.824   1.00 36.73 ? 1840 PHE A C   1 
ATOM   379 O  O   . PHE A 1 47  ? 1.721   -5.902  3.105   1.00 37.31 ? 1840 PHE A O   1 
ATOM   380 C  CB  . PHE A 1 47  ? 3.065   -2.963  3.325   1.00 36.43 ? 1840 PHE A CB  1 
ATOM   381 C  CG  . PHE A 1 47  ? 3.315   -1.764  2.468   1.00 30.28 ? 1840 PHE A CG  1 
ATOM   382 C  CD1 . PHE A 1 47  ? 2.437   -1.426  1.453   1.00 35.93 ? 1840 PHE A CD1 1 
ATOM   383 C  CD2 . PHE A 1 47  ? 4.429   -0.975  2.676   1.00 40.18 ? 1840 PHE A CD2 1 
ATOM   384 C  CE1 . PHE A 1 47  ? 2.665   -0.321  0.663   1.00 39.03 ? 1840 PHE A CE1 1 
ATOM   385 C  CE2 . PHE A 1 47  ? 4.670   0.134   1.884   1.00 36.70 ? 1840 PHE A CE2 1 
ATOM   386 C  CZ  . PHE A 1 47  ? 3.784   0.464   0.880   1.00 40.71 ? 1840 PHE A CZ  1 
ATOM   387 N  N   . SER A 1 48  ? 1.392   -5.018  5.142   1.00 37.67 ? 1841 SER A N   1 
ATOM   388 C  CA  . SER A 1 48  ? 1.353   -6.347  5.751   1.00 42.71 ? 1841 SER A CA  1 
ATOM   389 C  C   . SER A 1 48  ? 0.107   -7.111  5.326   1.00 39.11 ? 1841 SER A C   1 
ATOM   390 O  O   . SER A 1 48  ? 0.154   -8.336  5.165   1.00 40.03 ? 1841 SER A O   1 
ATOM   391 C  CB  . SER A 1 48  ? 1.416   -6.250  7.271   1.00 39.63 ? 1841 SER A CB  1 
ATOM   392 O  OG  . SER A 1 48  ? 0.188   -5.791  7.794   1.00 43.71 ? 1841 SER A OG  1 
ATOM   393 N  N   . THR A 1 49  ? -1.015  -6.411  5.148   1.00 36.34 ? 1842 THR A N   1 
ATOM   394 C  CA  . THR A 1 49  ? -2.218  -7.061  4.633   1.00 36.18 ? 1842 THR A CA  1 
ATOM   395 C  C   . THR A 1 49  ? -1.994  -7.586  3.220   1.00 39.68 ? 1842 THR A C   1 
ATOM   396 O  O   . THR A 1 49  ? -2.461  -8.677  2.869   1.00 40.79 ? 1842 THR A O   1 
ATOM   397 C  CB  . THR A 1 49  ? -3.394  -6.084  4.656   1.00 38.50 ? 1842 THR A CB  1 
ATOM   398 O  OG1 . THR A 1 49  ? -3.553  -5.564  5.979   1.00 38.13 ? 1842 THR A OG1 1 
ATOM   399 C  CG2 . THR A 1 49  ? -4.680  -6.776  4.235   1.00 38.47 ? 1842 THR A CG2 1 
ATOM   400 N  N   . MET A 1 50  ? -1.282  -6.819  2.392   1.00 35.46 ? 1843 MET A N   1 
ATOM   401 C  CA  . MET A 1 50  ? -0.950  -7.293  1.054   1.00 41.34 ? 1843 MET A CA  1 
ATOM   402 C  C   . MET A 1 50  ? 0.011   -8.474  1.114   1.00 39.80 ? 1843 MET A C   1 
ATOM   403 O  O   . MET A 1 50  ? -0.103  -9.415  0.320   1.00 43.85 ? 1843 MET A O   1 
ATOM   404 C  CB  . MET A 1 50  ? -0.360  -6.149  0.225   1.00 38.47 ? 1843 MET A CB  1 
ATOM   405 C  CG  . MET A 1 50  ? -1.354  -5.018  -0.037  1.00 43.34 ? 1843 MET A CG  1 
ATOM   406 S  SD  . MET A 1 50  ? -0.602  -3.551  -0.773  1.00 45.23 ? 1843 MET A SD  1 
ATOM   407 C  CE  . MET A 1 50  ? 0.071   -4.218  -2.287  1.00 40.36 ? 1843 MET A CE  1 
ATOM   408 N  N   . ARG A 1 51  ? 0.968   -8.438  2.044   1.00 38.50 ? 1844 ARG A N   1 
ATOM   409 C  CA  . ARG A 1 51  ? 1.876   -9.564  2.228   1.00 36.44 ? 1844 ARG A CA  1 
ATOM   410 C  C   . ARG A 1 51  ? 1.108   -10.821 2.611   1.00 39.29 ? 1844 ARG A C   1 
ATOM   411 O  O   . ARG A 1 51  ? 1.343   -11.897 2.054   1.00 42.97 ? 1844 ARG A O   1 
ATOM   412 C  CB  . ARG A 1 51  ? 2.919   -9.231  3.294   1.00 39.97 ? 1844 ARG A CB  1 
ATOM   413 C  CG  . ARG A 1 51  ? 3.707   -10.445 3.778   1.00 42.43 ? 1844 ARG A CG  1 
ATOM   414 C  CD  . ARG A 1 51  ? 4.490   -11.082 2.639   1.00 44.08 ? 1844 ARG A CD  1 
ATOM   415 N  NE  . ARG A 1 51  ? 5.534   -10.186 2.149   1.00 43.93 ? 1844 ARG A NE  1 
ATOM   416 C  CZ  . ARG A 1 51  ? 6.135   -10.300 0.970   1.00 41.14 ? 1844 ARG A CZ  1 
ATOM   417 N  NH1 . ARG A 1 51  ? 5.800   -11.276 0.138   1.00 44.38 ? 1844 ARG A NH1 1 
ATOM   418 N  NH2 . ARG A 1 51  ? 7.073   -9.432  0.625   1.00 42.41 ? 1844 ARG A NH2 1 
ATOM   419 N  N   . HIS A 1 52  ? 0.185   -10.701 3.568   1.00 39.31 ? 1845 HIS A N   1 
ATOM   420 C  CA  A HIS A 1 52  ? -0.611  -11.853 3.970   0.48 40.83 ? 1845 HIS A CA  1 
ATOM   421 C  CA  B HIS A 1 52  ? -0.627  -11.843 3.976   0.52 40.83 ? 1845 HIS A CA  1 
ATOM   422 C  C   . HIS A 1 52  ? -1.452  -12.371 2.810   1.00 40.53 ? 1845 HIS A C   1 
ATOM   423 O  O   . HIS A 1 52  ? -1.515  -13.581 2.574   1.00 42.04 ? 1845 HIS A O   1 
ATOM   424 C  CB  A HIS A 1 52  ? -1.501  -11.492 5.162   0.48 40.98 ? 1845 HIS A CB  1 
ATOM   425 C  CB  B HIS A 1 52  ? -1.534  -11.445 5.144   0.52 40.97 ? 1845 HIS A CB  1 
ATOM   426 C  CG  A HIS A 1 52  ? -0.742  -11.051 6.380   0.48 40.62 ? 1845 HIS A CG  1 
ATOM   427 C  CG  B HIS A 1 52  ? -2.502  -12.512 5.555   0.52 43.71 ? 1845 HIS A CG  1 
ATOM   428 N  ND1 A HIS A 1 52  ? 0.621   -11.210 6.511   0.48 42.02 ? 1845 HIS A ND1 1 
ATOM   429 N  ND1 B HIS A 1 52  ? -2.270  -13.358 6.619   0.52 42.62 ? 1845 HIS A ND1 1 
ATOM   430 C  CD2 A HIS A 1 52  ? -1.161  -10.451 7.519   0.48 41.78 ? 1845 HIS A CD2 1 
ATOM   431 C  CD2 B HIS A 1 52  ? -3.707  -12.866 5.049   0.52 42.84 ? 1845 HIS A CD2 1 
ATOM   432 C  CE1 A HIS A 1 52  ? 1.009   -10.730 7.679   0.48 42.66 ? 1845 HIS A CE1 1 
ATOM   433 C  CE1 B HIS A 1 52  ? -3.290  -14.188 6.748   0.52 39.17 ? 1845 HIS A CE1 1 
ATOM   434 N  NE2 A HIS A 1 52  ? -0.053  -10.265 8.312   0.48 38.16 ? 1845 HIS A NE2 1 
ATOM   435 N  NE2 B HIS A 1 52  ? -4.174  -13.912 5.807   0.52 40.63 ? 1845 HIS A NE2 1 
ATOM   436 N  N   . ARG A 1 53  ? -2.098  -11.467 2.066   1.00 40.64 ? 1846 ARG A N   1 
ATOM   437 C  CA  . ARG A 1 53  ? -2.919  -11.900 0.939   1.00 46.71 ? 1846 ARG A CA  1 
ATOM   438 C  C   . ARG A 1 53  ? -2.076  -12.610 -0.113  1.00 47.91 ? 1846 ARG A C   1 
ATOM   439 O  O   . ARG A 1 53  ? -2.505  -13.615 -0.694  1.00 46.10 ? 1846 ARG A O   1 
ATOM   440 C  CB  . ARG A 1 53  ? -3.650  -10.701 0.335   1.00 43.62 ? 1846 ARG A CB  1 
ATOM   441 C  CG  . ARG A 1 53  ? -4.511  -11.031 -0.871  1.00 49.76 ? 1846 ARG A CG  1 
ATOM   442 C  CD  . ARG A 1 53  ? -5.812  -10.243 -0.833  1.00 53.12 ? 1846 ARG A CD  1 
ATOM   443 N  NE  . ARG A 1 53  ? -6.197  -9.747  -2.151  1.00 56.29 ? 1846 ARG A NE  1 
ATOM   444 C  CZ  . ARG A 1 53  ? -7.122  -10.301 -2.924  1.00 56.32 ? 1846 ARG A CZ  1 
ATOM   445 N  NH1 . ARG A 1 53  ? -7.777  -11.380 -2.513  1.00 66.01 ? 1846 ARG A NH1 1 
ATOM   446 N  NH2 . ARG A 1 53  ? -7.397  -9.772  -4.110  1.00 49.89 ? 1846 ARG A NH2 1 
ATOM   447 N  N   . LEU A 1 54  ? -0.863  -12.112 -0.354  1.00 39.65 ? 1847 LEU A N   1 
ATOM   448 C  CA  . LEU A 1 54  ? 0.022   -12.728 -1.336  1.00 48.15 ? 1847 LEU A CA  1 
ATOM   449 C  C   . LEU A 1 54  ? 0.554   -14.074 -0.853  1.00 45.28 ? 1847 LEU A C   1 
ATOM   450 O  O   . LEU A 1 54  ? 0.737   -14.990 -1.661  1.00 50.79 ? 1847 LEU A O   1 
ATOM   451 C  CB  . LEU A 1 54  ? 1.176   -11.774 -1.644  1.00 42.53 ? 1847 LEU A CB  1 
ATOM   452 C  CG  . LEU A 1 54  ? 2.020   -12.021 -2.885  1.00 41.10 ? 1847 LEU A CG  1 
ATOM   453 C  CD1 . LEU A 1 54  ? 1.146   -12.095 -4.123  1.00 44.39 ? 1847 LEU A CD1 1 
ATOM   454 C  CD2 . LEU A 1 54  ? 3.038   -10.906 -3.018  1.00 47.66 ? 1847 LEU A CD2 1 
ATOM   455 N  N   . SER A 1 55  ? 0.795   -14.212 0.455   1.00 44.47 ? 1848 SER A N   1 
ATOM   456 C  CA  . SER A 1 55  ? 1.341   -15.454 0.996   1.00 47.58 ? 1848 SER A CA  1 
ATOM   457 C  C   . SER A 1 55  ? 0.356   -16.610 0.865   1.00 52.36 ? 1848 SER A C   1 
ATOM   458 O  O   . SER A 1 55  ? 0.765   -17.749 0.611   1.00 55.45 ? 1848 SER A O   1 
ATOM   459 C  CB  . SER A 1 55  ? 1.730   -15.263 2.462   1.00 43.03 ? 1848 SER A CB  1 
ATOM   460 O  OG  . SER A 1 55  ? 2.849   -14.410 2.588   1.00 53.72 ? 1848 SER A OG  1 
ATOM   461 N  N   . ARG A 1 56  ? -0.938  -16.352 1.053   1.00 45.44 ? 1849 ARG A N   1 
ATOM   462 C  CA  A ARG A 1 56  ? -1.946  -17.400 0.966   0.49 47.32 ? 1849 ARG A CA  1 
ATOM   463 C  CA  B ARG A 1 56  ? -1.957  -17.387 0.969   0.51 47.32 ? 1849 ARG A CA  1 
ATOM   464 C  C   . ARG A 1 56  ? -2.491  -17.577 -0.446  1.00 50.46 ? 1849 ARG A C   1 
ATOM   465 O  O   . ARG A 1 56  ? -3.498  -18.270 -0.627  1.00 56.00 ? 1849 ARG A O   1 
ATOM   466 C  CB  A ARG A 1 56  ? -3.098  -17.124 1.939   0.49 49.81 ? 1849 ARG A CB  1 
ATOM   467 C  CB  B ARG A 1 56  ? -3.114  -17.075 1.926   0.51 49.81 ? 1849 ARG A CB  1 
ATOM   468 C  CG  A ARG A 1 56  ? -3.961  -15.925 1.591   0.49 50.49 ? 1849 ARG A CG  1 
ATOM   469 C  CG  B ARG A 1 56  ? -3.995  -15.913 1.491   0.51 50.49 ? 1849 ARG A CG  1 
ATOM   470 C  CD  A ARG A 1 56  ? -5.229  -15.903 2.437   0.49 52.87 ? 1849 ARG A CD  1 
ATOM   471 C  CD  B ARG A 1 56  ? -5.287  -15.859 2.297   0.51 53.00 ? 1849 ARG A CD  1 
ATOM   472 N  NE  A ARG A 1 56  ? -6.076  -14.758 2.116   0.49 54.13 ? 1849 ARG A NE  1 
ATOM   473 N  NE  B ARG A 1 56  ? -6.362  -15.217 1.544   0.51 53.88 ? 1849 ARG A NE  1 
ATOM   474 C  CZ  A ARG A 1 56  ? -6.984  -14.743 1.143   0.49 51.96 ? 1849 ARG A CZ  1 
ATOM   475 C  CZ  B ARG A 1 56  ? -6.656  -13.922 1.611   0.51 51.62 ? 1849 ARG A CZ  1 
ATOM   476 N  NH1 A ARG A 1 56  ? -7.171  -15.816 0.385   0.49 48.85 ? 1849 ARG A NH1 1 
ATOM   477 N  NH1 B ARG A 1 56  ? -5.961  -13.120 2.407   0.51 48.85 ? 1849 ARG A NH1 1 
ATOM   478 N  NH2 A ARG A 1 56  ? -7.704  -13.652 0.926   0.49 54.59 ? 1849 ARG A NH2 1 
ATOM   479 N  NH2 B ARG A 1 56  ? -7.649  -13.430 0.882   0.51 54.52 ? 1849 ARG A NH2 1 
ATOM   480 N  N   . GLY A 1 57  ? -1.843  -16.981 -1.445  1.00 51.62 ? 1850 GLY A N   1 
ATOM   481 C  CA  . GLY A 1 57  ? -2.286  -17.126 -2.819  1.00 49.55 ? 1850 GLY A CA  1 
ATOM   482 C  C   . GLY A 1 57  ? -3.570  -16.394 -3.144  1.00 53.30 ? 1850 GLY A C   1 
ATOM   483 O  O   . GLY A 1 57  ? -4.297  -16.808 -4.054  1.00 60.70 ? 1850 GLY A O   1 
ATOM   484 N  N   . GLY A 1 58  ? -3.862  -15.302 -2.432  1.00 50.87 ? 1851 GLY A N   1 
ATOM   485 C  CA  . GLY A 1 58  ? -5.131  -14.607 -2.575  1.00 53.95 ? 1851 GLY A CA  1 
ATOM   486 C  C   . GLY A 1 58  ? -5.241  -13.663 -3.754  1.00 55.68 ? 1851 GLY A C   1 
ATOM   487 O  O   . GLY A 1 58  ? -6.323  -13.116 -3.982  1.00 60.70 ? 1851 GLY A O   1 
ATOM   488 N  N   . TYR A 1 59  ? -4.163  -13.451 -4.503  1.00 49.14 ? 1852 TYR A N   1 
ATOM   489 C  CA  . TYR A 1 59  ? -4.186  -12.583 -5.672  1.00 50.94 ? 1852 TYR A CA  1 
ATOM   490 C  C   . TYR A 1 59  ? -4.298  -13.424 -6.936  1.00 61.09 ? 1852 TYR A C   1 
ATOM   491 O  O   . TYR A 1 59  ? -3.474  -14.312 -7.172  1.00 66.91 ? 1852 TYR A O   1 
ATOM   492 C  CB  . TYR A 1 59  ? -2.936  -11.708 -5.737  1.00 52.24 ? 1852 TYR A CB  1 
ATOM   493 C  CG  . TYR A 1 59  ? -2.923  -10.579 -4.739  1.00 50.94 ? 1852 TYR A CG  1 
ATOM   494 C  CD1 . TYR A 1 59  ? -3.832  -9.534  -4.831  1.00 51.82 ? 1852 TYR A CD1 1 
ATOM   495 C  CD2 . TYR A 1 59  ? -1.992  -10.549 -3.712  1.00 48.90 ? 1852 TYR A CD2 1 
ATOM   496 C  CE1 . TYR A 1 59  ? -3.817  -8.499  -3.920  1.00 47.12 ? 1852 TYR A CE1 1 
ATOM   497 C  CE2 . TYR A 1 59  ? -1.967  -9.520  -2.800  1.00 44.41 ? 1852 TYR A CE2 1 
ATOM   498 C  CZ  . TYR A 1 59  ? -2.880  -8.498  -2.907  1.00 46.23 ? 1852 TYR A CZ  1 
ATOM   499 O  OH  . TYR A 1 59  ? -2.846  -7.474  -1.991  1.00 41.94 ? 1852 TYR A OH  1 
ATOM   500 N  N   . THR A 1 60  ? -5.314  -13.129 -7.749  1.00 67.08 ? 1853 THR A N   1 
ATOM   501 C  CA  . THR A 1 60  ? -5.541  -13.841 -8.999  1.00 61.34 ? 1853 THR A CA  1 
ATOM   502 C  C   . THR A 1 60  ? -4.823  -13.209 -10.180 1.00 64.08 ? 1853 THR A C   1 
ATOM   503 O  O   . THR A 1 60  ? -4.635  -13.877 -11.202 1.00 76.54 ? 1853 THR A O   1 
ATOM   504 C  CB  . THR A 1 60  ? -7.039  -13.900 -9.311  1.00 60.03 ? 1853 THR A CB  1 
ATOM   505 O  OG1 . THR A 1 60  ? -7.454  -12.658 -9.890  1.00 65.08 ? 1853 THR A OG1 1 
ATOM   506 C  CG2 . THR A 1 60  ? -7.842  -14.148 -8.043  1.00 64.46 ? 1853 THR A CG2 1 
ATOM   507 N  N   . SER A 1 61  ? -4.433  -11.941 -10.071 1.00 60.45 ? 1854 SER A N   1 
ATOM   508 C  CA  . SER A 1 61  ? -3.704  -11.267 -11.135 1.00 60.06 ? 1854 SER A CA  1 
ATOM   509 C  C   . SER A 1 61  ? -2.885  -10.142 -10.526 1.00 59.53 ? 1854 SER A C   1 
ATOM   510 O  O   . SER A 1 61  ? -3.079  -9.757  -9.370  1.00 53.91 ? 1854 SER A O   1 
ATOM   511 C  CB  . SER A 1 61  ? -4.644  -10.715 -12.211 1.00 58.67 ? 1854 SER A CB  1 
ATOM   512 O  OG  . SER A 1 61  ? -5.344  -9.578  -11.731 1.00 60.02 ? 1854 SER A OG  1 
ATOM   513 N  N   . SER A 1 62  ? -1.959  -9.611  -11.327 1.00 59.57 ? 1855 SER A N   1 
ATOM   514 C  CA  . SER A 1 62  ? -1.189  -8.466  -10.870 1.00 57.09 ? 1855 SER A CA  1 
ATOM   515 C  C   . SER A 1 62  ? -2.053  -7.218  -10.755 1.00 52.32 ? 1855 SER A C   1 
ATOM   516 O  O   . SER A 1 62  ? -1.726  -6.323  -9.967  1.00 54.80 ? 1855 SER A O   1 
ATOM   517 C  CB  . SER A 1 62  ? -0.006  -8.207  -11.809 1.00 61.74 ? 1855 SER A CB  1 
ATOM   518 O  OG  . SER A 1 62  ? -0.440  -7.746  -13.077 1.00 65.86 ? 1855 SER A OG  1 
ATOM   519 N  N   . GLU A 1 63  ? -3.160  -7.153  -11.503 1.00 55.96 ? 1856 GLU A N   1 
ATOM   520 C  CA  . GLU A 1 63  ? -3.996  -5.957  -11.495 1.00 57.67 ? 1856 GLU A CA  1 
ATOM   521 C  C   . GLU A 1 63  ? -4.622  -5.711  -10.126 1.00 50.59 ? 1856 GLU A C   1 
ATOM   522 O  O   . GLU A 1 63  ? -4.694  -4.566  -9.670  1.00 54.30 ? 1856 GLU A O   1 
ATOM   523 C  CB  . GLU A 1 63  ? -5.082  -6.062  -12.570 1.00 58.89 ? 1856 GLU A CB  1 
ATOM   524 C  CG  . GLU A 1 63  ? -4.714  -5.441  -13.920 1.00 70.28 ? 1856 GLU A CG  1 
ATOM   525 C  CD  . GLU A 1 63  ? -4.049  -6.420  -14.875 1.00 77.45 ? 1856 GLU A CD  1 
ATOM   526 O  OE1 . GLU A 1 63  ? -3.591  -5.979  -15.954 1.00 74.71 ? 1856 GLU A OE1 1 
ATOM   527 O  OE2 . GLU A 1 63  ? -3.990  -7.627  -14.555 1.00 73.61 ? 1856 GLU A OE2 1 
ATOM   528 N  N   . GLU A 1 64  ? -5.087  -6.766  -9.450  1.00 51.71 ? 1857 GLU A N   1 
ATOM   529 C  CA  . GLU A 1 64  ? -5.701  -6.539  -8.145  1.00 53.07 ? 1857 GLU A CA  1 
ATOM   530 C  C   . GLU A 1 64  ? -4.660  -6.272  -7.068  1.00 50.13 ? 1857 GLU A C   1 
ATOM   531 O  O   . GLU A 1 64  ? -4.947  -5.547  -6.101  1.00 47.90 ? 1857 GLU A O   1 
ATOM   532 C  CB  . GLU A 1 64  ? -6.596  -7.716  -7.753  1.00 59.55 ? 1857 GLU A CB  1 
ATOM   533 C  CG  . GLU A 1 64  ? -5.969  -9.084  -7.851  1.00 62.34 ? 1857 GLU A CG  1 
ATOM   534 C  CD  . GLU A 1 64  ? -6.989  -10.179 -7.612  1.00 70.13 ? 1857 GLU A CD  1 
ATOM   535 O  OE1 . GLU A 1 64  ? -6.762  -11.038 -6.733  1.00 73.22 ? 1857 GLU A OE1 1 
ATOM   536 O  OE2 . GLU A 1 64  ? -8.034  -10.167 -8.295  1.00 75.71 ? 1857 GLU A OE2 1 
ATOM   537 N  N   . PHE A 1 65  ? -3.459  -6.838  -7.216  1.00 52.41 ? 1858 PHE A N   1 
ATOM   538 C  CA  . PHE A 1 65  ? -2.336  -6.415  -6.388  1.00 44.24 ? 1858 PHE A CA  1 
ATOM   539 C  C   . PHE A 1 65  ? -2.121  -4.914  -6.512  1.00 39.89 ? 1858 PHE A C   1 
ATOM   540 O  O   . PHE A 1 65  ? -2.077  -4.190  -5.507  1.00 42.59 ? 1858 PHE A O   1 
ATOM   541 C  CB  . PHE A 1 65  ? -1.071  -7.175  -6.791  1.00 46.11 ? 1858 PHE A CB  1 
ATOM   542 C  CG  . PHE A 1 65  ? 0.150   -6.771  -6.015  1.00 41.60 ? 1858 PHE A CG  1 
ATOM   543 C  CD1 . PHE A 1 65  ? 1.014   -5.808  -6.506  1.00 39.96 ? 1858 PHE A CD1 1 
ATOM   544 C  CD2 . PHE A 1 65  ? 0.428   -7.350  -4.789  1.00 43.50 ? 1858 PHE A CD2 1 
ATOM   545 C  CE1 . PHE A 1 65  ? 2.131   -5.431  -5.790  1.00 43.33 ? 1858 PHE A CE1 1 
ATOM   546 C  CE2 . PHE A 1 65  ? 1.546   -6.981  -4.067  1.00 38.71 ? 1858 PHE A CE2 1 
ATOM   547 C  CZ  . PHE A 1 65  ? 2.398   -6.020  -4.567  1.00 42.43 ? 1858 PHE A CZ  1 
ATOM   548 N  N   . ALA A 1 66  ? -2.001  -4.428  -7.750  1.00 44.57 ? 1859 ALA A N   1 
ATOM   549 C  CA  . ALA A 1 66  ? -1.846  -2.996  -7.976  1.00 47.68 ? 1859 ALA A CA  1 
ATOM   550 C  C   . ALA A 1 66  ? -3.011  -2.212  -7.384  1.00 43.21 ? 1859 ALA A C   1 
ATOM   551 O  O   . ALA A 1 66  ? -2.825  -1.103  -6.874  1.00 41.50 ? 1859 ALA A O   1 
ATOM   552 C  CB  . ALA A 1 66  ? -1.718  -2.713  -9.472  1.00 47.21 ? 1859 ALA A CB  1 
ATOM   553 N  N   . ALA A 1 67  ? -4.220  -2.775  -7.440  1.00 37.91 ? 1860 ALA A N   1 
ATOM   554 C  CA  . ALA A 1 67  ? -5.375  -2.097  -6.861  1.00 41.63 ? 1860 ALA A CA  1 
ATOM   555 C  C   . ALA A 1 67  ? -5.209  -1.909  -5.360  1.00 37.62 ? 1860 ALA A C   1 
ATOM   556 O  O   . ALA A 1 67  ? -5.541  -0.846  -4.818  1.00 38.90 ? 1860 ALA A O   1 
ATOM   557 C  CB  . ALA A 1 67  ? -6.653  -2.880  -7.163  1.00 40.00 ? 1860 ALA A CB  1 
ATOM   558 N  N   . ASP A 1 68  ? -4.699  -2.930  -4.666  1.00 37.11 ? 1861 ASP A N   1 
ATOM   559 C  CA  . ASP A 1 68  ? -4.446  -2.772  -3.235  1.00 37.81 ? 1861 ASP A CA  1 
ATOM   560 C  C   . ASP A 1 68  ? -3.350  -1.738  -2.981  1.00 38.30 ? 1861 ASP A C   1 
ATOM   561 O  O   . ASP A 1 68  ? -3.493  -0.856  -2.116  1.00 37.42 ? 1861 ASP A O   1 
ATOM   562 C  CB  . ASP A 1 68  ? -4.084  -4.124  -2.614  1.00 38.88 ? 1861 ASP A CB  1 
ATOM   563 C  CG  . ASP A 1 68  ? -5.311  -4.918  -2.184  1.00 45.54 ? 1861 ASP A CG  1 
ATOM   564 O  OD1 . ASP A 1 68  ? -6.439  -4.393  -2.308  1.00 45.44 ? 1861 ASP A OD1 1 
ATOM   565 O  OD2 . ASP A 1 68  ? -5.151  -6.068  -1.719  1.00 47.24 ? 1861 ASP A OD2 1 
ATOM   566 N  N   . ALA A 1 69  ? -2.256  -1.816  -3.744  1.00 33.85 ? 1862 ALA A N   1 
ATOM   567 C  CA  . ALA A 1 69  ? -1.175  -0.847  -3.588  1.00 34.28 ? 1862 ALA A CA  1 
ATOM   568 C  C   . ALA A 1 69  ? -1.686  0.580   -3.745  1.00 34.93 ? 1862 ALA A C   1 
ATOM   569 O  O   . ALA A 1 69  ? -1.422  1.445   -2.901  1.00 33.85 ? 1862 ALA A O   1 
ATOM   570 C  CB  . ALA A 1 69  ? -0.063  -1.138  -4.598  1.00 35.93 ? 1862 ALA A CB  1 
ATOM   571 N  N   . LEU A 1 70  ? -2.438  0.840   -4.815  1.00 33.69 ? 1863 LEU A N   1 
ATOM   572 C  CA  . LEU A 1 70  ? -2.955  2.184   -5.035  1.00 34.80 ? 1863 LEU A CA  1 
ATOM   573 C  C   . LEU A 1 70  ? -3.947  2.577   -3.953  1.00 36.39 ? 1863 LEU A C   1 
ATOM   574 O  O   . LEU A 1 70  ? -4.044  3.757   -3.604  1.00 37.19 ? 1863 LEU A O   1 
ATOM   575 C  CB  . LEU A 1 70  ? -3.607  2.287   -6.414  1.00 37.22 ? 1863 LEU A CB  1 
ATOM   576 C  CG  . LEU A 1 70  ? -2.670  2.089   -7.608  1.00 44.24 ? 1863 LEU A CG  1 
ATOM   577 C  CD1 . LEU A 1 70  ? -3.421  2.286   -8.921  1.00 47.48 ? 1863 LEU A CD1 1 
ATOM   578 C  CD2 . LEU A 1 70  ? -1.472  3.029   -7.523  1.00 40.64 ? 1863 LEU A CD2 1 
ATOM   579 N  N   . LEU A 1 71  ? -4.684  1.606   -3.410  1.00 36.76 ? 1864 LEU A N   1 
ATOM   580 C  CA  . LEU A 1 71  ? -5.582  1.899   -2.300  1.00 30.18 ? 1864 LEU A CA  1 
ATOM   581 C  C   . LEU A 1 71  ? -4.817  2.438   -1.095  1.00 33.62 ? 1864 LEU A C   1 
ATOM   582 O  O   . LEU A 1 71  ? -5.292  3.353   -0.411  1.00 35.01 ? 1864 LEU A O   1 
ATOM   583 C  CB  . LEU A 1 71  ? -6.367  0.643   -1.928  1.00 35.49 ? 1864 LEU A CB  1 
ATOM   584 C  CG  . LEU A 1 71  ? -7.388  0.752   -0.803  1.00 34.04 ? 1864 LEU A CG  1 
ATOM   585 C  CD1 . LEU A 1 71  ? -8.381  1.869   -1.076  1.00 34.22 ? 1864 LEU A CD1 1 
ATOM   586 C  CD2 . LEU A 1 71  ? -8.107  -0.572  -0.664  1.00 32.38 ? 1864 LEU A CD2 1 
ATOM   587 N  N   . VAL A 1 72  ? -3.632  1.883   -0.815  1.00 29.78 ? 1865 VAL A N   1 
ATOM   588 C  CA  . VAL A 1 72  ? -2.831  2.381   0.309   1.00 30.12 ? 1865 VAL A CA  1 
ATOM   589 C  C   . VAL A 1 72  ? -2.620  3.891   0.195   1.00 32.22 ? 1865 VAL A C   1 
ATOM   590 O  O   . VAL A 1 72  ? -2.857  4.652   1.145   1.00 33.58 ? 1865 VAL A O   1 
ATOM   591 C  CB  . VAL A 1 72  ? -1.486  1.634   0.388   1.00 31.74 ? 1865 VAL A CB  1 
ATOM   592 C  CG1 . VAL A 1 72  ? -0.635  2.198   1.511   1.00 30.39 ? 1865 VAL A CG1 1 
ATOM   593 C  CG2 . VAL A 1 72  ? -1.707  0.140   0.582   1.00 30.96 ? 1865 VAL A CG2 1 
ATOM   594 N  N   . PHE A 1 73  ? -2.209  4.349   -0.986  1.00 29.76 ? 1866 PHE A N   1 
ATOM   595 C  CA  . PHE A 1 73  ? -1.818  5.740   -1.173  1.00 28.78 ? 1866 PHE A CA  1 
ATOM   596 C  C   . PHE A 1 73  ? -3.006  6.658   -1.423  1.00 28.49 ? 1866 PHE A C   1 
ATOM   597 O  O   . PHE A 1 73  ? -2.950  7.842   -1.070  1.00 30.85 ? 1866 PHE A O   1 
ATOM   598 C  CB  . PHE A 1 73  ? -0.801  5.827   -2.315  1.00 30.13 ? 1866 PHE A CB  1 
ATOM   599 C  CG  . PHE A 1 73  ? 0.301   4.819   -2.193  1.00 29.72 ? 1866 PHE A CG  1 
ATOM   600 C  CD1 . PHE A 1 73  ? 1.090   4.787   -1.054  1.00 32.04 ? 1866 PHE A CD1 1 
ATOM   601 C  CD2 . PHE A 1 73  ? 0.528   3.886   -3.185  1.00 34.68 ? 1866 PHE A CD2 1 
ATOM   602 C  CE1 . PHE A 1 73  ? 2.092   3.849   -0.915  1.00 30.81 ? 1866 PHE A CE1 1 
ATOM   603 C  CE2 . PHE A 1 73  ? 1.533   2.946   -3.054  1.00 31.67 ? 1866 PHE A CE2 1 
ATOM   604 C  CZ  . PHE A 1 73  ? 2.319   2.930   -1.920  1.00 28.88 ? 1866 PHE A CZ  1 
ATOM   605 N  N   . ASP A 1 74  ? -4.082  6.139   -2.014  1.00 30.61 ? 1867 ASP A N   1 
ATOM   606 C  CA  . ASP A 1 74  ? -5.346  6.872   -2.021  1.00 38.70 ? 1867 ASP A CA  1 
ATOM   607 C  C   . ASP A 1 74  ? -5.826  7.151   -0.601  1.00 34.74 ? 1867 ASP A C   1 
ATOM   608 O  O   . ASP A 1 74  ? -6.163  8.291   -0.266  1.00 33.51 ? 1867 ASP A O   1 
ATOM   609 C  CB  . ASP A 1 74  ? -6.408  6.100   -2.805  1.00 35.01 ? 1867 ASP A CB  1 
ATOM   610 C  CG  . ASP A 1 74  ? -6.119  6.065   -4.293  1.00 45.52 ? 1867 ASP A CG  1 
ATOM   611 O  OD1 . ASP A 1 74  ? -5.362  6.937   -4.777  1.00 48.30 ? 1867 ASP A OD1 1 
ATOM   612 O  OD2 . ASP A 1 74  ? -6.654  5.169   -4.979  1.00 51.20 ? 1867 ASP A OD2 1 
ATOM   613 N  N   . ASN A 1 75  ? -5.875  6.116   0.250   1.00 28.14 ? 1868 ASN A N   1 
ATOM   614 C  CA  . ASN A 1 75  ? -6.255  6.333   1.647   1.00 27.47 ? 1868 ASN A CA  1 
ATOM   615 C  C   . ASN A 1 75  ? -5.331  7.336   2.313   1.00 31.92 ? 1868 ASN A C   1 
ATOM   616 O  O   . ASN A 1 75  ? -5.783  8.209   3.067   1.00 26.31 ? 1868 ASN A O   1 
ATOM   617 C  CB  . ASN A 1 75  ? -6.228  5.020   2.428   1.00 30.27 ? 1868 ASN A CB  1 
ATOM   618 C  CG  . ASN A 1 75  ? -7.304  4.061   1.990   1.00 34.78 ? 1868 ASN A CG  1 
ATOM   619 O  OD1 . ASN A 1 75  ? -8.309  4.467   1.408   1.00 36.19 ? 1868 ASN A OD1 1 
ATOM   620 N  ND2 . ASN A 1 75  ? -7.105  2.776   2.275   1.00 30.68 ? 1868 ASN A ND2 1 
ATOM   621 N  N   . CYS A 1 76  ? -4.025  7.221   2.043   1.00 31.86 ? 1869 CYS A N   1 
ATOM   622 C  CA  . CYS A 1 76  ? -3.058  8.133   2.639   1.00 27.00 ? 1869 CYS A CA  1 
ATOM   623 C  C   . CYS A 1 76  ? -3.357  9.580   2.266   1.00 33.28 ? 1869 CYS A C   1 
ATOM   624 O  O   . CYS A 1 76  ? -3.365  10.470  3.127   1.00 31.48 ? 1869 CYS A O   1 
ATOM   625 C  CB  . CYS A 1 76  ? -1.646  7.749   2.197   1.00 33.93 ? 1869 CYS A CB  1 
ATOM   626 S  SG  . CYS A 1 76  ? -0.396  8.822   2.881   1.00 37.49 ? 1869 CYS A SG  1 
ATOM   627 N  N   . GLN A 1 77  ? -3.600  9.836   0.977   1.00 28.08 ? 1870 GLN A N   1 
ATOM   628 C  CA  . GLN A 1 77  ? -3.877  11.199  0.534   1.00 30.68 ? 1870 GLN A CA  1 
ATOM   629 C  C   . GLN A 1 77  ? -5.255  11.671  0.975   1.00 33.40 ? 1870 GLN A C   1 
ATOM   630 O  O   . GLN A 1 77  ? -5.483  12.878  1.101   1.00 40.84 ? 1870 GLN A O   1 
ATOM   631 C  CB  . GLN A 1 77  ? -3.745  11.286  -0.986  1.00 30.10 ? 1870 GLN A CB  1 
ATOM   632 C  CG  . GLN A 1 77  ? -2.324  11.063  -1.494  1.00 29.49 ? 1870 GLN A CG  1 
ATOM   633 C  CD  . GLN A 1 77  ? -2.267  11.005  -2.999  1.00 27.18 ? 1870 GLN A CD  1 
ATOM   634 O  OE1 . GLN A 1 77  ? -2.101  12.026  -3.661  1.00 33.31 ? 1870 GLN A OE1 1 
ATOM   635 N  NE2 . GLN A 1 77  ? -2.422  9.809   -3.552  1.00 29.35 ? 1870 GLN A NE2 1 
ATOM   636 N  N   . THR A 1 78  ? -6.185  10.744  1.201   1.00 32.56 ? 1871 THR A N   1 
ATOM   637 C  CA  . THR A 1 78  ? -7.507  11.125  1.685   1.00 31.60 ? 1871 THR A CA  1 
ATOM   638 C  C   . THR A 1 78  ? -7.446  11.576  3.139   1.00 33.10 ? 1871 THR A C   1 
ATOM   639 O  O   . THR A 1 78  ? -8.067  12.578  3.510   1.00 33.57 ? 1871 THR A O   1 
ATOM   640 C  CB  . THR A 1 78  ? -8.482  9.956   1.509   1.00 31.58 ? 1871 THR A CB  1 
ATOM   641 O  OG1 . THR A 1 78  ? -8.670  9.696   0.110   1.00 34.13 ? 1871 THR A OG1 1 
ATOM   642 C  CG2 . THR A 1 78  ? -9.841  10.265  2.142   1.00 29.55 ? 1871 THR A CG2 1 
ATOM   643 N  N   . PHE A 1 79  ? -6.677  10.878  3.975   1.00 30.29 ? 1872 PHE A N   1 
ATOM   644 C  CA  . PHE A 1 79  ? -6.718  11.203  5.395   1.00 32.29 ? 1872 PHE A CA  1 
ATOM   645 C  C   . PHE A 1 79  ? -5.664  12.210  5.834   1.00 39.08 ? 1872 PHE A C   1 
ATOM   646 O  O   . PHE A 1 79  ? -5.938  13.020  6.728   1.00 38.59 ? 1872 PHE A O   1 
ATOM   647 C  CB  . PHE A 1 79  ? -6.562  9.942   6.245   1.00 34.91 ? 1872 PHE A CB  1 
ATOM   648 C  CG  . PHE A 1 79  ? -6.925  10.157  7.681   1.00 40.28 ? 1872 PHE A CG  1 
ATOM   649 C  CD1 . PHE A 1 79  ? -8.232  9.990   8.102   1.00 33.90 ? 1872 PHE A CD1 1 
ATOM   650 C  CD2 . PHE A 1 79  ? -5.975  10.574  8.599   1.00 37.77 ? 1872 PHE A CD2 1 
ATOM   651 C  CE1 . PHE A 1 79  ? -8.579  10.202  9.412   1.00 37.50 ? 1872 PHE A CE1 1 
ATOM   652 C  CE2 . PHE A 1 79  ? -6.316  10.789  9.912   1.00 38.23 ? 1872 PHE A CE2 1 
ATOM   653 C  CZ  . PHE A 1 79  ? -7.620  10.602  10.322  1.00 36.70 ? 1872 PHE A CZ  1 
ATOM   654 N  N   . ASN A 1 80  ? -4.469  12.179  5.252   1.00 36.07 ? 1873 ASN A N   1 
ATOM   655 C  CA  . ASN A 1 80  ? -3.343  12.966  5.738   1.00 40.05 ? 1873 ASN A CA  1 
ATOM   656 C  C   . ASN A 1 80  ? -3.077  14.156  4.828   1.00 36.16 ? 1873 ASN A C   1 
ATOM   657 O  O   . ASN A 1 80  ? -3.268  14.077  3.611   1.00 38.11 ? 1873 ASN A O   1 
ATOM   658 C  CB  . ASN A 1 80  ? -2.084  12.105  5.844   1.00 37.79 ? 1873 ASN A CB  1 
ATOM   659 C  CG  . ASN A 1 80  ? -2.327  10.829  6.623   1.00 42.71 ? 1873 ASN A CG  1 
ATOM   660 O  OD1 . ASN A 1 80  ? -2.306  10.827  7.854   1.00 38.41 ? 1873 ASN A OD1 1 
ATOM   661 N  ND2 . ASN A 1 80  ? -2.576  9.735   5.909   1.00 35.16 ? 1873 ASN A ND2 1 
ATOM   662 N  N   . GLU A 1 81  ? -2.640  15.258  5.428   1.00 36.80 ? 1874 GLU A N   1 
ATOM   663 C  CA  . GLU A 1 81  ? -2.235  16.423  4.657   1.00 42.24 ? 1874 GLU A CA  1 
ATOM   664 C  C   . GLU A 1 81  ? -0.985  16.108  3.844   1.00 36.46 ? 1874 GLU A C   1 
ATOM   665 O  O   . GLU A 1 81  ? -0.146  15.294  4.242   1.00 36.53 ? 1874 GLU A O   1 
ATOM   666 C  CB  . GLU A 1 81  ? -1.967  17.613  5.582   1.00 42.49 ? 1874 GLU A CB  1 
ATOM   667 C  CG  . GLU A 1 81  ? -3.163  18.057  6.412   1.00 48.38 ? 1874 GLU A CG  1 
ATOM   668 C  CD  . GLU A 1 81  ? -4.125  18.945  5.639   1.00 56.92 ? 1874 GLU A CD  1 
ATOM   669 O  OE1 . GLU A 1 81  ? -5.094  19.448  6.251   1.00 66.80 ? 1874 GLU A OE1 1 
ATOM   670 O  OE2 . GLU A 1 81  ? -3.912  19.149  4.423   1.00 58.64 ? 1874 GLU A OE2 1 
ATOM   671 N  N   . ASP A 1 82  ? -0.867  16.765  2.688   1.00 37.97 ? 1875 ASP A N   1 
ATOM   672 C  CA  . ASP A 1 82  ? 0.294   16.542  1.830   1.00 37.91 ? 1875 ASP A CA  1 
ATOM   673 C  C   . ASP A 1 82  ? 1.592   16.951  2.512   1.00 38.89 ? 1875 ASP A C   1 
ATOM   674 O  O   . ASP A 1 82  ? 2.650   16.384  2.216   1.00 40.93 ? 1875 ASP A O   1 
ATOM   675 C  CB  . ASP A 1 82  ? 0.128   17.293  0.511   1.00 30.80 ? 1875 ASP A CB  1 
ATOM   676 C  CG  . ASP A 1 82  ? -1.053  16.792  -0.300  1.00 36.01 ? 1875 ASP A CG  1 
ATOM   677 O  OD1 . ASP A 1 82  ? -1.209  15.555  -0.456  1.00 33.65 ? 1875 ASP A OD1 1 
ATOM   678 O  OD2 . ASP A 1 82  ? -1.835  17.639  -0.777  1.00 34.28 ? 1875 ASP A OD2 1 
ATOM   679 N  N   . ASP A 1 83  ? 1.543   17.918  3.425   1.00 42.49 ? 1876 ASP A N   1 
ATOM   680 C  CA  . ASP A 1 83  ? 2.740   18.335  4.144   1.00 48.27 ? 1876 ASP A CA  1 
ATOM   681 C  C   . ASP A 1 83  ? 2.875   17.678  5.509   1.00 46.97 ? 1876 ASP A C   1 
ATOM   682 O  O   . ASP A 1 83  ? 3.793   18.021  6.258   1.00 48.32 ? 1876 ASP A O   1 
ATOM   683 C  CB  . ASP A 1 83  ? 2.783   19.861  4.295   1.00 48.39 ? 1876 ASP A CB  1 
ATOM   684 C  CG  . ASP A 1 83  ? 1.530   20.428  4.917   1.00 56.76 ? 1876 ASP A CG  1 
ATOM   685 O  OD1 . ASP A 1 83  ? 0.579   19.655  5.166   1.00 55.44 ? 1876 ASP A OD1 1 
ATOM   686 O  OD2 . ASP A 1 83  ? 1.499   21.656  5.149   1.00 59.95 ? 1876 ASP A OD2 1 
ATOM   687 N  N   . SER A 1 84  ? 1.990   16.747  5.851   1.00 44.26 ? 1877 SER A N   1 
ATOM   688 C  CA  . SER A 1 84  ? 2.188   15.966  7.060   1.00 41.55 ? 1877 SER A CA  1 
ATOM   689 C  C   . SER A 1 84  ? 3.299   14.946  6.840   1.00 39.33 ? 1877 SER A C   1 
ATOM   690 O  O   . SER A 1 84  ? 3.659   14.613  5.707   1.00 39.46 ? 1877 SER A O   1 
ATOM   691 C  CB  . SER A 1 84  ? 0.899   15.250  7.462   1.00 39.47 ? 1877 SER A CB  1 
ATOM   692 O  OG  . SER A 1 84  ? 0.615   14.202  6.554   1.00 40.70 ? 1877 SER A OG  1 
ATOM   693 N  N   . GLU A 1 85  ? 3.843   14.441  7.948   1.00 43.54 ? 1878 GLU A N   1 
ATOM   694 C  CA  . GLU A 1 85  ? 4.923   13.462  7.860   1.00 38.96 ? 1878 GLU A CA  1 
ATOM   695 C  C   . GLU A 1 85  ? 4.460   12.204  7.130   1.00 39.83 ? 1878 GLU A C   1 
ATOM   696 O  O   . GLU A 1 85  ? 5.119   11.735  6.188   1.00 40.59 ? 1878 GLU A O   1 
ATOM   697 C  CB  . GLU A 1 85  ? 5.427   13.127  9.264   1.00 38.38 ? 1878 GLU A CB  1 
ATOM   698 C  CG  . GLU A 1 85  ? 6.898   12.740  9.328   1.00 61.89 ? 1878 GLU A CG  1 
ATOM   699 C  CD  . GLU A 1 85  ? 7.837   13.899  9.010   1.00 63.14 ? 1878 GLU A CD  1 
ATOM   700 O  OE1 . GLU A 1 85  ? 7.494   15.062  9.323   1.00 73.37 ? 1878 GLU A OE1 1 
ATOM   701 O  OE2 . GLU A 1 85  ? 8.921   13.647  8.443   1.00 58.76 ? 1878 GLU A OE2 1 
ATOM   702 N  N   . VAL A 1 86  ? 3.312   11.653  7.541   1.00 36.28 ? 1879 VAL A N   1 
ATOM   703 C  CA  . VAL A 1 86  ? 2.777   10.465  6.881   1.00 31.98 ? 1879 VAL A CA  1 
ATOM   704 C  C   . VAL A 1 86  ? 2.445   10.768  5.429   1.00 31.30 ? 1879 VAL A C   1 
ATOM   705 O  O   . VAL A 1 86  ? 2.687   9.945   4.540   1.00 33.71 ? 1879 VAL A O   1 
ATOM   706 C  CB  . VAL A 1 86  ? 1.545   9.933   7.638   1.00 37.17 ? 1879 VAL A CB  1 
ATOM   707 C  CG1 . VAL A 1 86  ? 0.843   8.871   6.811   1.00 27.64 ? 1879 VAL A CG1 1 
ATOM   708 C  CG2 . VAL A 1 86  ? 1.949   9.368   8.991   1.00 37.92 ? 1879 VAL A CG2 1 
ATOM   709 N  N   . GLY A 1 87  ? 1.882   11.949  5.164   1.00 31.97 ? 1880 GLY A N   1 
ATOM   710 C  CA  . GLY A 1 87  ? 1.581   12.321  3.792   1.00 35.05 ? 1880 GLY A CA  1 
ATOM   711 C  C   . GLY A 1 87  ? 2.820   12.368  2.919   1.00 36.69 ? 1880 GLY A C   1 
ATOM   712 O  O   . GLY A 1 87  ? 2.833   11.823  1.812   1.00 35.23 ? 1880 GLY A O   1 
ATOM   713 N  N   . LYS A 1 88  ? 3.888   13.001  3.413   1.00 35.43 ? 1881 LYS A N   1 
ATOM   714 C  CA  . LYS A 1 88  ? 5.126   13.075  2.640   1.00 33.32 ? 1881 LYS A CA  1 
ATOM   715 C  C   . LYS A 1 88  ? 5.680   11.682  2.358   1.00 36.30 ? 1881 LYS A C   1 
ATOM   716 O  O   . LYS A 1 88  ? 6.042   11.360  1.215   1.00 38.23 ? 1881 LYS A O   1 
ATOM   717 C  CB  . LYS A 1 88  ? 6.153   13.936  3.379   1.00 33.71 ? 1881 LYS A CB  1 
ATOM   718 C  CG  . LYS A 1 88  ? 5.729   15.396  3.537   1.00 40.02 ? 1881 LYS A CG  1 
ATOM   719 C  CD  . LYS A 1 88  ? 6.877   16.295  3.971   1.00 51.53 ? 1881 LYS A CD  1 
ATOM   720 C  CE  . LYS A 1 88  ? 7.327   16.009  5.394   1.00 56.46 ? 1881 LYS A CE  1 
ATOM   721 N  NZ  . LYS A 1 88  ? 8.627   16.685  5.688   1.00 66.49 ? 1881 LYS A NZ  1 
ATOM   722 N  N   . ALA A 1 89  ? 5.734   10.830  3.390   1.00 34.87 ? 1882 ALA A N   1 
ATOM   723 C  CA  . ALA A 1 89  ? 6.163   9.451   3.164   1.00 30.66 ? 1882 ALA A CA  1 
ATOM   724 C  C   . ALA A 1 89  ? 5.281   8.768   2.125   1.00 34.27 ? 1882 ALA A C   1 
ATOM   725 O  O   . ALA A 1 89  ? 5.760   7.964   1.315   1.00 36.53 ? 1882 ALA A O   1 
ATOM   726 C  CB  . ALA A 1 89  ? 6.147   8.669   4.480   1.00 29.47 ? 1882 ALA A CB  1 
ATOM   727 N  N   . GLY A 1 90  ? 3.988   9.092   2.126   1.00 33.51 ? 1883 GLY A N   1 
ATOM   728 C  CA  . GLY A 1 90  ? 3.082   8.481   1.170   1.00 36.23 ? 1883 GLY A CA  1 
ATOM   729 C  C   . GLY A 1 90  ? 3.348   8.927   -0.254  1.00 28.42 ? 1883 GLY A C   1 
ATOM   730 O  O   . GLY A 1 90  ? 3.215   8.140   -1.192  1.00 25.11 ? 1883 GLY A O   1 
ATOM   731 N  N   . HIS A 1 91  ? 3.710   10.193  -0.444  1.00 24.80 ? 1884 HIS A N   1 
ATOM   732 C  CA  . HIS A 1 91  ? 4.059   10.635  -1.788  1.00 33.79 ? 1884 HIS A CA  1 
ATOM   733 C  C   . HIS A 1 91  ? 5.331   9.952   -2.275  1.00 30.58 ? 1884 HIS A C   1 
ATOM   734 O  O   . HIS A 1 91  ? 5.389   9.467   -3.414  1.00 30.77 ? 1884 HIS A O   1 
ATOM   735 C  CB  . HIS A 1 91  ? 4.189   12.154  -1.820  1.00 34.91 ? 1884 HIS A CB  1 
ATOM   736 C  CG  . HIS A 1 91  ? 2.875   12.858  -1.734  1.00 31.22 ? 1884 HIS A CG  1 
ATOM   737 N  ND1 . HIS A 1 91  ? 1.816   12.546  -2.559  1.00 34.02 ? 1884 HIS A ND1 1 
ATOM   738 C  CD2 . HIS A 1 91  ? 2.438   13.843  -0.915  1.00 32.92 ? 1884 HIS A CD2 1 
ATOM   739 C  CE1 . HIS A 1 91  ? 0.785   13.317  -2.259  1.00 30.19 ? 1884 HIS A CE1 1 
ATOM   740 N  NE2 . HIS A 1 91  ? 1.136   14.111  -1.263  1.00 31.73 ? 1884 HIS A NE2 1 
ATOM   741 N  N   . ILE A 1 92  ? 6.342   9.850   -1.410  1.00 27.52 ? 1885 ILE A N   1 
ATOM   742 C  CA  . ILE A 1 92  ? 7.556   9.127   -1.796  1.00 34.20 ? 1885 ILE A CA  1 
ATOM   743 C  C   . ILE A 1 92  ? 7.224   7.684   -2.187  1.00 37.73 ? 1885 ILE A C   1 
ATOM   744 O  O   . ILE A 1 92  ? 7.684   7.173   -3.223  1.00 33.36 ? 1885 ILE A O   1 
ATOM   745 C  CB  . ILE A 1 92  ? 8.593   9.188   -0.662  1.00 37.12 ? 1885 ILE A CB  1 
ATOM   746 C  CG1 . ILE A 1 92  ? 8.994   10.642  -0.403  1.00 36.57 ? 1885 ILE A CG1 1 
ATOM   747 C  CG2 . ILE A 1 92  ? 9.797   8.336   -1.005  1.00 33.85 ? 1885 ILE A CG2 1 
ATOM   748 C  CD1 . ILE A 1 92  ? 9.896   10.830  0.797   1.00 36.30 ? 1885 ILE A CD1 1 
ATOM   749 N  N   . MET A 1 93  ? 6.404   7.010   -1.370  1.00 32.28 ? 1886 MET A N   1 
ATOM   750 C  CA  . MET A 1 93  ? 6.086   5.605   -1.627  1.00 27.92 ? 1886 MET A CA  1 
ATOM   751 C  C   . MET A 1 93  ? 5.227   5.439   -2.877  1.00 29.69 ? 1886 MET A C   1 
ATOM   752 O  O   . MET A 1 93  ? 5.400   4.478   -3.638  1.00 33.44 ? 1886 MET A O   1 
ATOM   753 C  CB  . MET A 1 93  ? 5.378   4.998   -0.414  1.00 31.95 ? 1886 MET A CB  1 
ATOM   754 C  CG  . MET A 1 93  ? 6.275   4.790   0.793   1.00 35.82 ? 1886 MET A CG  1 
ATOM   755 S  SD  . MET A 1 93  ? 7.808   3.938   0.347   1.00 43.60 ? 1886 MET A SD  1 
ATOM   756 C  CE  . MET A 1 93  ? 7.207   2.396   -0.332  1.00 36.81 ? 1886 MET A CE  1 
ATOM   757 N  N   . ARG A 1 94  ? 4.284   6.356   -3.092  1.00 30.75 ? 1887 ARG A N   1 
ATOM   758 C  CA  . ARG A 1 94  ? 3.419   6.287   -4.263  1.00 29.26 ? 1887 ARG A CA  1 
ATOM   759 C  C   . ARG A 1 94  ? 4.222   6.475   -5.543  1.00 28.42 ? 1887 ARG A C   1 
ATOM   760 O  O   . ARG A 1 94  ? 4.084   5.696   -6.492  1.00 32.78 ? 1887 ARG A O   1 
ATOM   761 C  CB  . ARG A 1 94  ? 2.305   7.332   -4.152  1.00 27.39 ? 1887 ARG A CB  1 
ATOM   762 C  CG  . ARG A 1 94  ? 1.328   7.354   -5.317  1.00 31.59 ? 1887 ARG A CG  1 
ATOM   763 C  CD  . ARG A 1 94  ? 0.349   8.522   -5.197  1.00 29.62 ? 1887 ARG A CD  1 
ATOM   764 N  NE  . ARG A 1 94  ? 1.040   9.779   -4.920  1.00 33.76 ? 1887 ARG A NE  1 
ATOM   765 C  CZ  . ARG A 1 94  ? 1.703   10.492  -5.833  1.00 35.51 ? 1887 ARG A CZ  1 
ATOM   766 N  NH1 . ARG A 1 94  ? 1.764   10.083  -7.094  1.00 35.15 ? 1887 ARG A NH1 1 
ATOM   767 N  NH2 . ARG A 1 94  ? 2.306   11.623  -5.485  1.00 29.05 ? 1887 ARG A NH2 1 
ATOM   768 N  N   . ARG A 1 95  ? 5.076   7.504   -5.585  1.00 28.94 ? 1888 ARG A N   1 
ATOM   769 C  CA  . ARG A 1 95  ? 5.924   7.690   -6.763  1.00 32.69 ? 1888 ARG A CA  1 
ATOM   770 C  C   . ARG A 1 95  ? 6.822   6.479   -6.986  1.00 35.06 ? 1888 ARG A C   1 
ATOM   771 O  O   . ARG A 1 95  ? 7.000   6.032   -8.128  1.00 37.44 ? 1888 ARG A O   1 
ATOM   772 C  CB  . ARG A 1 95  ? 6.757   8.963   -6.625  1.00 26.97 ? 1888 ARG A CB  1 
ATOM   773 C  CG  . ARG A 1 95  ? 5.954   10.244  -6.822  1.00 34.14 ? 1888 ARG A CG  1 
ATOM   774 C  CD  . ARG A 1 95  ? 6.866   11.462  -6.863  1.00 31.30 ? 1888 ARG A CD  1 
ATOM   775 N  NE  . ARG A 1 95  ? 7.517   11.710  -5.578  1.00 33.43 ? 1888 ARG A NE  1 
ATOM   776 C  CZ  . ARG A 1 95  ? 7.103   12.605  -4.688  1.00 34.95 ? 1888 ARG A CZ  1 
ATOM   777 N  NH1 . ARG A 1 95  ? 6.026   13.351  -4.933  1.00 31.06 ? 1888 ARG A NH1 1 
ATOM   778 N  NH2 . ARG A 1 95  ? 7.765   12.755  -3.549  1.00 28.94 ? 1888 ARG A NH2 1 
ATOM   779 N  N   . PHE A 1 96  ? 7.373   5.918   -5.905  1.00 34.97 ? 1889 PHE A N   1 
ATOM   780 C  CA  . PHE A 1 96  ? 8.184   4.710   -6.034  1.00 32.41 ? 1889 PHE A CA  1 
ATOM   781 C  C   . PHE A 1 96  ? 7.393   3.584   -6.691  1.00 41.36 ? 1889 PHE A C   1 
ATOM   782 O  O   . PHE A 1 96  ? 7.872   2.945   -7.638  1.00 43.06 ? 1889 PHE A O   1 
ATOM   783 C  CB  . PHE A 1 96  ? 8.703   4.272   -4.663  1.00 31.62 ? 1889 PHE A CB  1 
ATOM   784 C  CG  . PHE A 1 96  ? 9.525   3.016   -4.709  1.00 43.46 ? 1889 PHE A CG  1 
ATOM   785 C  CD1 . PHE A 1 96  ? 10.865  3.060   -5.069  1.00 49.81 ? 1889 PHE A CD1 1 
ATOM   786 C  CD2 . PHE A 1 96  ? 8.958   1.787   -4.412  1.00 43.67 ? 1889 PHE A CD2 1 
ATOM   787 C  CE1 . PHE A 1 96  ? 11.623  1.905   -5.124  1.00 46.35 ? 1889 PHE A CE1 1 
ATOM   788 C  CE2 . PHE A 1 96  ? 9.713   0.629   -4.462  1.00 48.64 ? 1889 PHE A CE2 1 
ATOM   789 C  CZ  . PHE A 1 96  ? 11.047  0.688   -4.820  1.00 48.21 ? 1889 PHE A CZ  1 
ATOM   790 N  N   . PHE A 1 97  ? 6.170   3.333   -6.210  1.00 34.81 ? 1890 PHE A N   1 
ATOM   791 C  CA  . PHE A 1 97  ? 5.385   2.231   -6.759  1.00 37.75 ? 1890 PHE A CA  1 
ATOM   792 C  C   . PHE A 1 97  ? 5.005   2.477   -8.211  1.00 40.56 ? 1890 PHE A C   1 
ATOM   793 O  O   . PHE A 1 97  ? 5.050   1.554   -9.028  1.00 41.57 ? 1890 PHE A O   1 
ATOM   794 C  CB  . PHE A 1 97  ? 4.119   1.988   -5.938  1.00 35.29 ? 1890 PHE A CB  1 
ATOM   795 C  CG  . PHE A 1 97  ? 3.190   0.989   -6.575  1.00 35.50 ? 1890 PHE A CG  1 
ATOM   796 C  CD1 . PHE A 1 97  ? 3.406   -0.371  -6.423  1.00 32.23 ? 1890 PHE A CD1 1 
ATOM   797 C  CD2 . PHE A 1 97  ? 2.124   1.406   -7.350  1.00 35.05 ? 1890 PHE A CD2 1 
ATOM   798 C  CE1 . PHE A 1 97  ? 2.575   -1.293  -7.018  1.00 36.45 ? 1890 PHE A CE1 1 
ATOM   799 C  CE2 . PHE A 1 97  ? 1.288   0.486   -7.954  1.00 36.95 ? 1890 PHE A CE2 1 
ATOM   800 C  CZ  . PHE A 1 97  ? 1.513   -0.866  -7.785  1.00 40.11 ? 1890 PHE A CZ  1 
ATOM   801 N  N   . GLU A 1 98  ? 4.573   3.693   -8.545  1.00 41.84 ? 1891 GLU A N   1 
ATOM   802 C  CA  . GLU A 1 98  ? 4.197   3.970   -9.926  1.00 47.34 ? 1891 GLU A CA  1 
ATOM   803 C  C   . GLU A 1 98  ? 5.383   3.752   -10.855 1.00 45.53 ? 1891 GLU A C   1 
ATOM   804 O  O   . GLU A 1 98  ? 5.265   3.081   -11.889 1.00 56.10 ? 1891 GLU A O   1 
ATOM   805 C  CB  . GLU A 1 98  ? 3.646   5.395   -10.053 1.00 45.25 ? 1891 GLU A CB  1 
ATOM   806 C  CG  . GLU A 1 98  ? 2.254   5.589   -9.443  1.00 48.13 ? 1891 GLU A CG  1 
ATOM   807 C  CD  . GLU A 1 98  ? 1.722   7.015   -9.602  1.00 62.41 ? 1891 GLU A CD  1 
ATOM   808 O  OE1 . GLU A 1 98  ? 0.695   7.345   -8.964  1.00 50.52 ? 1891 GLU A OE1 1 
ATOM   809 O  OE2 . GLU A 1 98  ? 2.331   7.807   -10.359 1.00 60.76 ? 1891 GLU A OE2 1 
ATOM   810 N  N   . SER A 1 99  ? 6.556   4.265   -10.467 1.00 48.56 ? 1892 SER A N   1 
ATOM   811 C  CA  . SER A 1 99  ? 7.732   4.136   -11.322 1.00 46.77 ? 1892 SER A CA  1 
ATOM   812 C  C   . SER A 1 99  ? 8.149   2.676   -11.480 1.00 57.41 ? 1892 SER A C   1 
ATOM   813 O  O   . SER A 1 99  ? 8.431   2.226   -12.596 1.00 62.66 ? 1892 SER A O   1 
ATOM   814 C  CB  . SER A 1 99  ? 8.882   4.976   -10.769 1.00 45.65 ? 1892 SER A CB  1 
ATOM   815 O  OG  . SER A 1 99  ? 9.505   4.342   -9.665  1.00 55.17 ? 1892 SER A OG  1 
ATOM   816 N  N   . ARG A 1 100 ? 8.201   1.916   -10.379 1.00 53.86 ? 1893 ARG A N   1 
ATOM   817 C  CA  . ARG A 1 100 ? 8.589   0.509   -10.501 1.00 57.75 ? 1893 ARG A CA  1 
ATOM   818 C  C   . ARG A 1 100 ? 7.569   -0.275  -11.317 1.00 55.97 ? 1893 ARG A C   1 
ATOM   819 O  O   . ARG A 1 100 ? 7.938   -1.087  -12.173 1.00 57.02 ? 1893 ARG A O   1 
ATOM   820 C  CB  . ARG A 1 100 ? 8.767   -0.133  -9.124  1.00 55.42 ? 1893 ARG A CB  1 
ATOM   821 C  CG  . ARG A 1 100 ? 10.118  0.121   -8.468  1.00 54.87 ? 1893 ARG A CG  1 
ATOM   822 C  CD  . ARG A 1 100 ? 11.298  -0.335  -9.337  1.00 65.72 ? 1893 ARG A CD  1 
ATOM   823 N  NE  . ARG A 1 100 ? 11.847  -1.630  -8.936  1.00 66.81 ? 1893 ARG A NE  1 
ATOM   824 C  CZ  . ARG A 1 100 ? 11.952  -2.686  -9.740  1.00 67.66 ? 1893 ARG A CZ  1 
ATOM   825 N  NH1 . ARG A 1 100 ? 11.557  -2.603  -11.004 1.00 65.43 ? 1893 ARG A NH1 1 
ATOM   826 N  NH2 . ARG A 1 100 ? 12.463  -3.820  -9.283  1.00 65.45 ? 1893 ARG A NH2 1 
ATOM   827 N  N   . TRP A 1 101 ? 6.283   -0.041  -11.065 1.00 52.85 ? 1894 TRP A N   1 
ATOM   828 C  CA  . TRP A 1 101 ? 5.237   -0.758  -11.781 1.00 55.66 ? 1894 TRP A CA  1 
ATOM   829 C  C   . TRP A 1 101 ? 5.280   -0.474  -13.275 1.00 61.71 ? 1894 TRP A C   1 
ATOM   830 O  O   . TRP A 1 101 ? 4.934   -1.348  -14.079 1.00 62.72 ? 1894 TRP A O   1 
ATOM   831 C  CB  . TRP A 1 101 ? 3.869   -0.391  -11.206 1.00 45.86 ? 1894 TRP A CB  1 
ATOM   832 C  CG  . TRP A 1 101 ? 2.740   -1.228  -11.728 1.00 54.11 ? 1894 TRP A CG  1 
ATOM   833 C  CD1 . TRP A 1 101 ? 1.878   -0.907  -12.736 1.00 60.94 ? 1894 TRP A CD1 1 
ATOM   834 C  CD2 . TRP A 1 101 ? 2.349   -2.528  -11.266 1.00 53.61 ? 1894 TRP A CD2 1 
ATOM   835 N  NE1 . TRP A 1 101 ? 0.976   -1.924  -12.930 1.00 59.52 ? 1894 TRP A NE1 1 
ATOM   836 C  CE2 . TRP A 1 101 ? 1.245   -2.932  -12.041 1.00 56.63 ? 1894 TRP A CE2 1 
ATOM   837 C  CE3 . TRP A 1 101 ? 2.831   -3.391  -10.275 1.00 58.73 ? 1894 TRP A CE3 1 
ATOM   838 C  CZ2 . TRP A 1 101 ? 0.611   -4.161  -11.855 1.00 58.61 ? 1894 TRP A CZ2 1 
ATOM   839 C  CZ3 . TRP A 1 101 ? 2.199   -4.612  -10.090 1.00 58.20 ? 1894 TRP A CZ3 1 
ATOM   840 C  CH2 . TRP A 1 101 ? 1.100   -4.984  -10.877 1.00 56.39 ? 1894 TRP A CH2 1 
ATOM   841 N  N   . GLU A 1 102 ? 5.699   0.730   -13.674 1.00 62.33 ? 1895 GLU A N   1 
ATOM   842 C  CA  A GLU A 1 102 ? 5.745   1.051   -15.097 0.50 65.46 ? 1895 GLU A CA  1 
ATOM   843 C  CA  B GLU A 1 102 ? 5.726   1.020   -15.101 0.50 65.47 ? 1895 GLU A CA  1 
ATOM   844 C  C   . GLU A 1 102 ? 7.004   0.571   -15.803 1.00 66.50 ? 1895 GLU A C   1 
ATOM   845 O  O   . GLU A 1 102 ? 6.993   0.365   -17.022 1.00 72.14 ? 1895 GLU A O   1 
ATOM   846 C  CB  A GLU A 1 102 ? 5.709   2.565   -15.295 0.50 62.81 ? 1895 GLU A CB  1 
ATOM   847 C  CB  B GLU A 1 102 ? 5.600   2.524   -15.349 0.50 62.83 ? 1895 GLU A CB  1 
ATOM   848 C  CG  A GLU A 1 102 ? 4.298   3.131   -15.411 0.50 64.37 ? 1895 GLU A CG  1 
ATOM   849 C  CG  B GLU A 1 102 ? 6.802   3.368   -14.980 0.50 62.26 ? 1895 GLU A CG  1 
ATOM   850 C  CD  A GLU A 1 102 ? 4.213   4.587   -14.991 0.50 65.49 ? 1895 GLU A CD  1 
ATOM   851 C  CD  B GLU A 1 102 ? 6.550   4.845   -15.210 0.50 65.79 ? 1895 GLU A CD  1 
ATOM   852 O  OE1 A GLU A 1 102 ? 3.121   5.026   -14.570 0.50 60.00 ? 1895 GLU A OE1 1 
ATOM   853 O  OE1 B GLU A 1 102 ? 5.369   5.253   -15.231 0.50 69.36 ? 1895 GLU A OE1 1 
ATOM   854 O  OE2 A GLU A 1 102 ? 5.241   5.292   -15.075 0.50 69.24 ? 1895 GLU A OE2 1 
ATOM   855 O  OE2 B GLU A 1 102 ? 7.532   5.597   -15.378 0.50 61.10 ? 1895 GLU A OE2 1 
ATOM   856 N  N   . GLU A 1 103 ? 8.100   0.379   -15.066 1.00 65.12 ? 1896 GLU A N   1 
ATOM   857 C  CA  . GLU A 1 103 ? 9.331   -0.060  -15.707 1.00 68.83 ? 1896 GLU A CA  1 
ATOM   858 C  C   . GLU A 1 103 ? 9.349   -1.588  -15.717 1.00 75.57 ? 1896 GLU A C   1 
ATOM   859 O  O   . GLU A 1 103 ? 10.419  -2.199  -15.814 1.00 79.56 ? 1896 GLU A O   1 
ATOM   860 C  CB  . GLU A 1 103 ? 10.582  0.504   -15.024 1.00 71.49 ? 1896 GLU A CB  1 
ATOM   861 C  CG  . GLU A 1 103 ? 10.827  0.071   -13.593 1.00 70.88 ? 1896 GLU A CG  1 
ATOM   862 C  CD  . GLU A 1 103 ? 12.148  0.613   -13.061 1.00 75.87 ? 1896 GLU A CD  1 
ATOM   863 O  OE1 . GLU A 1 103 ? 13.177  0.469   -13.759 1.00 84.57 ? 1896 GLU A OE1 1 
ATOM   864 O  OE2 . GLU A 1 103 ? 12.155  1.196   -11.956 1.00 76.49 ? 1896 GLU A OE2 1 
ATOM   865 N  N   . PHE A 1 104 ? 8.189   -2.199  -15.622 1.00 71.75 ? 1897 PHE A N   1 
ATOM   866 C  CA  . PHE A 1 104 ? 7.981   -3.611  -15.914 1.00 78.45 ? 1897 PHE A CA  1 
ATOM   867 C  C   . PHE A 1 104 ? 6.850   -3.825  -16.907 1.00 81.53 ? 1897 PHE A C   1 
ATOM   868 O  O   . PHE A 1 104 ? 6.964   -4.689  -17.781 1.00 83.49 ? 1897 PHE A O   1 
ATOM   869 C  CB  . PHE A 1 104 ? 7.694   -4.400  -14.629 1.00 73.66 ? 1897 PHE A CB  1 
ATOM   870 C  CG  . PHE A 1 104 ? 7.550   -5.887  -14.849 1.00 81.45 ? 1897 PHE A CG  1 
ATOM   871 C  CD1 . PHE A 1 104 ? 8.665   -6.708  -14.916 1.00 81.88 ? 1897 PHE A CD1 1 
ATOM   872 C  CD2 . PHE A 1 104 ? 6.299   -6.462  -14.987 1.00 85.04 ? 1897 PHE A CD2 1 
ATOM   873 C  CE1 . PHE A 1 104 ? 8.531   -8.081  -15.114 1.00 81.47 ? 1897 PHE A CE1 1 
ATOM   874 C  CE2 . PHE A 1 104 ? 6.157   -7.830  -15.185 1.00 88.08 ? 1897 PHE A CE2 1 
ATOM   875 C  CZ  . PHE A 1 104 ? 7.274   -8.639  -15.250 1.00 85.59 ? 1897 PHE A CZ  1 
ATOM   876 N  N   . TYR A 1 105 ? 5.771   -3.055  -16.800 1.00 82.10 ? 1898 TYR A N   1 
ATOM   877 C  CA  . TYR A 1 105 ? 4.659   -3.143  -17.739 1.00 80.65 ? 1898 TYR A CA  1 
ATOM   878 C  C   . TYR A 1 105 ? 4.643   -1.939  -18.674 1.00 74.96 ? 1898 TYR A C   1 
ATOM   879 O  O   . TYR A 1 105 ? 5.553   -1.767  -19.485 1.00 78.20 ? 1898 TYR A O   1 
ATOM   880 C  CB  . TYR A 1 105 ? 3.333   -3.247  -16.990 1.00 74.04 ? 1898 TYR A CB  1 
ATOM   881 C  CG  . TYR A 1 105 ? 3.278   -4.401  -16.016 1.00 80.51 ? 1898 TYR A CG  1 
ATOM   882 C  CD1 . TYR A 1 105 ? 2.989   -5.689  -16.452 1.00 81.08 ? 1898 TYR A CD1 1 
ATOM   883 C  CD2 . TYR A 1 105 ? 3.516   -4.203  -14.662 1.00 73.95 ? 1898 TYR A CD2 1 
ATOM   884 C  CE1 . TYR A 1 105 ? 2.935   -6.752  -15.563 1.00 78.78 ? 1898 TYR A CE1 1 
ATOM   885 C  CE2 . TYR A 1 105 ? 3.463   -5.258  -13.764 1.00 72.56 ? 1898 TYR A CE2 1 
ATOM   886 C  CZ  . TYR A 1 105 ? 3.172   -6.528  -14.220 1.00 75.23 ? 1898 TYR A CZ  1 
ATOM   887 O  OH  . TYR A 1 105 ? 3.128   -7.571  -13.327 1.00 69.19 ? 1898 TYR A OH  1 
HETATM 888 C  C01 . GJ4 B 2 .   ? -0.551  9.149   11.407  1.00 38.90 ? 1901 GJ4 A C01 1 
HETATM 889 C  C02 . GJ4 B 2 .   ? -0.944  7.675   11.629  1.00 42.61 ? 1901 GJ4 A C02 1 
HETATM 890 C  C04 . GJ4 B 2 .   ? 0.317   5.885   10.192  1.00 35.80 ? 1901 GJ4 A C04 1 
HETATM 891 C  C05 . GJ4 B 2 .   ? 1.343   5.556   11.137  1.00 44.05 ? 1901 GJ4 A C05 1 
HETATM 892 C  C06 . GJ4 B 2 .   ? 1.831   4.292   11.252  1.00 40.09 ? 1901 GJ4 A C06 1 
HETATM 893 C  C08 . GJ4 B 2 .   ? 2.837   6.092   12.818  1.00 40.33 ? 1901 GJ4 A C08 1 
HETATM 894 N  N09 . GJ4 B 2 .   ? 3.556   6.930   13.800  1.00 47.66 ? 1901 GJ4 A N09 1 
HETATM 895 C  C10 . GJ4 B 2 .   ? 4.113   6.343   14.976  1.00 50.80 ? 1901 GJ4 A C10 1 
HETATM 896 C  C11 . GJ4 B 2 .   ? 5.282   7.220   15.590  1.00 50.89 ? 1901 GJ4 A C11 1 
HETATM 897 C  C13 . GJ4 B 2 .   ? 3.989   9.026   15.153  1.00 57.01 ? 1901 GJ4 A C13 1 
HETATM 898 C  C14 . GJ4 B 2 .   ? 3.022   8.238   14.186  1.00 53.15 ? 1901 GJ4 A C14 1 
HETATM 899 C  C15 . GJ4 B 2 .   ? 1.674   8.038   14.888  1.00 58.20 ? 1901 GJ4 A C15 1 
HETATM 900 C  C18 . GJ4 B 2 .   ? 0.065   6.534   16.146  1.00 56.86 ? 1901 GJ4 A C18 1 
HETATM 901 C  C21 . GJ4 B 2 .   ? -2.126  3.801   14.465  1.00 43.26 ? 1901 GJ4 A C21 1 
HETATM 902 C  C25 . GJ4 B 2 .   ? -0.882  5.879   8.346   1.00 36.15 ? 1901 GJ4 A C25 1 
HETATM 903 C  C26 . GJ4 B 2 .   ? -1.374  5.522   6.923   1.00 32.96 ? 1901 GJ4 A C26 1 
HETATM 904 C  C27 . GJ4 B 2 .   ? -1.469  6.807   9.195   1.00 36.58 ? 1901 GJ4 A C27 1 
HETATM 905 C  C03 . GJ4 B 2 .   ? -0.700  6.815   10.384  1.00 38.83 ? 1901 GJ4 A C03 1 
HETATM 906 C  C19 . GJ4 B 2 .   ? -1.033  6.069   15.109  1.00 49.98 ? 1901 GJ4 A C19 1 
HETATM 907 C  C20 . GJ4 B 2 .   ? -0.790  4.626   14.609  1.00 46.62 ? 1901 GJ4 A C20 1 
HETATM 908 C  C28 . GJ4 B 2 .   ? -2.728  7.671   8.894   1.00 38.35 ? 1901 GJ4 A C28 1 
HETATM 909 C  C29 . GJ4 B 2 .   ? -3.392  8.466   10.016  1.00 39.44 ? 1901 GJ4 A C29 1 
HETATM 910 N  N12 . GJ4 B 2 .   ? 5.238   8.523   15.160  1.00 54.57 ? 1901 GJ4 A N12 1 
HETATM 911 N  N17 . GJ4 B 2 .   ? 1.342   6.723   15.482  1.00 56.67 ? 1901 GJ4 A N17 1 
HETATM 912 N  N23 . GJ4 B 2 .   ? 1.880   6.502   11.967  1.00 43.53 ? 1901 GJ4 A N23 1 
HETATM 913 N  N24 . GJ4 B 2 .   ? 0.179   5.348   8.968   1.00 39.62 ? 1901 GJ4 A N24 1 
HETATM 914 O  O16 . GJ4 B 2 .   ? 0.863   8.977   14.960  1.00 63.06 ? 1901 GJ4 A O16 1 
HETATM 915 O  O22 . GJ4 B 2 .   ? -1.823  2.578   13.785  1.00 52.08 ? 1901 GJ4 A O22 1 
HETATM 916 O  O30 . GJ4 B 2 .   ? -3.166  7.711   7.808   1.00 36.50 ? 1901 GJ4 A O30 1 
HETATM 917 S  S07 . GJ4 B 2 .   ? 3.070   4.411   12.549  1.00 42.30 ? 1901 GJ4 A S07 1 
HETATM 918 MG MG  . MG  C 3 .   ? 2.704   8.657   -14.137 1.00 62.61 ? 1902 MG  A MG  1 
HETATM 919 O  O   . HOH D 4 .   ? 4.584   -6.685  5.241   1.00 48.48 ? 2001 HOH A O   1 
HETATM 920 O  O   . HOH D 4 .   ? -5.567  2.363   5.301   1.00 39.21 ? 2002 HOH A O   1 
HETATM 921 O  O   . HOH D 4 .   ? -2.025  19.966  -0.420  1.00 39.35 ? 2003 HOH A O   1 
HETATM 922 O  O   . HOH D 4 .   ? -0.560  -8.871  -16.779 1.00 71.18 ? 2004 HOH A O   1 
HETATM 923 O  O   . HOH D 4 .   ? 8.744   -10.722 -1.863  1.00 45.80 ? 2005 HOH A O   1 
HETATM 924 O  O   . HOH D 4 .   ? -5.092  -2.059  6.398   1.00 41.63 ? 2006 HOH A O   1 
HETATM 925 O  O   . HOH D 4 .   ? -0.710  1.987   7.584   1.00 37.50 ? 2007 HOH A O   1 
HETATM 926 O  O   . HOH D 4 .   ? 4.672   7.764   -15.151 1.00 63.85 ? 2008 HOH A O   1 
HETATM 927 O  O   . HOH D 4 .   ? -7.294  0.699   -5.913  1.00 42.20 ? 2009 HOH A O   1 
HETATM 928 O  O   . HOH D 4 .   ? -11.638 -0.824  16.752  1.00 50.61 ? 2010 HOH A O   1 
HETATM 929 O  O   . HOH D 4 .   ? -2.073  2.146   5.188   1.00 37.70 ? 2011 HOH A O   1 
HETATM 930 O  O   . HOH D 4 .   ? 0.605   1.359   10.744  1.00 44.40 ? 2012 HOH A O   1 
HETATM 931 O  O   . HOH D 4 .   ? -2.736  4.616   3.751   1.00 33.65 ? 2013 HOH A O   1 
HETATM 932 O  O   . HOH D 4 .   ? 2.173   6.860   -12.797 1.00 65.85 ? 2014 HOH A O   1 
HETATM 933 O  O   . HOH D 4 .   ? -2.809  6.453   -5.296  1.00 42.52 ? 2015 HOH A O   1 
HETATM 934 O  O   . HOH D 4 .   ? 10.908  -0.249  5.625   1.00 45.43 ? 2016 HOH A O   1 
HETATM 935 O  O   . HOH D 4 .   ? -10.877 3.684   1.370   1.00 38.62 ? 2017 HOH A O   1 
HETATM 936 O  O   . HOH D 4 .   ? -6.779  0.173   9.444   1.00 35.18 ? 2018 HOH A O   1 
HETATM 937 O  O   . HOH D 4 .   ? 0.527   11.049  0.532   1.00 30.89 ? 2019 HOH A O   1 
HETATM 938 O  O   . HOH D 4 .   ? 9.942   7.907   -4.644  1.00 32.16 ? 2020 HOH A O   1 
HETATM 939 O  O   . HOH D 4 .   ? -4.484  6.160   5.314   1.00 35.41 ? 2021 HOH A O   1 
HETATM 940 O  O   . HOH D 4 .   ? 11.979  5.887   -3.917  1.00 47.83 ? 2022 HOH A O   1 
HETATM 941 O  O   . HOH D 4 .   ? -5.900  7.902   -7.336  1.00 58.39 ? 2023 HOH A O   1 
HETATM 942 O  O   . HOH D 4 .   ? 3.012   1.074   9.953   1.00 40.69 ? 2024 HOH A O   1 
HETATM 943 O  O   . HOH D 4 .   ? -6.004  4.578   -7.650  1.00 54.70 ? 2025 HOH A O   1 
HETATM 944 O  O   . HOH D 4 .   ? -7.594  -5.669  -5.113  1.00 46.66 ? 2026 HOH A O   1 
HETATM 945 O  O   . HOH D 4 .   ? -12.496 6.302   2.029   1.00 46.85 ? 2027 HOH A O   1 
HETATM 946 O  O   . HOH D 4 .   ? -1.104  13.344  1.362   1.00 33.85 ? 2028 HOH A O   1 
HETATM 947 O  O   . HOH D 4 .   ? -2.259  15.153  8.265   1.00 37.69 ? 2029 HOH A O   1 
HETATM 948 O  O   . HOH D 4 .   ? -9.979  -2.892  2.180   1.00 45.40 ? 2030 HOH A O   1 
HETATM 949 O  O   . HOH D 4 .   ? -5.685  -0.956  20.346  1.00 43.62 ? 2031 HOH A O   1 
HETATM 950 O  O   . HOH D 4 .   ? -1.388  13.226  9.244   1.00 35.59 ? 2032 HOH A O   1 
HETATM 951 O  O   . HOH D 4 .   ? -10.543 7.112   17.534  1.00 46.43 ? 2033 HOH A O   1 
HETATM 952 O  O   . HOH D 4 .   ? -4.898  0.528   7.523   1.00 34.43 ? 2034 HOH A O   1 
HETATM 953 O  O   . HOH D 4 .   ? -2.924  9.639   -6.443  1.00 33.50 ? 2035 HOH A O   1 
HETATM 954 O  O   . HOH D 4 .   ? 14.912  3.538   0.964   1.00 43.05 ? 2036 HOH A O   1 
HETATM 955 O  O   . HOH D 4 .   ? -11.171 5.906   13.996  1.00 39.26 ? 2037 HOH A O   1 
HETATM 956 O  O   . HOH D 4 .   ? 2.771   15.534  10.554  1.00 47.38 ? 2038 HOH A O   1 
HETATM 957 O  O   . HOH D 4 .   ? -9.419  6.275   -0.748  1.00 49.77 ? 2039 HOH A O   1 
HETATM 958 O  O   . HOH D 4 .   ? 0.538   9.413   -1.812  1.00 35.29 ? 2040 HOH A O   1 
HETATM 959 O  O   . HOH D 4 .   ? -12.873 8.365   16.096  1.00 49.24 ? 2041 HOH A O   1 
HETATM 960 O  O   . HOH D 4 .   ? -7.078  10.208  -2.435  1.00 47.00 ? 2042 HOH A O   1 
HETATM 961 O  O   . HOH D 4 .   ? -18.894 6.956   7.422   1.00 43.29 ? 2043 HOH A O   1 
HETATM 962 O  O   . HOH D 4 .   ? -11.819 2.842   -1.305  1.00 49.33 ? 2044 HOH A O   1 
HETATM 963 O  O   . HOH D 4 .   ? -13.735 7.307   13.241  1.00 41.81 ? 2045 HOH A O   1 
HETATM 964 O  O   . HOH D 4 .   ? -13.712 9.179   1.774   0.50 53.04 ? 2046 HOH A O   1 
HETATM 965 O  O   . HOH D 4 .   ? 1.499   12.872  9.994   1.00 42.94 ? 2047 HOH A O   1 
HETATM 966 O  O   . HOH D 4 .   ? 10.552  10.824  -4.474  1.00 24.00 ? 2048 HOH A O   1 
HETATM 967 O  O   . HOH D 4 .   ? 1.524   7.831   -15.770 1.00 64.31 ? 2049 HOH A O   1 
HETATM 968 O  O   . HOH D 4 .   ? 1.238   10.132  -12.658 1.00 59.38 ? 2050 HOH A O   1 
HETATM 969 O  O   . HOH D 4 .   ? 16.184  1.376   1.569   1.00 53.76 ? 2051 HOH A O   1 
HETATM 970 O  O   . HOH D 4 .   ? -18.053 4.727   7.995   1.00 46.25 ? 2052 HOH A O   1 
HETATM 971 O  O   . HOH D 4 .   ? -0.363  1.435   -11.917 1.00 54.69 ? 2053 HOH A O   1 
HETATM 972 O  O   . HOH D 4 .   ? -16.530 5.874   13.336  1.00 41.33 ? 2054 HOH A O   1 
HETATM 973 O  O   . HOH D 4 .   ? -10.091 4.325   -2.811  1.00 46.75 ? 2055 HOH A O   1 
HETATM 974 O  O   . HOH D 4 .   ? -7.549  -2.556  9.386   1.00 44.34 ? 2056 HOH A O   1 
HETATM 975 O  O   . HOH D 4 .   ? -2.649  0.874   -12.486 1.00 59.39 ? 2057 HOH A O   1 
# 
